data_9FIE
#
_entry.id   9FIE
#
_cell.length_a   82.800
_cell.length_b   83.740
_cell.length_c   103.160
_cell.angle_alpha   98.500
_cell.angle_beta   89.930
_cell.angle_gamma   95.940
#
_symmetry.space_group_name_H-M   'P 1'
#
loop_
_entity.id
_entity.type
_entity.pdbx_description
1 polymer Furin
2 polymer 'Neuroendocrine convertase 1'
3 non-polymer 'CALCIUM ION'
4 non-polymer 'SODIUM ION'
5 non-polymer 2-acetamido-2-deoxy-beta-D-glucopyranose
6 water water
#
loop_
_entity_poly.entity_id
_entity_poly.type
_entity_poly.pdbx_seq_one_letter_code
_entity_poly.pdbx_strand_id
1 'polypeptide(L)'
;DVYQEPTDPKFPQQWYLSGVTQRDLNVKAAWAQGYTGHGIVVSILDDGIEKNHPDLAGNYDPGASFDVNDQDPDPQPRYT
QMNDNRHGTRCAGEVAAVANNGVCGVGVAYNARIGGVRMLDGEVTDAVEARSLGLNPNHIHIYSASWGPEDDGKTVDGPA
RLAEEAFFRGVSQGRGGLGSIFVWASGNGGREHDSCNCDGYTNSIYTLSISSATQFGNVPWYSEACSSTLATTYSSGNQN
EKQIVTTDLRQKCTESHTGTSASAPLAAGIIALTLEANKNLTWRDMQHLVVQTSKPAHLNANDWATNGVGRKVSHSYGYG
LLDAGAMVALAQNWTTVAPQRKCIIDILTEPKDIGKRLEVRKTVTACLGEPNHITRLEHAQARLTLSYNRRGDLAIHLVS
PMGTRSTLLAARPHDYSADGFNDWAFMTTHSWDEDPSGEWVLEIENTSEANNYGTLTKFTLVLYGTASGSLVPRGSHHHH
HH
;
A,C,E,G
2 'polypeptide(L)'
;GKRQFVNEWAAEIPGGPEAASAIAEELGYDLLGQIGSLENHYLFKHKNHPARSAASAFHITKRLSDDDRVIWAEQQYEKE
RSKR
;
B,D,F,H
#
loop_
_chem_comp.id
_chem_comp.type
_chem_comp.name
_chem_comp.formula
CA non-polymer 'CALCIUM ION' 'Ca 2'
NA non-polymer 'SODIUM ION' 'Na 1'
NAG D-saccharide, beta linking 2-acetamido-2-deoxy-beta-D-glucopyranose 'C8 H15 N O6'
#
# COMPACT_ATOMS: atom_id res chain seq x y z
N TYR A 3 -31.05 11.09 -17.45
CA TYR A 3 -29.78 10.63 -16.89
C TYR A 3 -28.68 11.65 -17.13
N GLN A 4 -27.77 11.78 -16.16
CA GLN A 4 -26.64 12.70 -16.25
C GLN A 4 -25.37 11.89 -16.47
N GLU A 5 -24.50 12.39 -17.35
CA GLU A 5 -23.25 11.70 -17.60
C GLU A 5 -22.34 11.84 -16.39
N PRO A 6 -21.41 10.90 -16.21
CA PRO A 6 -20.62 10.87 -14.97
C PRO A 6 -19.94 12.19 -14.66
N THR A 7 -19.82 12.48 -13.37
CA THR A 7 -19.20 13.70 -12.86
C THR A 7 -17.75 13.50 -12.45
N ASP A 8 -17.20 12.31 -12.65
CA ASP A 8 -15.91 11.98 -12.07
C ASP A 8 -14.80 12.85 -12.66
N PRO A 9 -13.79 13.19 -11.87
CA PRO A 9 -12.79 14.16 -12.34
C PRO A 9 -12.05 13.76 -13.60
N LYS A 10 -11.74 12.49 -13.77
CA LYS A 10 -11.00 12.03 -14.94
C LYS A 10 -11.89 11.50 -16.05
N PHE A 11 -13.21 11.57 -15.90
CA PHE A 11 -14.09 11.11 -16.96
C PHE A 11 -13.84 11.83 -18.28
N PRO A 12 -13.65 13.15 -18.31
CA PRO A 12 -13.36 13.81 -19.60
C PRO A 12 -12.14 13.24 -20.30
N GLN A 13 -11.13 12.78 -19.55
CA GLN A 13 -9.95 12.18 -20.14
C GLN A 13 -10.19 10.76 -20.65
N GLN A 14 -11.35 10.18 -20.37
CA GLN A 14 -11.70 8.86 -20.91
C GLN A 14 -12.33 9.07 -22.30
N TRP A 15 -11.48 9.54 -23.21
CA TRP A 15 -11.89 9.88 -24.57
C TRP A 15 -12.62 8.73 -25.25
N TYR A 16 -12.26 7.49 -24.92
CA TYR A 16 -12.84 6.32 -25.55
C TYR A 16 -14.27 6.06 -25.10
N LEU A 17 -14.67 6.59 -23.95
CA LEU A 17 -16.04 6.43 -23.46
C LEU A 17 -16.94 7.53 -24.03
N SER A 18 -16.62 8.79 -23.72
CA SER A 18 -17.33 9.94 -24.23
C SER A 18 -16.35 10.83 -24.98
N GLY A 19 -16.62 11.06 -26.25
CA GLY A 19 -15.84 12.00 -27.03
C GLY A 19 -16.75 12.93 -27.78
N VAL A 20 -16.22 14.12 -28.09
CA VAL A 20 -16.96 15.06 -28.92
C VAL A 20 -16.92 14.66 -30.38
N THR A 21 -16.01 13.78 -30.76
CA THR A 21 -15.59 13.61 -32.15
C THR A 21 -16.11 12.33 -32.80
N GLN A 22 -17.00 11.59 -32.14
CA GLN A 22 -17.58 10.35 -32.65
C GLN A 22 -16.57 9.21 -32.70
N ARG A 23 -15.33 9.42 -32.26
CA ARG A 23 -14.32 8.35 -32.23
C ARG A 23 -14.28 7.72 -30.84
N ASP A 24 -15.41 7.09 -30.47
CA ASP A 24 -15.54 6.46 -29.16
C ASP A 24 -16.37 5.19 -29.30
N LEU A 25 -16.54 4.50 -28.17
CA LEU A 25 -17.23 3.22 -28.13
C LEU A 25 -18.74 3.36 -27.98
N ASN A 26 -19.27 4.57 -28.13
CA ASN A 26 -20.72 4.81 -28.08
C ASN A 26 -21.33 4.28 -26.80
N VAL A 27 -20.58 4.40 -25.70
CA VAL A 27 -21.04 3.89 -24.41
C VAL A 27 -22.10 4.81 -23.80
N LYS A 28 -21.94 6.12 -23.98
CA LYS A 28 -22.91 7.07 -23.45
C LYS A 28 -24.33 6.69 -23.87
N ALA A 29 -24.52 6.32 -25.13
CA ALA A 29 -25.84 5.94 -25.61
C ALA A 29 -26.37 4.73 -24.87
N ALA A 30 -25.49 3.83 -24.41
CA ALA A 30 -25.94 2.70 -23.62
C ALA A 30 -26.39 3.15 -22.24
N TRP A 31 -25.59 3.96 -21.56
CA TRP A 31 -25.99 4.53 -20.29
C TRP A 31 -27.33 5.24 -20.41
N ALA A 32 -27.47 6.08 -21.44
CA ALA A 32 -28.69 6.88 -21.59
C ALA A 32 -29.91 5.98 -21.81
N GLN A 33 -29.73 4.82 -22.42
CA GLN A 33 -30.83 3.85 -22.51
C GLN A 33 -31.14 3.21 -21.17
N GLY A 34 -30.30 3.42 -20.16
CA GLY A 34 -30.55 2.91 -18.82
C GLY A 34 -29.71 1.71 -18.43
N TYR A 35 -28.70 1.34 -19.19
CA TYR A 35 -27.89 0.16 -18.93
C TYR A 35 -26.52 0.58 -18.42
N THR A 36 -26.23 0.22 -17.17
CA THR A 36 -24.96 0.53 -16.51
C THR A 36 -24.28 -0.71 -15.96
N GLY A 37 -24.82 -1.90 -16.22
CA GLY A 37 -24.26 -3.13 -15.72
C GLY A 37 -24.88 -3.65 -14.45
N HIS A 38 -26.02 -3.08 -14.02
CA HIS A 38 -26.66 -3.53 -12.79
C HIS A 38 -27.02 -4.99 -12.86
N GLY A 39 -26.66 -5.74 -11.81
CA GLY A 39 -26.95 -7.15 -11.72
C GLY A 39 -25.98 -8.06 -12.42
N ILE A 40 -24.94 -7.53 -13.06
CA ILE A 40 -23.97 -8.32 -13.82
C ILE A 40 -22.69 -8.42 -13.02
N VAL A 41 -22.06 -9.60 -13.07
CA VAL A 41 -20.86 -9.91 -12.29
C VAL A 41 -19.73 -10.21 -13.27
N VAL A 42 -18.62 -9.50 -13.12
CA VAL A 42 -17.43 -9.67 -13.95
C VAL A 42 -16.26 -9.98 -13.03
N SER A 43 -15.35 -10.82 -13.51
CA SER A 43 -14.16 -11.18 -12.74
C SER A 43 -12.92 -11.05 -13.62
N ILE A 44 -11.87 -10.44 -13.06
CA ILE A 44 -10.61 -10.24 -13.75
C ILE A 44 -9.65 -11.36 -13.33
N LEU A 45 -9.25 -12.20 -14.28
CA LEU A 45 -8.27 -13.26 -14.03
C LEU A 45 -6.89 -12.68 -14.31
N ASP A 46 -6.13 -12.39 -13.24
CA ASP A 46 -4.89 -11.64 -13.40
C ASP A 46 -4.01 -11.78 -12.16
N ASP A 47 -3.37 -10.69 -11.74
CA ASP A 47 -2.41 -10.71 -10.63
C ASP A 47 -3.03 -10.22 -9.32
N GLY A 48 -4.35 -10.15 -9.25
CA GLY A 48 -5.04 -9.65 -8.08
C GLY A 48 -5.85 -8.40 -8.39
N ILE A 49 -6.66 -8.02 -7.41
CA ILE A 49 -7.51 -6.83 -7.49
C ILE A 49 -7.47 -6.12 -6.14
N GLU A 50 -7.11 -4.84 -6.15
CA GLU A 50 -7.09 -4.02 -4.94
C GLU A 50 -8.52 -3.73 -4.51
N LYS A 51 -9.12 -4.65 -3.75
CA LYS A 51 -10.55 -4.58 -3.49
C LYS A 51 -10.93 -3.35 -2.67
N ASN A 52 -9.99 -2.76 -1.94
CA ASN A 52 -10.28 -1.58 -1.14
C ASN A 52 -9.98 -0.27 -1.87
N HIS A 53 -9.69 -0.34 -3.18
CA HIS A 53 -9.46 0.88 -3.93
C HIS A 53 -10.71 1.76 -3.86
N PRO A 54 -10.56 3.07 -3.63
CA PRO A 54 -11.76 3.93 -3.50
C PRO A 54 -12.73 3.84 -4.67
N ASP A 55 -12.27 3.49 -5.88
CA ASP A 55 -13.14 3.42 -7.03
C ASP A 55 -13.59 2.00 -7.35
N LEU A 56 -13.15 1.00 -6.58
CA LEU A 56 -13.57 -0.37 -6.75
C LEU A 56 -14.40 -0.91 -5.58
N ALA A 57 -14.17 -0.39 -4.37
CA ALA A 57 -14.73 -1.02 -3.18
C ALA A 57 -16.26 -1.10 -3.26
N GLY A 58 -16.91 -0.02 -3.73
CA GLY A 58 -18.36 -0.01 -3.79
C GLY A 58 -18.95 -1.05 -4.71
N ASN A 59 -18.16 -1.57 -5.65
CA ASN A 59 -18.61 -2.57 -6.58
C ASN A 59 -17.94 -3.92 -6.38
N TYR A 60 -17.09 -4.05 -5.36
CA TYR A 60 -16.32 -5.29 -5.20
C TYR A 60 -17.23 -6.41 -4.73
N ASP A 61 -16.96 -7.62 -5.25
CA ASP A 61 -17.79 -8.79 -4.99
C ASP A 61 -16.88 -9.95 -4.59
N PRO A 62 -16.83 -10.30 -3.30
CA PRO A 62 -16.00 -11.45 -2.90
C PRO A 62 -16.48 -12.77 -3.48
N GLY A 63 -17.77 -12.88 -3.81
CA GLY A 63 -18.28 -14.07 -4.48
C GLY A 63 -17.74 -14.27 -5.87
N ALA A 64 -17.09 -13.27 -6.45
CA ALA A 64 -16.50 -13.35 -7.78
C ALA A 64 -14.99 -13.36 -7.73
N SER A 65 -14.41 -13.73 -6.59
CA SER A 65 -12.98 -13.57 -6.36
C SER A 65 -12.42 -14.80 -5.66
N PHE A 66 -11.11 -14.99 -5.81
CA PHE A 66 -10.38 -16.03 -5.11
C PHE A 66 -8.90 -15.84 -5.41
N ASP A 67 -8.06 -16.37 -4.51
CA ASP A 67 -6.59 -16.32 -4.67
C ASP A 67 -6.11 -17.74 -4.94
N VAL A 68 -5.91 -18.06 -6.22
CA VAL A 68 -5.44 -19.38 -6.58
C VAL A 68 -3.95 -19.52 -6.27
N ASN A 69 -3.19 -18.43 -6.35
CA ASN A 69 -1.74 -18.53 -6.15
C ASN A 69 -1.41 -18.93 -4.72
N ASP A 70 -2.04 -18.29 -3.73
CA ASP A 70 -1.79 -18.58 -2.32
C ASP A 70 -2.90 -19.38 -1.66
N GLN A 71 -3.93 -19.79 -2.40
CA GLN A 71 -4.99 -20.64 -1.88
C GLN A 71 -5.68 -19.99 -0.68
N ASP A 72 -6.30 -18.84 -0.94
CA ASP A 72 -7.13 -18.19 0.06
C ASP A 72 -8.20 -17.38 -0.68
N PRO A 73 -9.23 -16.93 0.03
CA PRO A 73 -10.34 -16.23 -0.64
C PRO A 73 -10.03 -14.79 -1.01
N ASP A 74 -8.88 -14.24 -0.60
CA ASP A 74 -8.63 -12.81 -0.71
C ASP A 74 -7.68 -12.53 -1.87
N PRO A 75 -8.16 -11.91 -2.97
CA PRO A 75 -7.29 -11.72 -4.15
C PRO A 75 -6.44 -10.47 -4.10
N GLN A 76 -6.16 -9.97 -2.90
CA GLN A 76 -5.44 -8.71 -2.78
C GLN A 76 -4.09 -8.81 -3.48
N PRO A 77 -3.68 -7.79 -4.23
CA PRO A 77 -2.38 -7.86 -4.90
C PRO A 77 -1.23 -7.87 -3.90
N ARG A 78 -0.13 -8.50 -4.30
CA ARG A 78 1.10 -8.47 -3.52
C ARG A 78 1.84 -7.17 -3.81
N TYR A 79 2.00 -6.34 -2.79
CA TYR A 79 2.66 -5.05 -2.96
C TYR A 79 4.16 -5.23 -3.02
N THR A 80 4.78 -4.61 -4.02
CA THR A 80 6.22 -4.64 -4.18
C THR A 80 6.71 -3.24 -4.51
N GLN A 81 8.01 -3.03 -4.32
CA GLN A 81 8.62 -1.75 -4.60
C GLN A 81 8.30 -1.27 -6.01
N MET A 82 8.28 -2.19 -6.97
CA MET A 82 8.11 -1.84 -8.38
C MET A 82 6.66 -1.98 -8.86
N ASN A 83 5.72 -2.28 -7.96
CA ASN A 83 4.31 -2.35 -8.31
C ASN A 83 4.06 -3.37 -9.42
N ASP A 84 4.71 -4.53 -9.30
CA ASP A 84 4.57 -5.56 -10.32
C ASP A 84 3.13 -6.02 -10.48
N ASN A 85 2.35 -6.01 -9.40
CA ASN A 85 1.02 -6.63 -9.39
C ASN A 85 -0.10 -5.61 -9.48
N ARG A 86 0.10 -4.54 -10.26
CA ARG A 86 -0.90 -3.51 -10.49
C ARG A 86 -1.87 -3.86 -11.61
N HIS A 87 -1.58 -4.91 -12.38
CA HIS A 87 -2.22 -5.09 -13.68
C HIS A 87 -3.71 -5.38 -13.55
N GLY A 88 -4.07 -6.30 -12.66
CA GLY A 88 -5.48 -6.66 -12.52
C GLY A 88 -6.34 -5.53 -11.99
N THR A 89 -5.75 -4.65 -11.17
CA THR A 89 -6.50 -3.50 -10.66
C THR A 89 -6.77 -2.50 -11.79
N ARG A 90 -5.80 -2.33 -12.69
CA ARG A 90 -6.03 -1.46 -13.84
C ARG A 90 -7.14 -2.00 -14.73
N CYS A 91 -7.16 -3.32 -14.94
CA CYS A 91 -8.21 -3.91 -15.77
C CYS A 91 -9.57 -3.84 -15.07
N ALA A 92 -9.62 -4.09 -13.77
CA ALA A 92 -10.89 -4.05 -13.06
C ALA A 92 -11.53 -2.67 -13.14
N GLY A 93 -10.72 -1.62 -13.08
CA GLY A 93 -11.26 -0.27 -13.13
C GLY A 93 -11.91 0.07 -14.47
N GLU A 94 -11.37 -0.46 -15.57
CA GLU A 94 -11.98 -0.18 -16.86
C GLU A 94 -13.39 -0.76 -16.94
N VAL A 95 -13.62 -1.89 -16.29
CA VAL A 95 -14.91 -2.54 -16.35
C VAL A 95 -15.91 -1.85 -15.43
N ALA A 96 -15.53 -1.60 -14.17
CA ALA A 96 -16.53 -1.31 -13.14
C ALA A 96 -16.05 -0.32 -12.09
N ALA A 97 -15.15 0.59 -12.43
CA ALA A 97 -14.82 1.67 -11.52
C ALA A 97 -16.08 2.48 -11.21
N VAL A 98 -16.24 2.86 -9.94
CA VAL A 98 -17.48 3.49 -9.49
C VAL A 98 -17.62 4.87 -10.11
N ALA A 99 -18.86 5.25 -10.40
CA ALA A 99 -19.18 6.52 -11.04
C ALA A 99 -19.73 7.52 -10.03
N ASN A 100 -19.52 8.80 -10.32
CA ASN A 100 -20.15 9.90 -9.59
C ASN A 100 -19.70 9.94 -8.13
N ASN A 101 -18.43 9.62 -7.89
CA ASN A 101 -17.90 9.56 -6.53
C ASN A 101 -16.64 10.41 -6.35
N GLY A 102 -16.32 11.29 -7.30
CA GLY A 102 -15.20 12.19 -7.14
C GLY A 102 -13.84 11.54 -7.21
N VAL A 103 -13.75 10.31 -7.71
CA VAL A 103 -12.50 9.56 -7.72
C VAL A 103 -12.23 9.07 -9.14
N CYS A 104 -11.07 9.42 -9.68
N CYS A 104 -11.04 9.36 -9.66
CA CYS A 104 -10.54 8.90 -10.95
CA CYS A 104 -10.53 8.86 -10.95
C CYS A 104 -11.64 9.03 -12.02
C CYS A 104 -11.65 9.00 -11.99
N GLY A 105 -11.94 7.97 -12.79
CA GLY A 105 -12.96 8.04 -13.81
C GLY A 105 -14.09 7.06 -13.53
N VAL A 106 -14.59 6.39 -14.57
CA VAL A 106 -15.68 5.43 -14.43
C VAL A 106 -15.37 4.18 -15.23
N GLY A 107 -15.98 3.07 -14.81
CA GLY A 107 -15.99 1.88 -15.62
C GLY A 107 -17.09 1.93 -16.66
N VAL A 108 -16.92 1.12 -17.71
CA VAL A 108 -17.96 1.00 -18.72
C VAL A 108 -19.27 0.54 -18.08
N ALA A 109 -19.19 -0.47 -17.23
CA ALA A 109 -20.34 -1.00 -16.50
C ALA A 109 -20.22 -0.59 -15.04
N TYR A 110 -20.34 0.72 -14.79
CA TYR A 110 -20.00 1.25 -13.47
C TYR A 110 -20.98 0.86 -12.37
N ASN A 111 -22.06 0.16 -12.70
CA ASN A 111 -22.94 -0.41 -11.67
C ASN A 111 -22.83 -1.92 -11.57
N ALA A 112 -21.88 -2.53 -12.28
CA ALA A 112 -21.67 -3.96 -12.20
C ALA A 112 -20.87 -4.30 -10.95
N ARG A 113 -20.94 -5.57 -10.56
CA ARG A 113 -20.09 -6.10 -9.51
C ARG A 113 -18.84 -6.68 -10.13
N ILE A 114 -17.69 -6.43 -9.50
CA ILE A 114 -16.38 -6.74 -10.07
C ILE A 114 -15.59 -7.56 -9.07
N GLY A 115 -14.93 -8.61 -9.57
CA GLY A 115 -14.08 -9.45 -8.75
C GLY A 115 -12.74 -9.69 -9.42
N GLY A 116 -11.89 -10.41 -8.70
CA GLY A 116 -10.58 -10.75 -9.21
C GLY A 116 -10.15 -12.12 -8.78
N VAL A 117 -9.61 -12.89 -9.71
CA VAL A 117 -8.92 -14.14 -9.40
C VAL A 117 -7.43 -13.87 -9.49
N ARG A 118 -6.75 -13.97 -8.35
CA ARG A 118 -5.29 -13.83 -8.30
C ARG A 118 -4.71 -15.17 -8.74
N MET A 119 -4.23 -15.24 -9.98
CA MET A 119 -3.71 -16.49 -10.51
C MET A 119 -2.45 -16.35 -11.34
N LEU A 120 -1.95 -15.14 -11.60
CA LEU A 120 -0.72 -14.96 -12.36
C LEU A 120 0.51 -14.73 -11.49
N ASP A 121 0.33 -14.32 -10.23
CA ASP A 121 1.47 -14.02 -9.36
C ASP A 121 1.94 -15.29 -8.64
N GLY A 122 2.35 -16.25 -9.44
CA GLY A 122 2.81 -17.52 -8.93
C GLY A 122 3.11 -18.47 -10.07
N GLU A 123 3.25 -19.74 -9.72
CA GLU A 123 3.46 -20.78 -10.73
C GLU A 123 2.13 -21.10 -11.39
N VAL A 124 2.03 -20.84 -12.70
CA VAL A 124 0.80 -21.06 -13.45
C VAL A 124 0.87 -22.43 -14.12
N THR A 125 -0.03 -23.31 -13.73
CA THR A 125 -0.16 -24.65 -14.28
C THR A 125 -1.50 -24.77 -14.99
N ASP A 126 -1.66 -25.86 -15.73
CA ASP A 126 -2.95 -26.15 -16.35
C ASP A 126 -4.07 -26.13 -15.31
N ALA A 127 -3.81 -26.68 -14.12
CA ALA A 127 -4.82 -26.71 -13.08
C ALA A 127 -5.15 -25.29 -12.59
N VAL A 128 -4.12 -24.46 -12.40
CA VAL A 128 -4.35 -23.07 -12.00
C VAL A 128 -5.31 -22.39 -12.96
N GLU A 129 -5.06 -22.51 -14.27
CA GLU A 129 -5.91 -21.85 -15.25
C GLU A 129 -7.34 -22.37 -15.20
N ALA A 130 -7.50 -23.70 -15.11
CA ALA A 130 -8.84 -24.28 -15.09
C ALA A 130 -9.62 -23.86 -13.85
N ARG A 131 -8.94 -23.76 -12.71
CA ARG A 131 -9.62 -23.32 -11.49
C ARG A 131 -10.07 -21.88 -11.62
N SER A 132 -9.27 -21.03 -12.29
CA SER A 132 -9.65 -19.64 -12.46
C SER A 132 -10.80 -19.49 -13.46
N LEU A 133 -10.72 -20.19 -14.58
CA LEU A 133 -11.74 -20.07 -15.61
C LEU A 133 -13.07 -20.64 -15.15
N GLY A 134 -13.06 -21.57 -14.19
CA GLY A 134 -14.29 -22.18 -13.73
C GLY A 134 -14.75 -21.76 -12.33
N LEU A 135 -14.32 -20.59 -11.86
CA LEU A 135 -14.73 -20.13 -10.54
C LEU A 135 -16.18 -19.67 -10.56
N ASN A 136 -17.00 -20.24 -9.68
CA ASN A 136 -18.37 -19.79 -9.42
C ASN A 136 -19.11 -19.51 -10.73
N PRO A 137 -19.22 -20.49 -11.62
CA PRO A 137 -19.71 -20.21 -12.97
C PRO A 137 -21.20 -19.92 -13.05
N ASN A 138 -21.94 -20.07 -11.95
CA ASN A 138 -23.33 -19.64 -11.88
C ASN A 138 -23.50 -18.32 -11.16
N HIS A 139 -22.41 -17.72 -10.69
CA HIS A 139 -22.42 -16.37 -10.14
C HIS A 139 -21.70 -15.37 -11.04
N ILE A 140 -20.47 -15.68 -11.44
CA ILE A 140 -19.75 -14.84 -12.39
C ILE A 140 -20.34 -15.03 -13.78
N HIS A 141 -20.67 -13.92 -14.44
CA HIS A 141 -21.20 -13.96 -15.79
C HIS A 141 -20.10 -13.82 -16.84
N ILE A 142 -19.12 -12.96 -16.60
CA ILE A 142 -18.12 -12.59 -17.60
C ILE A 142 -16.73 -12.69 -16.97
N TYR A 143 -15.83 -13.38 -17.66
CA TYR A 143 -14.43 -13.49 -17.25
C TYR A 143 -13.56 -12.74 -18.25
N SER A 144 -12.67 -11.88 -17.73
CA SER A 144 -11.80 -11.07 -18.57
C SER A 144 -10.36 -11.47 -18.29
N ALA A 145 -9.63 -11.82 -19.34
CA ALA A 145 -8.26 -12.31 -19.22
C ALA A 145 -7.38 -11.61 -20.24
N SER A 146 -6.33 -10.95 -19.78
N SER A 146 -6.36 -10.92 -19.75
CA SER A 146 -5.41 -10.28 -20.68
CA SER A 146 -5.40 -10.22 -20.59
C SER A 146 -4.20 -11.14 -21.05
C SER A 146 -4.03 -10.86 -20.44
N TRP A 147 -3.96 -12.22 -20.32
N TRP A 147 -3.97 -12.19 -20.59
CA TRP A 147 -2.70 -12.94 -20.40
CA TRP A 147 -2.73 -12.92 -20.45
C TRP A 147 -2.76 -14.06 -21.44
C TRP A 147 -2.77 -14.12 -21.39
N GLY A 148 -1.59 -14.62 -21.74
CA GLY A 148 -1.49 -15.73 -22.66
C GLY A 148 -0.05 -16.15 -22.89
N PRO A 149 0.15 -17.02 -23.88
CA PRO A 149 1.52 -17.47 -24.20
C PRO A 149 2.41 -16.30 -24.59
N GLU A 150 3.72 -16.51 -24.38
CA GLU A 150 4.72 -15.50 -24.68
C GLU A 150 4.53 -14.93 -26.08
N ASP A 151 4.49 -13.60 -26.18
CA ASP A 151 4.31 -12.90 -27.45
C ASP A 151 5.63 -12.67 -28.18
N ASP A 152 6.51 -13.66 -28.23
CA ASP A 152 7.83 -13.48 -28.82
C ASP A 152 7.87 -13.77 -30.32
N GLY A 153 6.76 -14.19 -30.91
CA GLY A 153 6.76 -14.55 -32.32
C GLY A 153 7.37 -15.89 -32.62
N LYS A 154 7.73 -16.67 -31.59
CA LYS A 154 8.28 -18.02 -31.75
C LYS A 154 7.36 -19.10 -31.21
N THR A 155 6.34 -18.74 -30.46
CA THR A 155 5.64 -19.67 -29.57
C THR A 155 4.34 -20.15 -30.20
N VAL A 156 4.06 -21.44 -30.01
CA VAL A 156 2.76 -22.03 -30.34
C VAL A 156 2.29 -22.75 -29.08
N ASP A 157 1.21 -22.27 -28.47
CA ASP A 157 0.77 -22.78 -27.19
C ASP A 157 -0.68 -22.34 -26.97
N GLY A 158 -1.46 -23.21 -26.35
CA GLY A 158 -2.83 -22.92 -26.02
C GLY A 158 -3.22 -23.57 -24.71
N PRO A 159 -4.50 -23.53 -24.37
CA PRO A 159 -4.94 -24.21 -23.14
C PRO A 159 -4.65 -25.70 -23.20
N ALA A 160 -4.16 -26.23 -22.09
CA ALA A 160 -3.98 -27.68 -21.96
C ALA A 160 -5.33 -28.30 -21.60
N ARG A 161 -5.31 -29.56 -21.18
CA ARG A 161 -6.55 -30.33 -21.12
C ARG A 161 -7.52 -29.81 -20.08
N LEU A 162 -7.02 -29.42 -18.90
CA LEU A 162 -7.91 -28.93 -17.86
C LEU A 162 -8.51 -27.58 -18.25
N ALA A 163 -7.67 -26.66 -18.73
CA ALA A 163 -8.17 -25.37 -19.17
C ALA A 163 -9.18 -25.54 -20.31
N GLU A 164 -8.84 -26.37 -21.30
CA GLU A 164 -9.77 -26.62 -22.40
C GLU A 164 -11.10 -27.15 -21.88
N GLU A 165 -11.06 -28.03 -20.87
CA GLU A 165 -12.30 -28.54 -20.30
C GLU A 165 -13.05 -27.45 -19.55
N ALA A 166 -12.32 -26.58 -18.84
CA ALA A 166 -12.99 -25.50 -18.13
C ALA A 166 -13.69 -24.56 -19.10
N PHE A 167 -13.06 -24.28 -20.24
CA PHE A 167 -13.73 -23.48 -21.27
C PHE A 167 -15.03 -24.12 -21.70
N PHE A 168 -14.99 -25.42 -22.02
CA PHE A 168 -16.17 -26.06 -22.57
C PHE A 168 -17.26 -26.21 -21.52
N ARG A 169 -16.91 -26.62 -20.30
CA ARG A 169 -17.93 -26.68 -19.25
C ARG A 169 -18.48 -25.28 -18.98
N GLY A 170 -17.62 -24.26 -19.05
CA GLY A 170 -18.09 -22.90 -18.86
C GLY A 170 -19.19 -22.51 -19.84
N VAL A 171 -18.94 -22.72 -21.14
CA VAL A 171 -19.91 -22.25 -22.13
C VAL A 171 -21.14 -23.15 -22.17
N SER A 172 -21.00 -24.43 -21.84
CA SER A 172 -22.13 -25.35 -21.93
C SER A 172 -23.00 -25.34 -20.68
N GLN A 173 -22.39 -25.22 -19.49
CA GLN A 173 -23.13 -25.29 -18.24
C GLN A 173 -23.13 -24.00 -17.42
N GLY A 174 -22.20 -23.09 -17.67
CA GLY A 174 -22.16 -21.85 -16.90
C GLY A 174 -23.40 -21.01 -17.13
N ARG A 175 -23.62 -20.07 -16.21
CA ARG A 175 -24.76 -19.16 -16.28
C ARG A 175 -26.06 -19.93 -16.48
N GLY A 176 -26.23 -20.98 -15.68
CA GLY A 176 -27.43 -21.78 -15.76
C GLY A 176 -27.67 -22.41 -17.10
N GLY A 177 -26.60 -22.66 -17.87
CA GLY A 177 -26.71 -23.26 -19.18
C GLY A 177 -26.59 -22.29 -20.35
N LEU A 178 -26.66 -20.98 -20.09
CA LEU A 178 -26.51 -20.02 -21.18
C LEU A 178 -25.06 -19.84 -21.59
N GLY A 179 -24.11 -20.09 -20.67
CA GLY A 179 -22.70 -20.09 -21.02
C GLY A 179 -21.90 -18.93 -20.48
N SER A 180 -20.80 -19.23 -19.80
CA SER A 180 -19.87 -18.19 -19.38
C SER A 180 -19.36 -17.41 -20.58
N ILE A 181 -19.19 -16.10 -20.39
N ILE A 181 -19.16 -16.11 -20.38
CA ILE A 181 -18.64 -15.22 -21.41
CA ILE A 181 -18.64 -15.24 -21.44
C ILE A 181 -17.17 -15.02 -21.07
C ILE A 181 -17.18 -14.95 -21.12
N PHE A 182 -16.28 -15.51 -21.93
CA PHE A 182 -14.85 -15.33 -21.77
C PHE A 182 -14.38 -14.26 -22.76
N VAL A 183 -13.84 -13.16 -22.24
CA VAL A 183 -13.32 -12.06 -23.05
C VAL A 183 -11.80 -12.08 -22.94
N TRP A 184 -11.12 -12.10 -24.10
CA TRP A 184 -9.69 -12.30 -24.14
C TRP A 184 -9.01 -11.23 -24.98
N ALA A 185 -7.77 -10.89 -24.61
CA ALA A 185 -6.95 -9.94 -25.34
C ALA A 185 -6.10 -10.68 -26.37
N SER A 186 -6.01 -10.11 -27.57
CA SER A 186 -5.44 -10.85 -28.70
C SER A 186 -3.91 -10.92 -28.67
N GLY A 187 -3.23 -10.04 -27.94
CA GLY A 187 -1.78 -10.14 -27.82
C GLY A 187 -1.01 -8.86 -28.08
N ASN A 188 0.25 -8.81 -27.62
CA ASN A 188 1.10 -7.62 -27.77
C ASN A 188 2.36 -7.92 -28.57
N GLY A 189 2.35 -8.93 -29.42
CA GLY A 189 3.55 -9.33 -30.14
C GLY A 189 3.75 -8.70 -31.50
N GLY A 190 3.12 -7.55 -31.75
CA GLY A 190 3.22 -6.94 -33.06
C GLY A 190 4.65 -6.65 -33.47
N ARG A 191 5.47 -6.16 -32.52
CA ARG A 191 6.87 -5.85 -32.83
C ARG A 191 7.63 -7.10 -33.23
N GLU A 192 7.24 -8.27 -32.74
CA GLU A 192 7.86 -9.53 -33.10
C GLU A 192 7.15 -10.22 -34.26
N HIS A 193 6.20 -9.53 -34.90
CA HIS A 193 5.43 -10.09 -36.01
C HIS A 193 4.70 -11.37 -35.58
N ASP A 194 4.26 -11.39 -34.33
CA ASP A 194 3.52 -12.54 -33.81
C ASP A 194 2.15 -12.63 -34.48
N SER A 195 1.61 -13.85 -34.51
CA SER A 195 0.30 -14.13 -35.07
C SER A 195 -0.58 -14.73 -33.97
N CYS A 196 -1.71 -14.08 -33.69
CA CYS A 196 -2.51 -14.53 -32.56
C CYS A 196 -3.24 -15.85 -32.82
N ASN A 197 -3.18 -16.40 -34.02
CA ASN A 197 -3.69 -17.76 -34.21
C ASN A 197 -2.77 -18.81 -33.60
N CYS A 198 -1.53 -18.45 -33.31
CA CYS A 198 -0.60 -19.31 -32.60
C CYS A 198 -0.79 -19.26 -31.10
N ASP A 199 -1.86 -18.62 -30.65
CA ASP A 199 -2.21 -18.45 -29.23
C ASP A 199 -3.57 -19.12 -29.06
N GLY A 200 -3.58 -20.30 -28.46
CA GLY A 200 -4.81 -21.09 -28.39
C GLY A 200 -5.87 -20.51 -27.47
N TYR A 201 -5.53 -19.54 -26.63
CA TYR A 201 -6.56 -18.90 -25.81
C TYR A 201 -7.37 -17.91 -26.63
N THR A 202 -6.70 -16.99 -27.32
N THR A 202 -6.70 -17.02 -27.35
CA THR A 202 -7.41 -16.08 -28.21
CA THR A 202 -7.42 -16.07 -28.20
C THR A 202 -8.04 -16.83 -29.37
C THR A 202 -7.98 -16.74 -29.45
N ASN A 203 -7.34 -17.83 -29.90
CA ASN A 203 -7.79 -18.55 -31.08
C ASN A 203 -9.00 -19.45 -30.80
N SER A 204 -9.38 -19.62 -29.54
CA SER A 204 -10.48 -20.50 -29.18
C SER A 204 -11.83 -19.90 -29.56
N ILE A 205 -12.77 -20.77 -29.94
CA ILE A 205 -14.12 -20.33 -30.24
C ILE A 205 -14.86 -19.89 -28.98
N TYR A 206 -14.42 -20.37 -27.81
CA TYR A 206 -15.11 -20.08 -26.56
C TYR A 206 -14.78 -18.70 -26.01
N THR A 207 -13.78 -18.03 -26.56
CA THR A 207 -13.35 -16.72 -26.08
C THR A 207 -13.71 -15.65 -27.10
N LEU A 208 -14.16 -14.51 -26.60
CA LEU A 208 -14.42 -13.33 -27.42
C LEU A 208 -13.11 -12.54 -27.47
N SER A 209 -12.37 -12.68 -28.57
N SER A 209 -12.37 -12.68 -28.57
CA SER A 209 -11.02 -12.15 -28.68
CA SER A 209 -11.03 -12.15 -28.67
C SER A 209 -11.06 -10.72 -29.21
C SER A 209 -11.05 -10.72 -29.21
N ILE A 210 -10.38 -9.81 -28.50
CA ILE A 210 -10.45 -8.38 -28.75
C ILE A 210 -9.07 -7.84 -29.09
N SER A 211 -8.98 -7.05 -30.15
CA SER A 211 -7.76 -6.36 -30.56
C SER A 211 -7.87 -4.88 -30.22
N SER A 212 -6.81 -4.13 -30.52
CA SER A 212 -6.68 -2.74 -30.13
C SER A 212 -6.63 -1.81 -31.34
N ALA A 213 -7.07 -0.57 -31.12
CA ALA A 213 -6.93 0.53 -32.06
C ALA A 213 -6.44 1.75 -31.32
N THR A 214 -5.55 2.51 -31.95
CA THR A 214 -5.05 3.74 -31.37
C THR A 214 -6.11 4.84 -31.48
N GLN A 215 -5.90 5.91 -30.71
CA GLN A 215 -6.87 7.01 -30.69
C GLN A 215 -7.15 7.54 -32.10
N PHE A 216 -6.10 7.75 -32.89
CA PHE A 216 -6.29 8.24 -34.24
C PHE A 216 -6.75 7.16 -35.21
N GLY A 217 -7.08 5.97 -34.72
CA GLY A 217 -7.73 4.96 -35.54
C GLY A 217 -6.80 4.04 -36.29
N ASN A 218 -5.59 3.83 -35.80
CA ASN A 218 -4.58 3.05 -36.50
C ASN A 218 -4.24 1.78 -35.74
N VAL A 219 -3.51 0.90 -36.42
CA VAL A 219 -3.05 -0.37 -35.86
C VAL A 219 -1.84 -0.11 -34.98
N PRO A 220 -1.94 -0.30 -33.66
CA PRO A 220 -0.78 -0.02 -32.79
C PRO A 220 0.42 -0.88 -33.14
N TRP A 221 1.59 -0.42 -32.69
CA TRP A 221 2.83 -1.15 -32.96
C TRP A 221 2.78 -2.57 -32.39
N TYR A 222 2.14 -2.74 -31.22
CA TYR A 222 2.13 -4.03 -30.54
C TYR A 222 1.07 -4.99 -31.06
N SER A 223 0.24 -4.56 -32.00
CA SER A 223 -0.91 -5.35 -32.43
C SER A 223 -0.48 -6.61 -33.17
N GLU A 224 -1.24 -7.69 -32.96
CA GLU A 224 -1.07 -8.95 -33.66
C GLU A 224 -2.28 -9.15 -34.58
N ALA A 225 -2.02 -9.54 -35.83
CA ALA A 225 -3.08 -9.85 -36.78
C ALA A 225 -3.35 -11.36 -36.78
N CYS A 226 -4.62 -11.71 -36.92
CA CYS A 226 -5.01 -13.11 -37.12
C CYS A 226 -6.50 -13.16 -37.39
N SER A 227 -6.94 -14.29 -37.94
CA SER A 227 -8.33 -14.44 -38.35
C SER A 227 -9.27 -14.76 -37.19
N SER A 228 -8.74 -15.11 -36.02
CA SER A 228 -9.60 -15.49 -34.90
C SER A 228 -10.13 -14.29 -34.12
N THR A 229 -9.52 -13.11 -34.28
CA THR A 229 -10.03 -11.94 -33.57
C THR A 229 -11.45 -11.63 -34.00
N LEU A 230 -12.29 -11.23 -33.04
CA LEU A 230 -13.69 -10.91 -33.30
C LEU A 230 -13.94 -9.43 -33.47
N ALA A 231 -13.43 -8.58 -32.58
CA ALA A 231 -13.70 -7.16 -32.63
C ALA A 231 -12.57 -6.40 -31.94
N THR A 232 -12.76 -5.09 -31.77
CA THR A 232 -11.71 -4.17 -31.37
C THR A 232 -12.26 -3.15 -30.38
N THR A 233 -11.40 -2.69 -29.48
CA THR A 233 -11.66 -1.52 -28.66
C THR A 233 -10.39 -0.68 -28.61
N TYR A 234 -10.55 0.56 -28.18
CA TYR A 234 -9.43 1.50 -28.16
C TYR A 234 -8.42 1.12 -27.08
N SER A 235 -7.16 1.48 -27.34
CA SER A 235 -6.10 1.37 -26.35
C SER A 235 -5.00 2.35 -26.75
N SER A 236 -3.77 2.08 -26.30
CA SER A 236 -2.68 3.02 -26.47
C SER A 236 -2.09 2.95 -27.88
N GLY A 237 -1.28 3.95 -28.19
CA GLY A 237 -0.60 4.03 -29.47
C GLY A 237 0.71 4.78 -29.34
N ASN A 238 0.90 5.80 -30.16
CA ASN A 238 2.12 6.60 -30.08
C ASN A 238 2.01 7.61 -28.93
N GLN A 239 3.03 8.43 -28.77
CA GLN A 239 3.11 9.31 -27.60
C GLN A 239 2.29 10.58 -27.75
N ASN A 240 1.72 10.84 -28.93
CA ASN A 240 0.72 11.89 -29.08
C ASN A 240 -0.69 11.38 -28.84
N GLU A 241 -0.90 10.07 -28.87
CA GLU A 241 -2.20 9.48 -28.66
C GLU A 241 -2.42 9.16 -27.20
N LYS A 242 -3.66 9.37 -26.74
CA LYS A 242 -3.98 9.19 -25.34
C LYS A 242 -4.15 7.71 -25.02
N GLN A 243 -4.15 7.39 -23.74
CA GLN A 243 -4.17 6.02 -23.28
C GLN A 243 -5.36 5.80 -22.35
N ILE A 244 -5.36 4.72 -21.60
CA ILE A 244 -6.54 4.28 -20.86
C ILE A 244 -6.44 4.79 -19.42
N VAL A 245 -7.53 5.37 -18.94
CA VAL A 245 -7.60 5.97 -17.60
C VAL A 245 -8.36 5.01 -16.71
N THR A 246 -7.74 4.60 -15.60
CA THR A 246 -8.35 3.56 -14.78
C THR A 246 -7.75 3.61 -13.38
N THR A 247 -8.18 2.67 -12.55
CA THR A 247 -7.69 2.53 -11.18
C THR A 247 -6.31 1.87 -11.17
N ASP A 248 -5.44 2.38 -10.31
CA ASP A 248 -4.07 1.89 -10.23
C ASP A 248 -3.76 1.50 -8.78
N LEU A 249 -2.76 0.63 -8.63
CA LEU A 249 -2.40 0.09 -7.34
C LEU A 249 -2.09 1.20 -6.34
N ARG A 250 -2.23 0.88 -5.06
CA ARG A 250 -2.02 1.84 -3.97
C ARG A 250 -3.02 2.99 -4.04
N GLN A 251 -4.26 2.67 -4.45
CA GLN A 251 -5.39 3.60 -4.36
C GLN A 251 -5.17 4.84 -5.21
N LYS A 252 -4.55 4.67 -6.37
CA LYS A 252 -4.22 5.77 -7.26
C LYS A 252 -5.01 5.69 -8.56
N CYS A 253 -4.81 6.70 -9.40
N CYS A 253 -4.91 6.75 -9.35
CA CYS A 253 -5.46 6.81 -10.70
CA CYS A 253 -5.45 6.79 -10.70
C CYS A 253 -4.38 6.93 -11.77
C CYS A 253 -4.29 6.79 -11.68
N THR A 254 -4.46 6.10 -12.81
CA THR A 254 -3.49 6.10 -13.89
C THR A 254 -4.15 6.55 -15.18
N GLU A 255 -3.40 7.30 -16.00
CA GLU A 255 -3.81 7.63 -17.35
C GLU A 255 -2.94 6.95 -18.40
N SER A 256 -2.20 5.90 -18.01
N SER A 256 -2.20 5.90 -18.01
CA SER A 256 -1.19 5.30 -18.87
CA SER A 256 -1.19 5.31 -18.88
C SER A 256 -1.28 3.78 -18.88
C SER A 256 -1.28 3.79 -18.90
N HIS A 257 -2.50 3.24 -18.96
CA HIS A 257 -2.70 1.82 -19.14
C HIS A 257 -2.70 1.53 -20.64
N THR A 258 -1.94 0.50 -21.06
CA THR A 258 -1.60 0.31 -22.46
C THR A 258 -1.82 -1.14 -22.89
N GLY A 259 -1.59 -1.40 -24.18
CA GLY A 259 -1.59 -2.75 -24.72
C GLY A 259 -2.99 -3.29 -24.94
N THR A 260 -3.03 -4.54 -25.45
CA THR A 260 -4.32 -5.20 -25.61
C THR A 260 -4.94 -5.56 -24.26
N SER A 261 -4.17 -5.56 -23.18
CA SER A 261 -4.76 -5.79 -21.87
C SER A 261 -5.71 -4.69 -21.47
N ALA A 262 -5.61 -3.52 -22.10
CA ALA A 262 -6.56 -2.45 -21.85
C ALA A 262 -7.78 -2.54 -22.74
N SER A 263 -7.68 -3.24 -23.87
CA SER A 263 -8.81 -3.36 -24.79
C SER A 263 -9.82 -4.40 -24.32
N ALA A 264 -9.35 -5.55 -23.84
CA ALA A 264 -10.28 -6.61 -23.46
C ALA A 264 -11.18 -6.21 -22.29
N PRO A 265 -10.69 -5.56 -21.23
CA PRO A 265 -11.62 -5.13 -20.17
C PRO A 265 -12.68 -4.15 -20.63
N LEU A 266 -12.36 -3.27 -21.60
CA LEU A 266 -13.39 -2.39 -22.12
C LEU A 266 -14.48 -3.20 -22.82
N ALA A 267 -14.09 -4.25 -23.53
CA ALA A 267 -15.07 -5.13 -24.17
C ALA A 267 -15.90 -5.86 -23.12
N ALA A 268 -15.27 -6.33 -22.05
CA ALA A 268 -16.02 -7.00 -20.99
C ALA A 268 -17.05 -6.06 -20.37
N GLY A 269 -16.70 -4.78 -20.25
CA GLY A 269 -17.68 -3.81 -19.76
C GLY A 269 -18.85 -3.65 -20.71
N ILE A 270 -18.56 -3.45 -21.99
CA ILE A 270 -19.63 -3.32 -22.98
C ILE A 270 -20.50 -4.56 -22.98
N ILE A 271 -19.88 -5.73 -22.85
CA ILE A 271 -20.66 -6.97 -22.83
C ILE A 271 -21.50 -7.06 -21.56
N ALA A 272 -21.02 -6.50 -20.45
CA ALA A 272 -21.84 -6.46 -19.24
C ALA A 272 -23.08 -5.60 -19.43
N LEU A 273 -22.93 -4.45 -20.10
CA LEU A 273 -24.11 -3.64 -20.43
C LEU A 273 -25.07 -4.43 -21.29
N THR A 274 -24.55 -5.22 -22.23
CA THR A 274 -25.42 -5.95 -23.14
C THR A 274 -26.17 -7.07 -22.41
N LEU A 275 -25.51 -7.74 -21.46
N LEU A 275 -25.51 -7.74 -21.46
CA LEU A 275 -26.20 -8.75 -20.68
CA LEU A 275 -26.20 -8.76 -20.68
C LEU A 275 -27.32 -8.14 -19.84
C LEU A 275 -27.32 -8.14 -19.84
N GLU A 276 -27.08 -6.96 -19.26
CA GLU A 276 -28.16 -6.30 -18.52
C GLU A 276 -29.35 -6.03 -19.44
N ALA A 277 -29.08 -5.70 -20.70
CA ALA A 277 -30.18 -5.43 -21.64
C ALA A 277 -30.95 -6.69 -21.99
N ASN A 278 -30.29 -7.85 -21.96
CA ASN A 278 -30.98 -9.12 -22.21
C ASN A 278 -30.20 -10.20 -21.47
N LYS A 279 -30.66 -10.55 -20.27
CA LYS A 279 -29.95 -11.51 -19.43
C LYS A 279 -30.06 -12.94 -19.93
N ASN A 280 -30.86 -13.20 -20.96
CA ASN A 280 -31.03 -14.55 -21.49
C ASN A 280 -30.11 -14.82 -22.68
N LEU A 281 -29.23 -13.89 -23.04
CA LEU A 281 -28.32 -14.10 -24.15
C LEU A 281 -27.36 -15.24 -23.84
N THR A 282 -27.21 -16.17 -24.78
CA THR A 282 -26.24 -17.24 -24.63
C THR A 282 -24.85 -16.74 -25.01
N TRP A 283 -23.85 -17.58 -24.75
CA TRP A 283 -22.48 -17.18 -25.08
C TRP A 283 -22.29 -17.00 -26.58
N ARG A 284 -23.06 -17.75 -27.39
CA ARG A 284 -23.00 -17.56 -28.83
C ARG A 284 -23.85 -16.37 -29.27
N ASP A 285 -24.99 -16.15 -28.61
CA ASP A 285 -25.76 -14.95 -28.87
C ASP A 285 -24.88 -13.71 -28.81
N MET A 286 -24.03 -13.64 -27.77
CA MET A 286 -23.19 -12.47 -27.58
C MET A 286 -22.21 -12.28 -28.72
N GLN A 287 -21.61 -13.37 -29.22
CA GLN A 287 -20.70 -13.24 -30.34
C GLN A 287 -21.44 -12.82 -31.61
N HIS A 288 -22.66 -13.31 -31.80
CA HIS A 288 -23.46 -12.83 -32.93
C HIS A 288 -23.69 -11.33 -32.84
N LEU A 289 -24.01 -10.82 -31.65
CA LEU A 289 -24.26 -9.39 -31.49
C LEU A 289 -23.02 -8.59 -31.85
N VAL A 290 -21.84 -9.04 -31.43
CA VAL A 290 -20.61 -8.30 -31.75
C VAL A 290 -20.39 -8.26 -33.25
N VAL A 291 -20.64 -9.38 -33.94
CA VAL A 291 -20.42 -9.43 -35.38
C VAL A 291 -21.30 -8.42 -36.10
N GLN A 292 -22.57 -8.33 -35.70
CA GLN A 292 -23.53 -7.53 -36.44
C GLN A 292 -23.39 -6.03 -36.15
N THR A 293 -22.96 -5.65 -34.96
CA THR A 293 -22.99 -4.25 -34.55
C THR A 293 -21.63 -3.56 -34.57
N SER A 294 -20.55 -4.28 -34.81
CA SER A 294 -19.23 -3.65 -34.78
C SER A 294 -19.01 -2.84 -36.04
N LYS A 295 -18.27 -1.74 -35.90
CA LYS A 295 -18.18 -0.70 -36.92
C LYS A 295 -16.76 -0.59 -37.46
N PRO A 296 -16.51 -0.93 -38.72
CA PRO A 296 -15.17 -0.72 -39.29
C PRO A 296 -14.83 0.73 -39.57
N ALA A 297 -15.83 1.62 -39.58
CA ALA A 297 -15.71 2.90 -40.28
C ALA A 297 -14.47 3.69 -39.89
N HIS A 298 -14.22 3.84 -38.59
CA HIS A 298 -13.19 4.75 -38.11
C HIS A 298 -11.82 4.10 -37.96
N LEU A 299 -11.66 2.85 -38.40
CA LEU A 299 -10.41 2.11 -38.20
C LEU A 299 -9.66 1.98 -39.51
N ASN A 300 -8.39 2.37 -39.51
N ASN A 300 -8.39 2.40 -39.51
CA ASN A 300 -7.56 2.33 -40.71
CA ASN A 300 -7.53 2.31 -40.67
C ASN A 300 -6.78 1.01 -40.73
C ASN A 300 -6.85 0.94 -40.68
N ALA A 301 -6.96 0.24 -41.80
CA ALA A 301 -6.30 -1.05 -41.97
C ALA A 301 -5.96 -1.24 -43.43
N ASN A 302 -4.90 -2.02 -43.67
CA ASN A 302 -4.45 -2.31 -45.02
C ASN A 302 -5.11 -3.56 -45.61
N ASP A 303 -6.00 -4.23 -44.85
CA ASP A 303 -6.53 -5.51 -45.30
C ASP A 303 -8.04 -5.63 -45.12
N TRP A 304 -8.78 -4.53 -45.03
CA TRP A 304 -10.23 -4.62 -45.00
C TRP A 304 -10.73 -5.37 -46.24
N ALA A 305 -11.62 -6.35 -46.01
CA ALA A 305 -12.17 -7.13 -47.10
C ALA A 305 -13.63 -7.46 -46.77
N THR A 306 -14.47 -7.48 -47.80
CA THR A 306 -15.88 -7.79 -47.66
C THR A 306 -16.08 -9.28 -47.80
N ASN A 307 -16.68 -9.91 -46.79
CA ASN A 307 -16.90 -11.36 -46.84
C ASN A 307 -18.17 -11.64 -47.63
N GLY A 308 -18.68 -12.87 -47.52
CA GLY A 308 -19.77 -13.33 -48.36
C GLY A 308 -21.14 -12.83 -47.97
N VAL A 309 -21.30 -12.28 -46.77
CA VAL A 309 -22.56 -11.70 -46.34
C VAL A 309 -22.50 -10.18 -46.30
N GLY A 310 -21.44 -9.58 -46.84
CA GLY A 310 -21.37 -8.14 -46.99
C GLY A 310 -20.78 -7.38 -45.84
N ARG A 311 -20.15 -8.04 -44.88
CA ARG A 311 -19.51 -7.37 -43.76
C ARG A 311 -18.02 -7.21 -44.02
N LYS A 312 -17.48 -6.04 -43.65
CA LYS A 312 -16.05 -5.80 -43.73
C LYS A 312 -15.36 -6.42 -42.54
N VAL A 313 -14.21 -7.04 -42.78
N VAL A 313 -14.21 -7.05 -42.78
CA VAL A 313 -13.44 -7.72 -41.75
CA VAL A 313 -13.45 -7.73 -41.74
C VAL A 313 -11.97 -7.48 -41.99
C VAL A 313 -11.97 -7.51 -41.99
N SER A 314 -11.22 -7.31 -40.91
CA SER A 314 -9.77 -7.13 -40.97
C SER A 314 -9.12 -8.10 -39.99
N HIS A 315 -7.91 -8.56 -40.33
CA HIS A 315 -7.17 -9.42 -39.41
C HIS A 315 -6.60 -8.64 -38.23
N SER A 316 -6.51 -7.31 -38.35
CA SER A 316 -6.11 -6.48 -37.23
C SER A 316 -7.26 -6.14 -36.30
N TYR A 317 -8.51 -6.20 -36.80
CA TYR A 317 -9.64 -5.64 -36.09
C TYR A 317 -10.84 -6.56 -35.97
N GLY A 318 -10.81 -7.74 -36.56
CA GLY A 318 -12.05 -8.51 -36.65
C GLY A 318 -13.09 -7.69 -37.40
N TYR A 319 -14.26 -7.56 -36.80
CA TYR A 319 -15.37 -6.86 -37.44
C TYR A 319 -15.41 -5.37 -37.12
N GLY A 320 -14.39 -4.86 -36.45
CA GLY A 320 -14.25 -3.45 -36.20
C GLY A 320 -14.47 -3.07 -34.74
N LEU A 321 -14.80 -1.80 -34.54
CA LEU A 321 -14.90 -1.24 -33.21
C LEU A 321 -16.24 -1.61 -32.57
N LEU A 322 -16.20 -2.05 -31.32
CA LEU A 322 -17.42 -2.30 -30.57
C LEU A 322 -18.26 -1.03 -30.51
N ASP A 323 -19.59 -1.22 -30.52
CA ASP A 323 -20.58 -0.14 -30.51
C ASP A 323 -21.59 -0.48 -29.42
N ALA A 324 -21.37 0.07 -28.22
CA ALA A 324 -22.18 -0.34 -27.07
C ALA A 324 -23.64 0.02 -27.27
N GLY A 325 -23.92 1.22 -27.80
CA GLY A 325 -25.29 1.62 -28.02
C GLY A 325 -26.02 0.71 -28.97
N ALA A 326 -25.35 0.30 -30.06
CA ALA A 326 -25.95 -0.67 -30.97
C ALA A 326 -26.04 -2.05 -30.33
N MET A 327 -25.08 -2.43 -29.49
CA MET A 327 -25.13 -3.73 -28.83
C MET A 327 -26.35 -3.84 -27.94
N VAL A 328 -26.53 -2.90 -27.00
CA VAL A 328 -27.67 -2.98 -26.08
C VAL A 328 -28.97 -2.89 -26.86
N ALA A 329 -29.01 -2.10 -27.92
CA ALA A 329 -30.23 -1.95 -28.70
C ALA A 329 -30.61 -3.25 -29.41
N LEU A 330 -29.64 -3.90 -30.05
CA LEU A 330 -29.93 -5.14 -30.76
C LEU A 330 -30.24 -6.28 -29.79
N ALA A 331 -29.73 -6.21 -28.56
CA ALA A 331 -29.89 -7.32 -27.63
C ALA A 331 -31.32 -7.45 -27.12
N GLN A 332 -32.06 -6.34 -27.05
CA GLN A 332 -33.31 -6.34 -26.29
C GLN A 332 -34.33 -7.30 -26.88
N ASN A 333 -34.48 -7.31 -28.21
CA ASN A 333 -35.43 -8.20 -28.86
C ASN A 333 -34.72 -9.31 -29.65
N TRP A 334 -33.49 -9.61 -29.28
CA TRP A 334 -32.72 -10.65 -29.97
C TRP A 334 -33.35 -12.02 -29.72
N THR A 335 -33.53 -12.78 -30.80
CA THR A 335 -34.02 -14.15 -30.72
C THR A 335 -32.81 -15.07 -30.53
N THR A 336 -32.83 -15.86 -29.46
CA THR A 336 -31.72 -16.76 -29.19
C THR A 336 -31.50 -17.70 -30.35
N VAL A 337 -30.24 -17.87 -30.75
CA VAL A 337 -29.92 -18.66 -31.93
C VAL A 337 -30.12 -20.14 -31.64
N ALA A 338 -30.21 -20.92 -32.71
CA ALA A 338 -30.40 -22.35 -32.59
C ALA A 338 -29.20 -23.00 -31.89
N PRO A 339 -29.36 -24.21 -31.37
CA PRO A 339 -28.24 -24.87 -30.69
C PRO A 339 -27.07 -25.10 -31.63
N GLN A 340 -25.87 -25.03 -31.07
CA GLN A 340 -24.65 -25.13 -31.86
C GLN A 340 -24.51 -26.52 -32.47
N ARG A 341 -24.15 -26.56 -33.75
CA ARG A 341 -23.79 -27.79 -34.44
C ARG A 341 -22.32 -27.75 -34.82
N LYS A 342 -21.72 -28.94 -34.95
CA LYS A 342 -20.29 -29.06 -35.21
C LYS A 342 -20.10 -30.12 -36.28
N CYS A 343 -19.61 -29.71 -37.45
CA CYS A 343 -19.40 -30.60 -38.59
C CYS A 343 -17.90 -30.78 -38.79
N ILE A 344 -17.45 -32.03 -38.71
CA ILE A 344 -16.04 -32.38 -38.82
C ILE A 344 -15.83 -33.07 -40.16
N ILE A 345 -14.94 -32.52 -40.98
CA ILE A 345 -14.74 -32.98 -42.35
C ILE A 345 -13.25 -33.27 -42.54
N ASP A 346 -12.93 -34.52 -42.84
CA ASP A 346 -11.57 -34.91 -43.15
C ASP A 346 -11.30 -34.64 -44.62
N ILE A 347 -10.37 -33.73 -44.90
CA ILE A 347 -10.14 -33.28 -46.27
C ILE A 347 -9.19 -34.20 -47.02
N LEU A 348 -8.09 -34.62 -46.40
CA LEU A 348 -7.03 -35.32 -47.10
C LEU A 348 -7.26 -36.83 -47.11
N THR A 349 -7.03 -37.44 -48.27
CA THR A 349 -6.95 -38.89 -48.38
C THR A 349 -5.53 -39.42 -48.21
N GLU A 350 -4.53 -38.57 -48.38
CA GLU A 350 -3.14 -38.95 -48.18
C GLU A 350 -2.32 -37.69 -47.95
N PRO A 351 -1.11 -37.81 -47.41
CA PRO A 351 -0.28 -36.62 -47.19
C PRO A 351 0.06 -35.91 -48.48
N LYS A 352 0.25 -34.59 -48.39
CA LYS A 352 0.59 -33.75 -49.52
C LYS A 352 1.91 -33.04 -49.26
N ASP A 353 2.85 -33.17 -50.18
CA ASP A 353 4.08 -32.40 -50.13
C ASP A 353 3.77 -30.91 -50.22
N ILE A 354 4.47 -30.11 -49.43
CA ILE A 354 4.23 -28.66 -49.41
C ILE A 354 5.16 -27.98 -50.39
N GLY A 355 6.47 -28.20 -50.23
CA GLY A 355 7.42 -27.56 -51.11
C GLY A 355 7.29 -26.06 -51.05
N LYS A 356 7.36 -25.43 -52.23
CA LYS A 356 7.23 -23.98 -52.30
C LYS A 356 5.80 -23.53 -52.03
N ARG A 357 4.83 -24.31 -52.51
N ARG A 357 4.83 -24.32 -52.49
CA ARG A 357 3.43 -23.92 -52.38
CA ARG A 357 3.44 -23.92 -52.37
C ARG A 357 2.56 -25.16 -52.51
C ARG A 357 2.55 -25.15 -52.52
N LEU A 358 1.52 -25.23 -51.68
CA LEU A 358 0.54 -26.30 -51.73
C LEU A 358 -0.85 -25.67 -51.73
N GLU A 359 -1.72 -26.20 -52.59
CA GLU A 359 -3.10 -25.78 -52.64
C GLU A 359 -3.98 -27.01 -52.53
N VAL A 360 -4.90 -27.01 -51.57
CA VAL A 360 -5.82 -28.12 -51.34
C VAL A 360 -7.23 -27.60 -51.52
N ARG A 361 -7.91 -28.10 -52.55
N ARG A 361 -7.93 -28.11 -52.53
CA ARG A 361 -9.30 -27.77 -52.82
CA ARG A 361 -9.30 -27.75 -52.82
C ARG A 361 -10.19 -28.96 -52.48
C ARG A 361 -10.21 -28.95 -52.53
N LYS A 362 -11.40 -28.67 -52.00
CA LYS A 362 -12.32 -29.73 -51.60
C LYS A 362 -13.72 -29.16 -51.51
N THR A 363 -14.66 -29.77 -52.22
CA THR A 363 -16.07 -29.44 -52.09
C THR A 363 -16.66 -30.24 -50.92
N VAL A 364 -17.44 -29.55 -50.07
CA VAL A 364 -18.03 -30.18 -48.90
C VAL A 364 -19.54 -29.96 -48.92
N THR A 365 -20.25 -30.85 -48.24
CA THR A 365 -21.69 -30.73 -48.03
C THR A 365 -22.03 -30.21 -46.65
N ALA A 366 -21.03 -29.96 -45.80
CA ALA A 366 -21.26 -29.48 -44.45
C ALA A 366 -22.20 -30.42 -43.69
N CYS A 367 -21.90 -31.72 -43.79
CA CYS A 367 -22.62 -32.77 -43.05
C CYS A 367 -24.08 -32.86 -43.48
N LEU A 368 -24.32 -32.76 -44.79
CA LEU A 368 -25.66 -32.93 -45.32
C LEU A 368 -26.23 -34.29 -44.94
N GLY A 369 -27.53 -34.31 -44.63
CA GLY A 369 -28.20 -35.54 -44.27
C GLY A 369 -27.86 -36.07 -42.90
N GLU A 370 -27.21 -35.29 -42.05
CA GLU A 370 -26.79 -35.70 -40.73
C GLU A 370 -27.27 -34.68 -39.71
N PRO A 371 -27.35 -35.06 -38.44
CA PRO A 371 -27.87 -34.12 -37.42
C PRO A 371 -27.04 -32.86 -37.26
N ASN A 372 -25.74 -32.91 -37.54
CA ASN A 372 -24.89 -31.73 -37.44
C ASN A 372 -24.77 -30.99 -38.77
N HIS A 373 -25.74 -31.15 -39.66
CA HIS A 373 -25.78 -30.39 -40.91
C HIS A 373 -25.82 -28.90 -40.62
N ILE A 374 -24.96 -28.14 -41.29
CA ILE A 374 -24.84 -26.71 -41.08
C ILE A 374 -25.09 -26.00 -42.40
N THR A 375 -26.02 -25.03 -42.39
CA THR A 375 -26.28 -24.17 -43.53
C THR A 375 -25.90 -22.71 -43.26
N ARG A 376 -25.56 -22.37 -42.02
CA ARG A 376 -25.19 -21.02 -41.63
C ARG A 376 -24.00 -21.10 -40.70
N LEU A 377 -22.87 -20.56 -41.14
CA LEU A 377 -21.59 -20.78 -40.47
C LEU A 377 -21.39 -19.79 -39.32
N GLU A 378 -20.79 -20.28 -38.24
CA GLU A 378 -20.29 -19.40 -37.19
C GLU A 378 -18.75 -19.42 -37.24
N HIS A 379 -18.11 -20.10 -36.29
CA HIS A 379 -16.67 -20.27 -36.38
C HIS A 379 -16.33 -21.35 -37.42
N ALA A 380 -15.11 -21.28 -37.93
CA ALA A 380 -14.55 -22.34 -38.76
C ALA A 380 -13.10 -22.54 -38.38
N GLN A 381 -12.67 -23.80 -38.32
CA GLN A 381 -11.30 -24.15 -37.99
C GLN A 381 -10.70 -25.01 -39.10
N ALA A 382 -9.40 -24.85 -39.31
CA ALA A 382 -8.60 -25.80 -40.09
C ALA A 382 -7.61 -26.43 -39.11
N ARG A 383 -7.88 -27.66 -38.70
CA ARG A 383 -6.96 -28.39 -37.83
C ARG A 383 -5.88 -29.01 -38.72
N LEU A 384 -4.66 -28.50 -38.61
CA LEU A 384 -3.58 -28.89 -39.49
C LEU A 384 -2.54 -29.70 -38.73
N THR A 385 -2.05 -30.74 -39.41
CA THR A 385 -0.89 -31.50 -38.97
C THR A 385 0.10 -31.49 -40.12
N LEU A 386 1.28 -30.93 -39.89
CA LEU A 386 2.26 -30.79 -40.96
C LEU A 386 3.65 -30.75 -40.36
N SER A 387 4.61 -31.25 -41.13
CA SER A 387 6.02 -31.14 -40.83
C SER A 387 6.61 -30.01 -41.67
N TYR A 388 7.66 -29.38 -41.14
CA TYR A 388 8.35 -28.33 -41.87
C TYR A 388 9.67 -28.04 -41.17
N ASN A 389 10.67 -27.66 -41.96
CA ASN A 389 11.99 -27.38 -41.40
C ASN A 389 12.06 -26.00 -40.75
N ARG A 390 11.29 -25.02 -41.24
CA ARG A 390 11.41 -23.63 -40.80
C ARG A 390 10.00 -23.04 -40.73
N ARG A 391 9.37 -23.18 -39.57
CA ARG A 391 7.93 -22.93 -39.44
C ARG A 391 7.57 -21.49 -39.79
N GLY A 392 8.36 -20.52 -39.32
CA GLY A 392 8.03 -19.11 -39.50
C GLY A 392 8.00 -18.64 -40.94
N ASP A 393 8.56 -19.42 -41.87
CA ASP A 393 8.50 -19.05 -43.28
C ASP A 393 7.16 -19.37 -43.91
N LEU A 394 6.30 -20.12 -43.22
CA LEU A 394 5.01 -20.50 -43.77
C LEU A 394 3.99 -19.37 -43.64
N ALA A 395 3.17 -19.21 -44.66
CA ALA A 395 1.92 -18.48 -44.58
C ALA A 395 0.81 -19.40 -45.05
N ILE A 396 -0.32 -19.36 -44.36
CA ILE A 396 -1.43 -20.29 -44.58
C ILE A 396 -2.72 -19.49 -44.72
N HIS A 397 -3.48 -19.78 -45.77
CA HIS A 397 -4.75 -19.11 -46.02
C HIS A 397 -5.84 -20.15 -46.23
N LEU A 398 -7.07 -19.77 -45.89
CA LEU A 398 -8.25 -20.59 -46.08
C LEU A 398 -9.31 -19.75 -46.79
N VAL A 399 -9.78 -20.23 -47.94
CA VAL A 399 -10.81 -19.54 -48.72
C VAL A 399 -12.11 -20.32 -48.60
N SER A 400 -13.18 -19.61 -48.25
CA SER A 400 -14.50 -20.21 -48.11
C SER A 400 -15.18 -20.32 -49.47
N PRO A 401 -16.25 -21.11 -49.55
CA PRO A 401 -17.01 -21.18 -50.81
C PRO A 401 -17.48 -19.83 -51.32
N MET A 402 -17.84 -18.90 -50.43
CA MET A 402 -18.29 -17.58 -50.87
C MET A 402 -17.13 -16.63 -51.15
N GLY A 403 -15.89 -17.09 -51.06
CA GLY A 403 -14.74 -16.33 -51.52
C GLY A 403 -13.97 -15.59 -50.45
N THR A 404 -14.36 -15.72 -49.19
CA THR A 404 -13.69 -14.98 -48.12
C THR A 404 -12.34 -15.61 -47.81
N ARG A 405 -11.29 -14.81 -47.81
N ARG A 405 -11.28 -14.82 -47.89
CA ARG A 405 -9.91 -15.29 -47.68
CA ARG A 405 -9.92 -15.27 -47.67
C ARG A 405 -9.41 -14.99 -46.28
C ARG A 405 -9.52 -14.97 -46.23
N SER A 406 -9.34 -16.03 -45.44
CA SER A 406 -8.84 -15.90 -44.07
C SER A 406 -7.37 -16.28 -44.05
N THR A 407 -6.53 -15.39 -43.52
CA THR A 407 -5.14 -15.71 -43.24
C THR A 407 -5.08 -16.45 -41.92
N LEU A 408 -4.86 -17.76 -41.98
CA LEU A 408 -4.74 -18.55 -40.77
C LEU A 408 -3.40 -18.33 -40.09
N LEU A 409 -2.34 -18.09 -40.88
CA LEU A 409 -0.99 -17.93 -40.34
C LEU A 409 -0.20 -17.06 -41.29
N ALA A 410 0.40 -16.01 -40.76
CA ALA A 410 1.30 -15.14 -41.50
C ALA A 410 2.74 -15.48 -41.15
N ALA A 411 3.66 -15.09 -42.02
CA ALA A 411 5.07 -15.32 -41.76
C ALA A 411 5.45 -14.79 -40.39
N ARG A 412 6.21 -15.59 -39.64
CA ARG A 412 6.76 -15.17 -38.35
C ARG A 412 8.28 -15.22 -38.43
N PRO A 413 8.94 -14.10 -38.71
CA PRO A 413 10.39 -14.14 -38.99
C PRO A 413 11.23 -14.73 -37.86
N HIS A 414 10.73 -14.73 -36.63
CA HIS A 414 11.50 -15.22 -35.50
C HIS A 414 11.26 -16.70 -35.20
N ASP A 415 10.32 -17.35 -35.88
CA ASP A 415 9.97 -18.74 -35.61
C ASP A 415 10.82 -19.64 -36.50
N TYR A 416 11.90 -20.18 -35.95
CA TYR A 416 12.79 -21.10 -36.66
C TYR A 416 12.50 -22.55 -36.32
N SER A 417 11.38 -22.84 -35.68
CA SER A 417 11.10 -24.18 -35.21
C SER A 417 11.02 -25.16 -36.37
N ALA A 418 11.45 -26.40 -36.11
CA ALA A 418 11.23 -27.52 -37.01
C ALA A 418 10.13 -28.44 -36.50
N ASP A 419 9.38 -28.00 -35.48
CA ASP A 419 8.35 -28.83 -34.87
C ASP A 419 7.09 -28.95 -35.72
N GLY A 420 6.90 -28.07 -36.69
CA GLY A 420 5.68 -28.09 -37.47
C GLY A 420 4.47 -27.79 -36.58
N PHE A 421 3.32 -28.27 -37.04
CA PHE A 421 2.07 -28.13 -36.30
C PHE A 421 1.47 -29.51 -36.07
N ASN A 422 0.98 -29.73 -34.84
CA ASN A 422 0.46 -31.03 -34.42
C ASN A 422 -1.04 -30.88 -34.14
N ASP A 423 -1.84 -31.12 -35.18
CA ASP A 423 -3.29 -30.98 -35.08
C ASP A 423 -3.66 -29.65 -34.43
N TRP A 424 -3.00 -28.58 -34.88
CA TRP A 424 -3.26 -27.24 -34.37
C TRP A 424 -4.47 -26.64 -35.08
N ALA A 425 -5.42 -26.15 -34.29
CA ALA A 425 -6.69 -25.65 -34.83
C ALA A 425 -6.58 -24.16 -35.09
N PHE A 426 -6.34 -23.80 -36.36
CA PHE A 426 -6.40 -22.41 -36.77
C PHE A 426 -7.85 -22.00 -36.96
N MET A 427 -8.26 -20.90 -36.34
CA MET A 427 -9.66 -20.49 -36.34
C MET A 427 -9.82 -19.16 -37.08
N THR A 428 -10.92 -19.04 -37.82
CA THR A 428 -11.31 -17.77 -38.44
C THR A 428 -12.75 -17.44 -38.09
N THR A 429 -13.00 -16.15 -37.84
CA THR A 429 -14.33 -15.61 -37.65
C THR A 429 -14.86 -14.92 -38.91
N HIS A 430 -14.07 -14.87 -39.97
CA HIS A 430 -14.36 -14.00 -41.11
C HIS A 430 -15.46 -14.52 -42.01
N SER A 431 -15.83 -15.80 -41.91
CA SER A 431 -16.91 -16.37 -42.70
C SER A 431 -18.20 -16.52 -41.90
N TRP A 432 -18.29 -15.83 -40.77
CA TRP A 432 -19.48 -15.86 -39.94
C TRP A 432 -20.73 -15.54 -40.77
N ASP A 433 -21.76 -16.38 -40.61
CA ASP A 433 -23.06 -16.31 -41.28
C ASP A 433 -23.02 -16.74 -42.74
N GLU A 434 -21.85 -17.15 -43.27
CA GLU A 434 -21.78 -17.58 -44.65
C GLU A 434 -22.35 -18.98 -44.82
N ASP A 435 -22.60 -19.35 -46.07
CA ASP A 435 -23.03 -20.71 -46.38
C ASP A 435 -21.81 -21.61 -46.48
N PRO A 436 -21.77 -22.73 -45.73
CA PRO A 436 -20.54 -23.52 -45.67
C PRO A 436 -20.33 -24.48 -46.83
N SER A 437 -21.38 -24.83 -47.58
CA SER A 437 -21.23 -25.84 -48.62
C SER A 437 -20.57 -25.25 -49.86
N GLY A 438 -19.81 -26.09 -50.55
CA GLY A 438 -19.06 -25.65 -51.70
C GLY A 438 -17.58 -25.93 -51.55
N GLU A 439 -16.77 -25.27 -52.36
CA GLU A 439 -15.33 -25.52 -52.41
C GLU A 439 -14.64 -24.68 -51.34
N TRP A 440 -13.95 -25.35 -50.43
CA TRP A 440 -12.99 -24.70 -49.55
C TRP A 440 -11.60 -24.90 -50.13
N VAL A 441 -10.75 -23.89 -49.98
CA VAL A 441 -9.39 -23.94 -50.50
C VAL A 441 -8.43 -23.63 -49.34
N LEU A 442 -7.44 -24.50 -49.16
CA LEU A 442 -6.33 -24.26 -48.24
C LEU A 442 -5.08 -23.96 -49.05
N GLU A 443 -4.41 -22.86 -48.72
CA GLU A 443 -3.14 -22.49 -49.34
C GLU A 443 -2.05 -22.50 -48.28
N ILE A 444 -0.95 -23.18 -48.58
CA ILE A 444 0.25 -23.16 -47.75
C ILE A 444 1.42 -22.80 -48.64
N GLU A 445 2.14 -21.74 -48.29
CA GLU A 445 3.23 -21.25 -49.13
C GLU A 445 4.46 -20.97 -48.29
N ASN A 446 5.62 -21.17 -48.91
CA ASN A 446 6.89 -20.75 -48.34
C ASN A 446 7.16 -19.31 -48.77
N THR A 447 7.05 -18.38 -47.83
CA THR A 447 7.20 -16.97 -48.12
C THR A 447 8.65 -16.53 -48.30
N SER A 448 9.61 -17.44 -48.07
N SER A 448 9.62 -17.43 -48.07
CA SER A 448 11.03 -17.15 -48.13
CA SER A 448 11.03 -17.06 -48.15
C SER A 448 11.64 -17.65 -49.43
C SER A 448 11.65 -17.64 -49.41
N GLU A 449 12.82 -17.10 -49.76
CA GLU A 449 13.56 -17.57 -50.92
C GLU A 449 14.36 -18.83 -50.60
N ALA A 450 14.63 -19.09 -49.33
CA ALA A 450 15.39 -20.27 -48.94
C ALA A 450 14.61 -21.53 -49.30
N ASN A 451 15.35 -22.62 -49.49
CA ASN A 451 14.75 -23.90 -49.88
C ASN A 451 14.25 -24.61 -48.64
N ASN A 452 12.93 -24.60 -48.44
CA ASN A 452 12.29 -25.25 -47.31
C ASN A 452 11.48 -26.45 -47.81
N TYR A 453 11.16 -27.35 -46.88
CA TYR A 453 10.52 -28.60 -47.25
C TYR A 453 9.63 -29.08 -46.11
N GLY A 454 8.58 -29.80 -46.46
CA GLY A 454 7.69 -30.36 -45.46
C GLY A 454 6.49 -31.01 -46.12
N THR A 455 5.61 -31.51 -45.26
CA THR A 455 4.48 -32.32 -45.70
C THR A 455 3.27 -32.02 -44.82
N LEU A 456 2.12 -31.83 -45.46
CA LEU A 456 0.84 -31.73 -44.75
C LEU A 456 0.25 -33.12 -44.67
N THR A 457 0.13 -33.66 -43.45
CA THR A 457 -0.36 -35.02 -43.28
C THR A 457 -1.83 -35.08 -42.92
N LYS A 458 -2.42 -34.00 -42.42
CA LYS A 458 -3.80 -34.03 -41.95
C LYS A 458 -4.40 -32.64 -42.01
N PHE A 459 -5.62 -32.55 -42.54
CA PHE A 459 -6.34 -31.29 -42.68
C PHE A 459 -7.80 -31.60 -42.34
N THR A 460 -8.21 -31.26 -41.13
CA THR A 460 -9.58 -31.44 -40.68
C THR A 460 -10.27 -30.08 -40.69
N LEU A 461 -11.27 -29.95 -41.56
CA LEU A 461 -12.10 -28.76 -41.59
C LEU A 461 -13.24 -28.96 -40.60
N VAL A 462 -13.34 -28.06 -39.62
CA VAL A 462 -14.38 -28.12 -38.60
C VAL A 462 -15.24 -26.89 -38.75
N LEU A 463 -16.54 -27.10 -38.96
CA LEU A 463 -17.50 -26.03 -39.17
C LEU A 463 -18.48 -26.00 -38.01
N TYR A 464 -18.64 -24.83 -37.41
CA TYR A 464 -19.61 -24.60 -36.36
C TYR A 464 -20.72 -23.72 -36.90
N GLY A 465 -21.94 -23.96 -36.44
CA GLY A 465 -23.05 -23.10 -36.85
C GLY A 465 -24.39 -23.77 -36.59
N THR A 466 -25.35 -23.39 -37.43
CA THR A 466 -26.74 -23.81 -37.26
C THR A 466 -27.31 -24.19 -38.62
N ALA A 467 -28.55 -24.70 -38.60
CA ALA A 467 -29.24 -25.13 -39.81
C ALA A 467 -30.57 -24.40 -39.96
N ARG B 3 11.94 -26.08 -18.74
CA ARG B 3 10.60 -26.42 -18.25
C ARG B 3 10.70 -27.13 -16.89
N GLN B 4 9.95 -26.63 -15.92
CA GLN B 4 9.95 -27.18 -14.57
C GLN B 4 8.67 -27.96 -14.34
N PHE B 5 8.81 -29.27 -14.18
CA PHE B 5 7.68 -30.12 -13.82
C PHE B 5 7.49 -30.09 -12.30
N VAL B 6 6.24 -30.14 -11.87
CA VAL B 6 5.91 -30.10 -10.45
C VAL B 6 5.31 -31.43 -10.04
N ASN B 7 5.47 -31.78 -8.78
CA ASN B 7 4.97 -33.07 -8.28
C ASN B 7 3.46 -33.06 -8.06
N GLU B 8 2.72 -32.36 -8.91
CA GLU B 8 1.27 -32.36 -8.88
C GLU B 8 0.74 -33.09 -10.10
N TRP B 9 -0.27 -33.92 -9.88
CA TRP B 9 -0.92 -34.67 -10.95
C TRP B 9 -2.42 -34.39 -10.92
N ALA B 10 -2.99 -34.25 -12.10
CA ALA B 10 -4.43 -34.13 -12.28
C ALA B 10 -4.95 -35.41 -12.94
N ALA B 11 -6.18 -35.79 -12.60
CA ALA B 11 -6.76 -37.02 -13.12
C ALA B 11 -8.27 -36.92 -13.11
N GLU B 12 -8.89 -37.48 -14.15
CA GLU B 12 -10.35 -37.57 -14.23
C GLU B 12 -10.79 -38.91 -13.65
N ILE B 13 -11.61 -38.86 -12.60
CA ILE B 13 -12.00 -40.04 -11.84
C ILE B 13 -13.52 -40.09 -11.74
N PRO B 14 -14.20 -40.86 -12.59
CA PRO B 14 -15.67 -40.90 -12.53
C PRO B 14 -16.22 -41.39 -11.20
N GLY B 15 -15.45 -42.16 -10.44
CA GLY B 15 -15.94 -42.70 -9.18
C GLY B 15 -16.22 -41.67 -8.11
N GLY B 16 -15.72 -40.45 -8.27
CA GLY B 16 -15.99 -39.40 -7.32
C GLY B 16 -14.93 -39.30 -6.24
N PRO B 17 -15.20 -38.47 -5.23
CA PRO B 17 -14.15 -38.18 -4.24
C PRO B 17 -13.74 -39.37 -3.39
N GLU B 18 -14.62 -40.35 -3.19
CA GLU B 18 -14.20 -41.54 -2.45
C GLU B 18 -13.18 -42.34 -3.24
N ALA B 19 -13.38 -42.50 -4.55
CA ALA B 19 -12.38 -43.14 -5.38
C ALA B 19 -11.09 -42.32 -5.39
N ALA B 20 -11.21 -41.00 -5.56
CA ALA B 20 -10.03 -40.15 -5.53
C ALA B 20 -9.23 -40.33 -4.24
N SER B 21 -9.94 -40.46 -3.11
CA SER B 21 -9.24 -40.65 -1.84
C SER B 21 -8.53 -42.01 -1.82
N ALA B 22 -9.22 -43.06 -2.24
CA ALA B 22 -8.59 -44.38 -2.31
C ALA B 22 -7.35 -44.35 -3.21
N ILE B 23 -7.47 -43.73 -4.37
CA ILE B 23 -6.34 -43.64 -5.30
C ILE B 23 -5.16 -42.96 -4.63
N ALA B 24 -5.42 -41.90 -3.88
CA ALA B 24 -4.33 -41.15 -3.24
C ALA B 24 -3.57 -42.01 -2.25
N GLU B 25 -4.29 -42.71 -1.37
CA GLU B 25 -3.60 -43.51 -0.36
C GLU B 25 -2.93 -44.72 -0.97
N GLU B 26 -3.53 -45.31 -2.01
CA GLU B 26 -2.97 -46.52 -2.60
C GLU B 26 -1.72 -46.22 -3.41
N LEU B 27 -1.68 -45.08 -4.11
CA LEU B 27 -0.58 -44.76 -5.00
C LEU B 27 0.44 -43.81 -4.38
N GLY B 28 0.17 -43.25 -3.20
CA GLY B 28 1.14 -42.43 -2.51
C GLY B 28 1.01 -40.94 -2.79
N TYR B 29 -0.22 -40.43 -2.79
CA TYR B 29 -0.49 -39.03 -3.00
C TYR B 29 -1.23 -38.44 -1.80
N ASP B 30 -1.12 -37.12 -1.65
CA ASP B 30 -2.07 -36.34 -0.88
C ASP B 30 -3.09 -35.77 -1.86
N LEU B 31 -4.37 -36.04 -1.60
CA LEU B 31 -5.44 -35.48 -2.41
C LEU B 31 -5.63 -34.02 -2.03
N LEU B 32 -5.45 -33.13 -3.00
CA LEU B 32 -5.63 -31.70 -2.73
C LEU B 32 -7.08 -31.28 -2.89
N GLY B 33 -7.83 -31.92 -3.79
CA GLY B 33 -9.23 -31.63 -3.96
C GLY B 33 -9.67 -31.57 -5.41
N GLN B 34 -10.95 -31.28 -5.63
CA GLN B 34 -11.48 -31.13 -6.97
C GLN B 34 -10.93 -29.85 -7.61
N ILE B 35 -10.71 -29.92 -8.92
CA ILE B 35 -10.13 -28.82 -9.67
C ILE B 35 -11.27 -27.90 -10.10
N GLY B 36 -11.49 -26.84 -9.32
CA GLY B 36 -12.50 -25.87 -9.68
C GLY B 36 -13.86 -26.52 -9.82
N SER B 37 -14.57 -26.16 -10.89
N SER B 37 -14.58 -26.16 -10.88
CA SER B 37 -15.92 -26.65 -11.14
CA SER B 37 -15.92 -26.66 -11.13
C SER B 37 -15.93 -27.89 -12.02
C SER B 37 -15.93 -27.90 -12.02
N LEU B 38 -14.76 -28.45 -12.35
CA LEU B 38 -14.68 -29.67 -13.14
C LEU B 38 -14.95 -30.85 -12.22
N GLU B 39 -16.20 -31.33 -12.21
CA GLU B 39 -16.51 -32.47 -11.37
C GLU B 39 -15.78 -33.70 -11.88
N ASN B 40 -15.32 -34.53 -10.95
CA ASN B 40 -14.58 -35.75 -11.23
C ASN B 40 -13.17 -35.50 -11.77
N HIS B 41 -12.68 -34.26 -11.68
CA HIS B 41 -11.29 -33.94 -11.93
C HIS B 41 -10.66 -33.53 -10.61
N TYR B 42 -9.54 -34.17 -10.27
CA TYR B 42 -8.92 -33.99 -8.96
C TYR B 42 -7.43 -33.75 -9.10
N LEU B 43 -6.87 -33.01 -8.14
CA LEU B 43 -5.45 -32.67 -8.12
C LEU B 43 -4.78 -33.42 -6.98
N PHE B 44 -3.62 -34.01 -7.27
CA PHE B 44 -2.87 -34.80 -6.31
C PHE B 44 -1.46 -34.23 -6.21
N LYS B 45 -0.83 -34.44 -5.05
CA LYS B 45 0.58 -34.13 -4.84
C LYS B 45 1.26 -35.39 -4.35
N HIS B 46 2.31 -35.84 -5.06
CA HIS B 46 3.01 -37.06 -4.70
C HIS B 46 3.81 -36.85 -3.42
N LYS B 47 3.81 -37.87 -2.56
CA LYS B 47 4.35 -37.74 -1.21
C LYS B 47 5.87 -37.69 -1.16
N ASN B 48 6.56 -38.24 -2.15
CA ASN B 48 8.01 -38.31 -2.13
C ASN B 48 8.70 -37.63 -3.31
N HIS B 49 8.02 -37.47 -4.43
CA HIS B 49 8.67 -36.93 -5.62
C HIS B 49 9.00 -35.45 -5.41
N PRO B 50 10.12 -34.97 -5.96
CA PRO B 50 10.54 -33.59 -5.69
C PRO B 50 9.53 -32.57 -6.21
N ALA B 51 9.50 -31.42 -5.55
CA ALA B 51 8.47 -30.42 -5.86
C ALA B 51 8.69 -29.79 -7.22
N ARG B 52 9.94 -29.61 -7.64
CA ARG B 52 10.25 -29.06 -8.96
C ARG B 52 11.42 -29.83 -9.55
N SER B 53 11.34 -30.10 -10.85
CA SER B 53 12.41 -30.81 -11.54
C SER B 53 12.33 -30.51 -13.02
N ALA B 54 13.50 -30.47 -13.66
CA ALA B 54 13.55 -30.38 -15.11
C ALA B 54 13.08 -31.66 -15.78
N ALA B 55 13.06 -32.77 -15.04
CA ALA B 55 12.69 -34.07 -15.58
C ALA B 55 11.24 -34.39 -15.25
N SER B 56 10.52 -34.89 -16.25
CA SER B 56 9.19 -35.45 -16.04
C SER B 56 9.31 -36.76 -15.26
N ALA B 57 8.22 -37.11 -14.57
CA ALA B 57 8.16 -38.34 -13.77
C ALA B 57 7.27 -39.35 -14.48
N PHE B 58 7.80 -39.90 -15.58
CA PHE B 58 6.97 -40.67 -16.49
C PHE B 58 6.31 -41.87 -15.81
N HIS B 59 7.06 -42.57 -14.95
CA HIS B 59 6.53 -43.81 -14.40
C HIS B 59 5.49 -43.55 -13.31
N ILE B 60 5.59 -42.43 -12.60
CA ILE B 60 4.50 -42.04 -11.70
C ILE B 60 3.23 -41.80 -12.50
N THR B 61 3.32 -41.02 -13.57
CA THR B 61 2.14 -40.73 -14.39
C THR B 61 1.50 -42.00 -14.91
N LYS B 62 2.32 -42.94 -15.40
CA LYS B 62 1.77 -44.16 -15.99
C LYS B 62 0.98 -44.95 -14.96
N ARG B 63 1.50 -45.09 -13.75
CA ARG B 63 0.78 -45.81 -12.71
C ARG B 63 -0.59 -45.19 -12.47
N LEU B 64 -0.66 -43.86 -12.42
CA LEU B 64 -1.94 -43.19 -12.15
C LEU B 64 -2.92 -43.41 -13.30
N SER B 65 -2.50 -43.11 -14.53
CA SER B 65 -3.43 -43.24 -15.65
C SER B 65 -3.77 -44.70 -15.94
N ASP B 66 -2.84 -45.62 -15.69
CA ASP B 66 -3.13 -47.04 -15.89
C ASP B 66 -4.18 -47.57 -14.91
N ASP B 67 -4.40 -46.89 -13.80
CA ASP B 67 -5.37 -47.37 -12.82
C ASP B 67 -6.76 -47.40 -13.43
N ASP B 68 -7.49 -48.49 -13.18
CA ASP B 68 -8.79 -48.70 -13.79
C ASP B 68 -9.84 -47.70 -13.33
N ARG B 69 -9.54 -46.88 -12.32
CA ARG B 69 -10.47 -45.87 -11.83
C ARG B 69 -10.19 -44.50 -12.43
N VAL B 70 -9.19 -44.39 -13.29
CA VAL B 70 -8.72 -43.11 -13.82
C VAL B 70 -8.92 -43.12 -15.33
N ILE B 71 -9.62 -42.10 -15.84
CA ILE B 71 -9.77 -41.97 -17.28
C ILE B 71 -8.47 -41.51 -17.91
N TRP B 72 -7.87 -40.46 -17.34
CA TRP B 72 -6.60 -39.93 -17.83
C TRP B 72 -5.94 -39.19 -16.68
N ALA B 73 -4.64 -38.89 -16.86
CA ALA B 73 -3.90 -38.13 -15.87
C ALA B 73 -2.73 -37.45 -16.55
N GLU B 74 -2.27 -36.34 -15.96
CA GLU B 74 -1.12 -35.62 -16.46
C GLU B 74 -0.39 -34.96 -15.32
N GLN B 75 0.94 -34.98 -15.38
CA GLN B 75 1.75 -34.22 -14.45
C GLN B 75 1.69 -32.74 -14.81
N GLN B 76 1.48 -31.89 -13.80
CA GLN B 76 1.46 -30.46 -14.00
C GLN B 76 2.88 -29.92 -14.18
N TYR B 77 2.98 -28.78 -14.85
CA TYR B 77 4.26 -28.11 -15.00
C TYR B 77 4.02 -26.61 -15.16
N GLU B 78 5.05 -25.83 -14.84
CA GLU B 78 4.96 -24.38 -14.82
C GLU B 78 4.96 -23.84 -16.25
N LYS B 79 3.90 -23.12 -16.60
CA LYS B 79 3.74 -22.55 -17.92
C LYS B 79 4.21 -21.10 -17.93
N GLU B 80 4.86 -20.71 -19.02
CA GLU B 80 5.26 -19.32 -19.22
C GLU B 80 4.04 -18.54 -19.71
N ARG B 81 3.51 -17.67 -18.86
CA ARG B 81 2.38 -16.83 -19.21
C ARG B 81 2.75 -15.38 -18.95
N SER B 82 2.43 -14.53 -19.90
N SER B 82 2.46 -14.51 -19.90
CA SER B 82 2.77 -13.11 -19.89
CA SER B 82 2.85 -13.10 -19.79
C SER B 82 1.51 -12.27 -19.79
C SER B 82 1.63 -12.20 -19.90
N LYS B 83 1.63 -11.14 -19.10
CA LYS B 83 0.59 -10.13 -19.16
C LYS B 83 0.72 -9.34 -20.46
N ARG B 84 -0.40 -8.86 -20.96
N ARG B 84 -0.40 -8.83 -20.94
CA ARG B 84 -0.41 -8.10 -22.20
CA ARG B 84 -0.44 -8.03 -22.15
C ARG B 84 -0.74 -6.64 -21.92
C ARG B 84 -0.62 -6.56 -21.79
N ASP C 1 -3.19 -46.86 29.94
CA ASP C 1 -3.14 -45.66 29.12
C ASP C 1 -2.19 -44.62 29.70
N VAL C 2 -1.71 -43.71 28.83
CA VAL C 2 -0.83 -42.62 29.22
C VAL C 2 -1.47 -41.31 28.75
N TYR C 3 -1.53 -40.33 29.65
CA TYR C 3 -1.98 -39.00 29.30
C TYR C 3 -0.79 -38.09 29.00
N GLN C 4 -0.92 -37.29 27.94
CA GLN C 4 0.09 -36.31 27.58
C GLN C 4 -0.61 -35.00 27.24
N GLU C 5 -0.13 -33.90 27.82
CA GLU C 5 -0.64 -32.61 27.45
C GLU C 5 -0.28 -32.31 25.99
N PRO C 6 -0.93 -31.33 25.38
CA PRO C 6 -0.69 -31.08 23.95
C PRO C 6 0.73 -30.62 23.69
N THR C 7 1.21 -30.94 22.48
CA THR C 7 2.58 -30.62 22.06
C THR C 7 2.65 -29.38 21.18
N ASP C 8 1.53 -28.71 20.96
CA ASP C 8 1.51 -27.59 20.02
C ASP C 8 2.55 -26.54 20.41
N PRO C 9 3.14 -25.85 19.43
CA PRO C 9 4.29 -24.98 19.74
C PRO C 9 3.98 -23.85 20.70
N LYS C 10 2.74 -23.35 20.73
CA LYS C 10 2.39 -22.24 21.61
C LYS C 10 1.68 -22.68 22.88
N PHE C 11 1.49 -23.98 23.09
CA PHE C 11 0.78 -24.42 24.30
C PHE C 11 1.50 -24.02 25.58
N PRO C 12 2.83 -24.08 25.67
CA PRO C 12 3.49 -23.58 26.89
C PRO C 12 3.21 -22.11 27.17
N GLN C 13 2.86 -21.32 26.15
CA GLN C 13 2.51 -19.92 26.36
C GLN C 13 1.06 -19.73 26.77
N GLN C 14 0.25 -20.78 26.73
CA GLN C 14 -1.14 -20.70 27.19
C GLN C 14 -1.17 -20.95 28.69
N TRP C 15 -0.61 -19.96 29.40
CA TRP C 15 -0.43 -20.04 30.85
C TRP C 15 -1.74 -20.28 31.58
N TYR C 16 -2.86 -19.87 30.99
CA TYR C 16 -4.16 -19.96 31.63
C TYR C 16 -4.79 -21.35 31.50
N LEU C 17 -4.35 -22.14 30.53
CA LEU C 17 -4.87 -23.51 30.43
C LEU C 17 -4.20 -24.42 31.43
N SER C 18 -2.87 -24.33 31.55
CA SER C 18 -2.13 -25.21 32.43
C SER C 18 -0.91 -24.48 32.95
N GLY C 19 -0.51 -24.84 34.17
CA GLY C 19 0.71 -24.33 34.77
C GLY C 19 1.12 -25.21 35.92
N VAL C 20 2.35 -24.97 36.40
CA VAL C 20 2.85 -25.73 37.55
C VAL C 20 2.00 -25.44 38.77
N THR C 21 1.58 -24.18 38.92
CA THR C 21 0.78 -23.78 40.06
C THR C 21 -0.69 -24.14 39.85
N GLN C 22 -1.50 -23.69 40.79
CA GLN C 22 -2.95 -23.75 40.68
C GLN C 22 -3.53 -22.54 39.95
N ARG C 23 -2.70 -21.54 39.60
CA ARG C 23 -3.16 -20.27 39.04
C ARG C 23 -3.42 -20.41 37.54
N ASP C 24 -4.42 -21.23 37.23
CA ASP C 24 -4.86 -21.45 35.86
C ASP C 24 -6.30 -21.95 35.92
N LEU C 25 -6.87 -22.29 34.77
CA LEU C 25 -8.25 -22.73 34.70
C LEU C 25 -8.42 -24.23 34.94
N ASN C 26 -7.34 -24.93 35.29
CA ASN C 26 -7.40 -26.36 35.60
C ASN C 26 -8.02 -27.15 34.45
N VAL C 27 -7.63 -26.81 33.23
CA VAL C 27 -8.20 -27.47 32.06
C VAL C 27 -7.50 -28.79 31.78
N LYS C 28 -6.20 -28.85 32.02
CA LYS C 28 -5.46 -30.10 31.82
C LYS C 28 -6.06 -31.23 32.66
N ALA C 29 -6.55 -30.91 33.86
CA ALA C 29 -7.21 -31.93 34.68
C ALA C 29 -8.48 -32.44 34.02
N ALA C 30 -9.21 -31.57 33.32
CA ALA C 30 -10.39 -32.01 32.59
C ALA C 30 -10.01 -32.89 31.41
N TRP C 31 -8.94 -32.53 30.70
CA TRP C 31 -8.45 -33.36 29.60
C TRP C 31 -8.04 -34.74 30.11
N ALA C 32 -7.34 -34.79 31.24
CA ALA C 32 -6.89 -36.06 31.80
C ALA C 32 -8.05 -36.91 32.31
N GLN C 33 -9.19 -36.30 32.60
CA GLN C 33 -10.39 -37.07 32.92
C GLN C 33 -11.07 -37.62 31.66
N GLY C 34 -10.55 -37.33 30.48
CA GLY C 34 -11.07 -37.86 29.24
C GLY C 34 -11.99 -36.95 28.47
N TYR C 35 -12.10 -35.68 28.84
CA TYR C 35 -13.06 -34.76 28.22
C TYR C 35 -12.33 -33.73 27.38
N THR C 36 -12.70 -33.65 26.11
CA THR C 36 -12.09 -32.74 25.16
C THR C 36 -13.11 -31.95 24.34
N GLY C 37 -14.40 -32.14 24.58
CA GLY C 37 -15.43 -31.49 23.79
C GLY C 37 -15.94 -32.30 22.63
N HIS C 38 -15.52 -33.56 22.49
CA HIS C 38 -16.00 -34.38 21.39
C HIS C 38 -17.53 -34.50 21.46
N GLY C 39 -18.17 -34.33 20.30
CA GLY C 39 -19.62 -34.35 20.22
C GLY C 39 -20.30 -33.04 20.54
N ILE C 40 -19.57 -32.00 20.93
CA ILE C 40 -20.15 -30.72 21.34
C ILE C 40 -19.94 -29.71 20.22
N VAL C 41 -20.91 -28.83 20.03
CA VAL C 41 -20.92 -27.85 18.94
C VAL C 41 -21.04 -26.46 19.53
N VAL C 42 -20.06 -25.61 19.26
CA VAL C 42 -20.04 -24.22 19.70
C VAL C 42 -20.08 -23.32 18.48
N SER C 43 -20.75 -22.17 18.61
CA SER C 43 -20.81 -21.19 17.55
C SER C 43 -20.44 -19.81 18.08
N ILE C 44 -19.54 -19.13 17.37
CA ILE C 44 -19.11 -17.80 17.74
C ILE C 44 -19.96 -16.79 16.98
N LEU C 45 -20.69 -15.95 17.71
CA LEU C 45 -21.49 -14.87 17.11
C LEU C 45 -20.63 -13.62 17.11
N ASP C 46 -20.05 -13.30 15.95
CA ASP C 46 -19.06 -12.23 15.87
C ASP C 46 -18.94 -11.72 14.43
N ASP C 47 -17.74 -11.41 13.98
CA ASP C 47 -17.51 -10.83 12.66
C ASP C 47 -17.11 -11.86 11.62
N GLY C 48 -17.34 -13.14 11.89
CA GLY C 48 -16.99 -14.22 10.98
C GLY C 48 -15.94 -15.13 11.57
N ILE C 49 -15.70 -16.23 10.86
CA ILE C 49 -14.71 -17.21 11.26
C ILE C 49 -13.94 -17.67 10.03
N GLU C 50 -12.61 -17.67 10.13
CA GLU C 50 -11.73 -18.11 9.06
C GLU C 50 -11.76 -19.63 9.04
N LYS C 51 -12.75 -20.20 8.33
CA LYS C 51 -12.98 -21.63 8.39
C LYS C 51 -11.80 -22.43 7.83
N ASN C 52 -10.96 -21.81 7.00
CA ASN C 52 -9.80 -22.48 6.42
C ASN C 52 -8.54 -22.32 7.26
N HIS C 53 -8.63 -21.69 8.43
CA HIS C 53 -7.44 -21.53 9.26
C HIS C 53 -6.85 -22.91 9.57
N PRO C 54 -5.52 -23.06 9.50
CA PRO C 54 -4.93 -24.39 9.74
C PRO C 54 -5.23 -24.98 11.11
N ASP C 55 -5.50 -24.15 12.13
CA ASP C 55 -5.83 -24.65 13.46
C ASP C 55 -7.33 -24.70 13.72
N LEU C 56 -8.16 -24.42 12.71
CA LEU C 56 -9.60 -24.47 12.86
C LEU C 56 -10.29 -25.41 11.88
N ALA C 57 -9.74 -25.60 10.67
CA ALA C 57 -10.43 -26.35 9.64
C ALA C 57 -10.77 -27.76 10.11
N GLY C 58 -9.86 -28.41 10.82
CA GLY C 58 -10.12 -29.76 11.29
C GLY C 58 -11.38 -29.88 12.13
N ASN C 59 -11.79 -28.78 12.78
CA ASN C 59 -12.96 -28.78 13.65
C ASN C 59 -14.12 -27.94 13.11
N TYR C 60 -13.96 -27.29 11.96
CA TYR C 60 -14.99 -26.37 11.49
C TYR C 60 -16.28 -27.13 11.15
N ASP C 61 -17.41 -26.51 11.46
CA ASP C 61 -18.72 -27.13 11.27
C ASP C 61 -19.62 -26.17 10.49
N PRO C 62 -19.85 -26.42 9.20
CA PRO C 62 -20.73 -25.52 8.43
C PRO C 62 -22.15 -25.49 8.96
N GLY C 63 -22.59 -26.56 9.62
CA GLY C 63 -23.92 -26.60 10.21
C GLY C 63 -24.08 -25.76 11.46
N ALA C 64 -22.98 -25.22 11.98
CA ALA C 64 -23.02 -24.29 13.10
C ALA C 64 -22.77 -22.86 12.66
N SER C 65 -22.83 -22.58 11.37
CA SER C 65 -22.36 -21.33 10.81
C SER C 65 -23.40 -20.73 9.88
N PHE C 66 -23.34 -19.40 9.75
CA PHE C 66 -24.14 -18.68 8.77
C PHE C 66 -23.60 -17.27 8.67
N ASP C 67 -23.85 -16.64 7.52
CA ASP C 67 -23.48 -15.25 7.28
C ASP C 67 -24.78 -14.46 7.24
N VAL C 68 -25.15 -13.88 8.39
CA VAL C 68 -26.37 -13.08 8.48
C VAL C 68 -26.19 -11.73 7.80
N ASN C 69 -24.96 -11.22 7.76
CA ASN C 69 -24.75 -9.89 7.19
C ASN C 69 -24.99 -9.88 5.68
N ASP C 70 -24.55 -10.92 4.99
CA ASP C 70 -24.72 -11.01 3.54
C ASP C 70 -25.75 -12.04 3.12
N GLN C 71 -26.39 -12.72 4.08
CA GLN C 71 -27.41 -13.73 3.78
C GLN C 71 -26.85 -14.84 2.89
N ASP C 72 -25.84 -15.53 3.40
CA ASP C 72 -25.30 -16.71 2.74
C ASP C 72 -24.75 -17.64 3.82
N PRO C 73 -24.48 -18.90 3.47
CA PRO C 73 -24.02 -19.85 4.49
C PRO C 73 -22.55 -19.75 4.84
N ASP C 74 -21.78 -18.93 4.13
CA ASP C 74 -20.33 -18.89 4.27
C ASP C 74 -19.93 -17.75 5.19
N PRO C 75 -19.49 -18.02 6.44
CA PRO C 75 -19.18 -16.93 7.37
C PRO C 75 -17.76 -16.39 7.25
N GLN C 76 -17.13 -16.60 6.10
CA GLN C 76 -15.76 -16.16 5.92
C GLN C 76 -15.64 -14.67 6.26
N PRO C 77 -14.61 -14.26 7.00
CA PRO C 77 -14.49 -12.83 7.34
C PRO C 77 -14.15 -12.01 6.11
N ARG C 78 -14.51 -10.73 6.18
CA ARG C 78 -14.13 -9.76 5.16
C ARG C 78 -12.74 -9.24 5.48
N TYR C 79 -11.81 -9.44 4.55
CA TYR C 79 -10.42 -9.07 4.77
C TYR C 79 -10.20 -7.59 4.49
N THR C 80 -9.54 -6.91 5.43
CA THR C 80 -9.21 -5.50 5.32
C THR C 80 -7.76 -5.31 5.72
N GLN C 81 -7.22 -4.14 5.37
CA GLN C 81 -5.80 -3.87 5.65
C GLN C 81 -5.50 -3.97 7.15
N MET C 82 -6.39 -3.48 8.00
CA MET C 82 -6.16 -3.48 9.44
C MET C 82 -6.76 -4.71 10.14
N ASN C 83 -7.24 -5.69 9.39
CA ASN C 83 -7.71 -6.95 9.98
C ASN C 83 -8.83 -6.71 10.99
N ASP C 84 -9.74 -5.81 10.64
CA ASP C 84 -10.84 -5.46 11.53
C ASP C 84 -11.69 -6.68 11.90
N ASN C 85 -11.87 -7.60 10.96
CA ASN C 85 -12.78 -8.73 11.15
C ASN C 85 -12.07 -10.00 11.59
N ARG C 86 -11.01 -9.85 12.41
CA ARG C 86 -10.27 -10.97 12.98
C ARG C 86 -10.91 -11.52 14.24
N HIS C 87 -11.92 -10.85 14.79
CA HIS C 87 -12.33 -11.09 16.16
C HIS C 87 -12.95 -12.48 16.33
N GLY C 88 -13.88 -12.84 15.46
CA GLY C 88 -14.50 -14.15 15.57
C GLY C 88 -13.49 -15.28 15.44
N THR C 89 -12.44 -15.06 14.66
CA THR C 89 -11.40 -16.09 14.50
C THR C 89 -10.56 -16.22 15.75
N ARG C 90 -10.31 -15.11 16.46
CA ARG C 90 -9.58 -15.20 17.72
C ARG C 90 -10.38 -15.93 18.78
N CYS C 91 -11.68 -15.62 18.87
CA CYS C 91 -12.52 -16.30 19.85
C CYS C 91 -12.69 -17.78 19.50
N ALA C 92 -12.81 -18.10 18.21
CA ALA C 92 -13.02 -19.49 17.81
C ALA C 92 -11.86 -20.37 18.23
N GLY C 93 -10.63 -19.87 18.10
CA GLY C 93 -9.47 -20.67 18.45
C GLY C 93 -9.35 -20.93 19.94
N GLU C 94 -9.84 -20.00 20.77
CA GLU C 94 -9.84 -20.24 22.21
C GLU C 94 -10.71 -21.44 22.57
N VAL C 95 -11.84 -21.58 21.86
CA VAL C 95 -12.76 -22.68 22.14
C VAL C 95 -12.21 -24.00 21.59
N ALA C 96 -11.83 -24.01 20.31
CA ALA C 96 -11.67 -25.29 19.62
C ALA C 96 -10.53 -25.31 18.61
N ALA C 97 -9.44 -24.61 18.87
CA ALA C 97 -8.25 -24.77 18.04
C ALA C 97 -7.73 -26.20 18.13
N VAL C 98 -7.29 -26.74 17.00
CA VAL C 98 -6.87 -28.14 16.93
C VAL C 98 -5.60 -28.35 17.74
N ALA C 99 -5.52 -29.52 18.38
CA ALA C 99 -4.41 -29.89 19.25
C ALA C 99 -3.48 -30.87 18.56
N ASN C 100 -2.21 -30.84 18.97
CA ASN C 100 -1.20 -31.82 18.55
C ASN C 100 -1.06 -31.84 17.03
N ASN C 101 -1.12 -30.65 16.41
CA ASN C 101 -0.96 -30.52 14.96
C ASN C 101 0.18 -29.58 14.60
N GLY C 102 1.05 -29.25 15.55
CA GLY C 102 2.19 -28.39 15.27
C GLY C 102 1.86 -26.96 14.91
N VAL C 103 0.63 -26.52 15.14
CA VAL C 103 0.18 -25.18 14.75
C VAL C 103 -0.29 -24.44 16.00
N CYS C 104 0.24 -23.23 16.20
N CYS C 104 0.19 -23.20 16.16
CA CYS C 104 -0.20 -22.31 17.24
CA CYS C 104 -0.24 -22.29 17.22
C CYS C 104 -0.42 -23.03 18.57
C CYS C 104 -0.44 -23.04 18.54
N GLY C 105 -1.59 -22.85 19.18
CA GLY C 105 -1.88 -23.50 20.45
C GLY C 105 -3.01 -24.50 20.38
N VAL C 106 -3.85 -24.56 21.42
CA VAL C 106 -4.98 -25.48 21.46
C VAL C 106 -6.19 -24.75 22.01
N GLY C 107 -7.37 -25.22 21.62
CA GLY C 107 -8.59 -24.76 22.25
C GLY C 107 -8.86 -25.52 23.54
N VAL C 108 -9.68 -24.90 24.40
CA VAL C 108 -10.10 -25.57 25.63
C VAL C 108 -10.80 -26.87 25.29
N ALA C 109 -11.67 -26.84 24.28
CA ALA C 109 -12.41 -28.01 23.82
C ALA C 109 -11.91 -28.36 22.43
N TYR C 110 -10.66 -28.84 22.36
CA TYR C 110 -9.97 -28.99 21.08
C TYR C 110 -10.53 -30.12 20.20
N ASN C 111 -11.51 -30.89 20.68
CA ASN C 111 -12.20 -31.87 19.85
C ASN C 111 -13.63 -31.47 19.55
N ALA C 112 -14.09 -30.34 20.08
CA ALA C 112 -15.41 -29.82 19.72
C ALA C 112 -15.44 -29.41 18.26
N ARG C 113 -16.65 -29.36 17.71
CA ARG C 113 -16.90 -28.72 16.43
C ARG C 113 -17.18 -27.24 16.68
N ILE C 114 -16.69 -26.40 15.78
CA ILE C 114 -16.74 -24.95 15.97
C ILE C 114 -17.28 -24.30 14.70
N GLY C 115 -18.17 -23.33 14.88
CA GLY C 115 -18.73 -22.57 13.78
C GLY C 115 -18.79 -21.11 14.13
N GLY C 116 -19.18 -20.31 13.15
CA GLY C 116 -19.29 -18.88 13.33
C GLY C 116 -20.49 -18.29 12.64
N VAL C 117 -21.12 -17.31 13.28
CA VAL C 117 -22.19 -16.54 12.68
C VAL C 117 -21.63 -15.16 12.39
N ARG C 118 -21.46 -14.86 11.10
CA ARG C 118 -21.00 -13.54 10.68
C ARG C 118 -22.19 -12.59 10.78
N MET C 119 -22.21 -11.78 11.84
CA MET C 119 -23.36 -10.92 12.10
C MET C 119 -23.01 -9.53 12.64
N LEU C 120 -21.74 -9.25 12.96
CA LEU C 120 -21.36 -7.91 13.41
C LEU C 120 -20.85 -7.02 12.28
N ASP C 121 -20.47 -7.59 11.14
CA ASP C 121 -19.84 -6.83 10.06
C ASP C 121 -20.93 -6.33 9.10
N GLY C 122 -21.80 -5.49 9.64
CA GLY C 122 -22.92 -4.97 8.87
C GLY C 122 -23.82 -4.16 9.76
N GLU C 123 -25.07 -4.02 9.32
CA GLU C 123 -26.07 -3.27 10.05
C GLU C 123 -26.77 -4.23 11.00
N VAL C 124 -26.57 -4.03 12.30
CA VAL C 124 -27.08 -4.95 13.33
C VAL C 124 -28.44 -4.45 13.78
N THR C 125 -29.49 -5.16 13.39
CA THR C 125 -30.84 -4.89 13.82
C THR C 125 -31.26 -5.89 14.91
N ASP C 126 -32.45 -5.67 15.47
CA ASP C 126 -33.01 -6.66 16.37
C ASP C 126 -33.18 -7.99 15.67
N ALA C 127 -33.58 -7.98 14.40
CA ALA C 127 -33.76 -9.22 13.65
C ALA C 127 -32.43 -9.93 13.44
N VAL C 128 -31.36 -9.19 13.14
CA VAL C 128 -30.05 -9.80 12.99
C VAL C 128 -29.66 -10.55 14.25
N GLU C 129 -29.80 -9.90 15.40
CA GLU C 129 -29.43 -10.53 16.67
C GLU C 129 -30.28 -11.78 16.93
N ALA C 130 -31.59 -11.67 16.74
CA ALA C 130 -32.47 -12.81 16.97
C ALA C 130 -32.13 -13.97 16.06
N ARG C 131 -31.81 -13.68 14.80
CA ARG C 131 -31.48 -14.75 13.86
C ARG C 131 -30.20 -15.46 14.25
N SER C 132 -29.22 -14.71 14.77
CA SER C 132 -27.95 -15.32 15.17
C SER C 132 -28.12 -16.16 16.42
N LEU C 133 -28.86 -15.65 17.42
CA LEU C 133 -29.05 -16.37 18.66
C LEU C 133 -29.85 -17.65 18.47
N GLY C 134 -30.77 -17.65 17.50
CA GLY C 134 -31.63 -18.80 17.28
C GLY C 134 -31.25 -19.66 16.09
N LEU C 135 -30.00 -19.58 15.65
CA LEU C 135 -29.54 -20.39 14.54
C LEU C 135 -29.42 -21.86 14.96
N ASN C 136 -30.06 -22.74 14.19
CA ASN C 136 -29.94 -24.20 14.30
C ASN C 136 -29.88 -24.65 15.76
N PRO C 137 -30.89 -24.35 16.57
CA PRO C 137 -30.79 -24.55 18.02
C PRO C 137 -30.85 -26.02 18.45
N ASN C 138 -31.16 -26.95 17.56
CA ASN C 138 -31.08 -28.37 17.88
C ASN C 138 -29.80 -29.00 17.35
N HIS C 139 -28.91 -28.20 16.80
CA HIS C 139 -27.56 -28.63 16.42
C HIS C 139 -26.49 -27.93 17.22
N ILE C 140 -26.54 -26.59 17.28
CA ILE C 140 -25.61 -25.83 18.10
C ILE C 140 -25.99 -26.00 19.56
N HIS C 141 -25.00 -26.30 20.40
CA HIS C 141 -25.24 -26.45 21.83
C HIS C 141 -24.91 -25.18 22.62
N ILE C 142 -23.80 -24.52 22.29
CA ILE C 142 -23.31 -23.37 23.04
C ILE C 142 -23.12 -22.21 22.07
N TYR C 143 -23.63 -21.05 22.46
CA TYR C 143 -23.43 -19.80 21.72
C TYR C 143 -22.54 -18.89 22.52
N SER C 144 -21.49 -18.37 21.89
CA SER C 144 -20.52 -17.50 22.54
C SER C 144 -20.58 -16.14 21.87
N ALA C 145 -20.81 -15.09 22.68
CA ALA C 145 -20.94 -13.74 22.17
C ALA C 145 -20.17 -12.78 23.06
N SER C 146 -19.30 -11.98 22.46
N SER C 146 -19.28 -12.02 22.44
CA SER C 146 -18.50 -11.03 23.22
CA SER C 146 -18.46 -11.03 23.12
C SER C 146 -18.96 -9.59 23.07
C SER C 146 -18.72 -9.65 22.51
N TRP C 147 -19.94 -9.32 22.21
N TRP C 147 -19.99 -9.29 22.40
CA TRP C 147 -20.35 -7.97 21.88
CA TRP C 147 -20.39 -7.99 21.88
C TRP C 147 -21.49 -7.49 22.77
C TRP C 147 -21.61 -7.52 22.64
N GLY C 148 -21.81 -6.20 22.65
CA GLY C 148 -22.90 -5.62 23.39
C GLY C 148 -22.97 -4.12 23.22
N PRO C 149 -23.83 -3.48 24.00
CA PRO C 149 -23.96 -2.02 23.91
C PRO C 149 -22.64 -1.32 24.19
N GLU C 150 -22.52 -0.10 23.67
CA GLU C 150 -21.32 0.69 23.84
C GLU C 150 -20.91 0.75 25.32
N ASP C 151 -19.62 0.58 25.57
CA ASP C 151 -19.05 0.57 26.92
C ASP C 151 -18.51 1.95 27.30
N ASP C 152 -19.29 3.00 27.06
CA ASP C 152 -18.84 4.35 27.38
C ASP C 152 -19.26 4.79 28.78
N GLY C 153 -19.86 3.90 29.57
CA GLY C 153 -20.33 4.27 30.89
C GLY C 153 -21.49 5.25 30.89
N LYS C 154 -22.11 5.46 29.72
CA LYS C 154 -23.27 6.33 29.59
C LYS C 154 -24.52 5.61 29.11
N THR C 155 -24.38 4.40 28.61
CA THR C 155 -25.45 3.74 27.87
C THR C 155 -26.23 2.77 28.74
N VAL C 156 -27.54 2.74 28.54
CA VAL C 156 -28.41 1.71 29.08
C VAL C 156 -29.12 1.09 27.88
N ASP C 157 -28.82 -0.18 27.61
CA ASP C 157 -29.37 -0.83 26.42
C ASP C 157 -29.30 -2.34 26.61
N GLY C 158 -30.24 -3.03 25.99
CA GLY C 158 -30.32 -4.48 26.07
C GLY C 158 -31.01 -5.04 24.84
N PRO C 159 -31.30 -6.34 24.86
CA PRO C 159 -31.97 -6.94 23.70
C PRO C 159 -33.38 -6.40 23.53
N ALA C 160 -33.74 -6.15 22.26
CA ALA C 160 -35.08 -5.71 21.93
C ALA C 160 -35.99 -6.94 21.83
N ARG C 161 -37.21 -6.75 21.32
CA ARG C 161 -38.24 -7.78 21.45
C ARG C 161 -37.83 -9.09 20.78
N LEU C 162 -37.24 -9.03 19.58
CA LEU C 162 -36.90 -10.27 18.88
C LEU C 162 -35.73 -10.99 19.56
N ALA C 163 -34.67 -10.26 19.89
CA ALA C 163 -33.55 -10.89 20.57
C ALA C 163 -33.97 -11.46 21.92
N GLU C 164 -34.82 -10.73 22.66
CA GLU C 164 -35.32 -11.24 23.92
C GLU C 164 -36.12 -12.51 23.70
N GLU C 165 -36.97 -12.54 22.67
CA GLU C 165 -37.75 -13.73 22.39
C GLU C 165 -36.85 -14.88 21.94
N ALA C 166 -35.79 -14.56 21.20
CA ALA C 166 -34.85 -15.58 20.78
C ALA C 166 -34.12 -16.18 21.97
N PHE C 167 -33.73 -15.35 22.94
CA PHE C 167 -33.14 -15.85 24.16
C PHE C 167 -34.07 -16.83 24.86
N PHE C 168 -35.32 -16.42 25.08
CA PHE C 168 -36.26 -17.28 25.78
C PHE C 168 -36.52 -18.56 25.00
N ARG C 169 -36.70 -18.43 23.68
CA ARG C 169 -36.90 -19.59 22.84
C ARG C 169 -35.73 -20.55 22.92
N GLY C 170 -34.50 -20.01 23.01
CA GLY C 170 -33.33 -20.86 23.07
C GLY C 170 -33.31 -21.71 24.33
N VAL C 171 -33.52 -21.08 25.48
CA VAL C 171 -33.38 -21.80 26.75
C VAL C 171 -34.55 -22.75 26.98
N SER C 172 -35.72 -22.44 26.43
CA SER C 172 -36.89 -23.28 26.68
C SER C 172 -36.98 -24.47 25.71
N GLN C 173 -36.64 -24.25 24.44
CA GLN C 173 -36.81 -25.28 23.42
C GLN C 173 -35.51 -25.75 22.78
N GLY C 174 -34.44 -24.98 22.85
CA GLY C 174 -33.19 -25.40 22.26
C GLY C 174 -32.67 -26.67 22.87
N ARG C 175 -31.79 -27.34 22.13
CA ARG C 175 -31.20 -28.62 22.56
C ARG C 175 -32.28 -29.60 23.02
N GLY C 176 -33.29 -29.79 22.17
CA GLY C 176 -34.36 -30.71 22.48
C GLY C 176 -35.00 -30.46 23.83
N GLY C 177 -35.07 -29.18 24.22
CA GLY C 177 -35.73 -28.79 25.46
C GLY C 177 -34.79 -28.57 26.63
N LEU C 178 -33.54 -29.03 26.53
CA LEU C 178 -32.58 -28.78 27.61
C LEU C 178 -32.18 -27.31 27.68
N GLY C 179 -32.17 -26.63 26.53
CA GLY C 179 -31.91 -25.20 26.49
C GLY C 179 -30.54 -24.83 25.95
N SER C 180 -30.50 -23.90 25.01
CA SER C 180 -29.24 -23.38 24.52
C SER C 180 -28.45 -22.74 25.66
N ILE C 181 -27.12 -22.87 25.58
N ILE C 181 -27.13 -22.84 25.58
CA ILE C 181 -26.21 -22.21 26.51
CA ILE C 181 -26.25 -22.19 26.54
C ILE C 181 -25.69 -20.95 25.83
C ILE C 181 -25.66 -20.96 25.86
N PHE C 182 -26.02 -19.79 26.37
CA PHE C 182 -25.51 -18.51 25.88
C PHE C 182 -24.45 -18.01 26.84
N VAL C 183 -23.21 -17.92 26.36
CA VAL C 183 -22.07 -17.45 27.16
C VAL C 183 -21.71 -16.06 26.67
N TRP C 184 -21.61 -15.11 27.61
CA TRP C 184 -21.48 -13.71 27.25
C TRP C 184 -20.35 -13.03 28.02
N ALA C 185 -19.69 -12.09 27.35
CA ALA C 185 -18.68 -11.26 27.99
C ALA C 185 -19.35 -10.11 28.75
N SER C 186 -18.81 -9.77 29.92
CA SER C 186 -19.45 -8.79 30.79
C SER C 186 -19.18 -7.35 30.39
N GLY C 187 -18.08 -7.08 29.68
CA GLY C 187 -17.84 -5.75 29.15
C GLY C 187 -16.44 -5.20 29.37
N ASN C 188 -16.05 -4.23 28.55
CA ASN C 188 -14.71 -3.64 28.59
C ASN C 188 -14.73 -2.17 29.02
N GLY C 189 -15.77 -1.73 29.72
CA GLY C 189 -15.91 -0.31 30.03
C GLY C 189 -15.25 0.15 31.31
N GLY C 190 -14.29 -0.63 31.84
CA GLY C 190 -13.72 -0.30 33.14
C GLY C 190 -13.13 1.09 33.20
N ARG C 191 -12.47 1.52 32.11
CA ARG C 191 -11.88 2.85 32.08
C ARG C 191 -12.93 3.93 32.28
N GLU C 192 -14.16 3.67 31.85
CA GLU C 192 -15.27 4.60 31.98
C GLU C 192 -16.13 4.32 33.20
N HIS C 193 -15.65 3.49 34.13
CA HIS C 193 -16.41 3.09 35.31
C HIS C 193 -17.80 2.60 34.93
N ASP C 194 -17.88 1.86 33.82
CA ASP C 194 -19.16 1.33 33.39
C ASP C 194 -19.62 0.22 34.34
N SER C 195 -20.93 -0.04 34.34
CA SER C 195 -21.55 -1.05 35.20
C SER C 195 -22.31 -2.02 34.33
N CYS C 196 -21.95 -3.31 34.38
CA CYS C 196 -22.48 -4.22 33.38
C CYS C 196 -23.96 -4.55 33.58
N ASN C 197 -24.59 -4.10 34.66
CA ASN C 197 -26.03 -4.28 34.78
C ASN C 197 -26.81 -3.32 33.88
N CYS C 198 -26.17 -2.29 33.33
CA CYS C 198 -26.77 -1.44 32.32
C CYS C 198 -26.65 -2.04 30.93
N ASP C 199 -26.25 -3.31 30.84
CA ASP C 199 -26.09 -4.07 29.61
C ASP C 199 -27.07 -5.24 29.68
N GLY C 200 -28.17 -5.15 28.93
CA GLY C 200 -29.23 -6.14 29.05
C GLY C 200 -28.87 -7.52 28.55
N TYR C 201 -27.80 -7.64 27.77
CA TYR C 201 -27.37 -8.95 27.30
C TYR C 201 -26.66 -9.71 28.41
N THR C 202 -25.62 -9.11 29.00
CA THR C 202 -24.94 -9.74 30.11
C THR C 202 -25.83 -9.80 31.34
N ASN C 203 -26.72 -8.80 31.52
CA ASN C 203 -27.62 -8.76 32.66
C ASN C 203 -28.74 -9.79 32.56
N SER C 204 -28.84 -10.52 31.46
CA SER C 204 -29.91 -11.50 31.27
C SER C 204 -29.68 -12.73 32.15
N ILE C 205 -30.77 -13.31 32.64
CA ILE C 205 -30.65 -14.58 33.35
C ILE C 205 -30.36 -15.71 32.37
N TYR C 206 -30.61 -15.49 31.08
CA TYR C 206 -30.42 -16.51 30.06
C TYR C 206 -29.00 -16.60 29.57
N THR C 207 -28.17 -15.62 29.85
CA THR C 207 -26.76 -15.63 29.48
C THR C 207 -25.91 -15.97 30.69
N LEU C 208 -24.84 -16.71 30.45
CA LEU C 208 -23.85 -17.03 31.48
C LEU C 208 -22.72 -16.02 31.29
N SER C 209 -22.69 -15.01 32.16
CA SER C 209 -21.82 -13.86 31.95
C SER C 209 -20.49 -14.05 32.64
N ILE C 210 -19.42 -13.62 31.96
CA ILE C 210 -18.05 -13.96 32.32
C ILE C 210 -17.22 -12.69 32.32
N SER C 211 -16.53 -12.44 33.42
CA SER C 211 -15.59 -11.34 33.54
C SER C 211 -14.16 -11.86 33.48
N SER C 212 -13.21 -10.94 33.58
CA SER C 212 -11.81 -11.24 33.36
C SER C 212 -11.00 -11.06 34.64
N ALA C 213 -9.84 -11.73 34.66
CA ALA C 213 -8.83 -11.54 35.69
C ALA C 213 -7.47 -11.54 35.00
N THR C 214 -6.56 -10.73 35.53
CA THR C 214 -5.21 -10.65 34.99
C THR C 214 -4.37 -11.84 35.45
N GLN C 215 -3.22 -12.02 34.78
CA GLN C 215 -2.35 -13.15 35.09
C GLN C 215 -2.00 -13.19 36.58
N PHE C 216 -1.76 -12.02 37.17
CA PHE C 216 -1.39 -11.95 38.58
C PHE C 216 -2.60 -12.00 39.51
N GLY C 217 -3.79 -12.26 38.97
CA GLY C 217 -4.96 -12.44 39.80
C GLY C 217 -5.67 -11.17 40.21
N ASN C 218 -5.64 -10.13 39.37
CA ASN C 218 -6.21 -8.85 39.71
C ASN C 218 -7.34 -8.48 38.74
N VAL C 219 -8.10 -7.47 39.13
CA VAL C 219 -9.21 -6.97 38.33
C VAL C 219 -8.64 -6.11 37.21
N PRO C 220 -8.81 -6.49 35.94
CA PRO C 220 -8.18 -5.72 34.85
C PRO C 220 -8.69 -4.29 34.79
N TRP C 221 -7.88 -3.42 34.19
CA TRP C 221 -8.25 -2.02 34.05
C TRP C 221 -9.57 -1.85 33.30
N TYR C 222 -9.87 -2.77 32.38
CA TYR C 222 -11.07 -2.67 31.54
C TYR C 222 -12.30 -3.30 32.16
N SER C 223 -12.18 -3.91 33.34
CA SER C 223 -13.26 -4.69 33.91
C SER C 223 -14.44 -3.82 34.33
N GLU C 224 -15.64 -4.36 34.16
CA GLU C 224 -16.88 -3.76 34.66
C GLU C 224 -17.42 -4.62 35.80
N ALA C 225 -17.78 -3.99 36.90
CA ALA C 225 -18.37 -4.68 38.03
C ALA C 225 -19.89 -4.64 37.94
N CYS C 226 -20.53 -5.74 38.32
CA CYS C 226 -21.99 -5.75 38.48
C CYS C 226 -22.38 -7.08 39.12
N SER C 227 -23.61 -7.11 39.62
CA SER C 227 -24.12 -8.30 40.31
C SER C 227 -24.59 -9.39 39.35
N SER C 228 -24.74 -9.10 38.06
CA SER C 228 -25.23 -10.09 37.12
C SER C 228 -24.16 -11.07 36.67
N THR C 229 -22.88 -10.71 36.82
CA THR C 229 -21.80 -11.60 36.41
C THR C 229 -21.84 -12.89 37.22
N LEU C 230 -21.56 -14.01 36.56
CA LEU C 230 -21.59 -15.31 37.23
C LEU C 230 -20.21 -15.84 37.59
N ALA C 231 -19.21 -15.66 36.72
CA ALA C 231 -17.90 -16.24 36.96
C ALA C 231 -16.86 -15.51 36.13
N THR C 232 -15.63 -16.04 36.12
CA THR C 232 -14.46 -15.34 35.62
C THR C 232 -13.54 -16.33 34.93
N THR C 233 -12.84 -15.85 33.90
CA THR C 233 -11.71 -16.56 33.33
C THR C 233 -10.58 -15.56 33.12
N TYR C 234 -9.39 -16.08 32.82
CA TYR C 234 -8.23 -15.22 32.65
C TYR C 234 -8.29 -14.48 31.33
N SER C 235 -7.74 -13.26 31.34
CA SER C 235 -7.53 -12.49 30.13
C SER C 235 -6.30 -11.60 30.29
N SER C 236 -6.25 -10.50 29.56
CA SER C 236 -5.09 -9.63 29.57
C SER C 236 -5.13 -8.68 30.76
N GLY C 237 -3.97 -8.06 31.02
CA GLY C 237 -3.82 -7.08 32.08
C GLY C 237 -2.84 -5.98 31.72
N ASN C 238 -1.84 -5.76 32.56
CA ASN C 238 -0.85 -4.73 32.30
C ASN C 238 0.23 -5.29 31.38
N GLN C 239 1.30 -4.52 31.18
CA GLN C 239 2.31 -4.88 30.19
C GLN C 239 3.37 -5.82 30.74
N ASN C 240 3.30 -6.18 32.01
CA ASN C 240 4.10 -7.27 32.57
C ASN C 240 3.35 -8.60 32.57
N GLU C 241 2.05 -8.57 32.31
CA GLU C 241 1.21 -9.77 32.36
C GLU C 241 0.97 -10.28 30.95
N LYS C 242 0.96 -11.60 30.80
CA LYS C 242 0.78 -12.22 29.50
C LYS C 242 -0.69 -12.17 29.11
N GLN C 243 -0.95 -12.43 27.83
CA GLN C 243 -2.28 -12.31 27.26
C GLN C 243 -2.68 -13.66 26.66
N ILE C 244 -3.76 -13.66 25.89
CA ILE C 244 -4.39 -14.90 25.43
C ILE C 244 -3.87 -15.26 24.05
N VAL C 245 -3.53 -16.53 23.88
CA VAL C 245 -2.90 -17.05 22.67
C VAL C 245 -3.95 -17.83 21.88
N THR C 246 -4.14 -17.47 20.62
CA THR C 246 -5.19 -18.10 19.83
C THR C 246 -4.90 -17.93 18.33
N THR C 247 -5.82 -18.45 17.53
CA THR C 247 -5.74 -18.31 16.08
C THR C 247 -6.08 -16.89 15.65
N ASP C 248 -5.35 -16.37 14.67
CA ASP C 248 -5.55 -15.01 14.19
C ASP C 248 -5.87 -15.03 12.70
N LEU C 249 -6.48 -13.93 12.25
CA LEU C 249 -6.86 -13.81 10.85
C LEU C 249 -5.66 -14.01 9.94
N ARG C 250 -5.92 -14.46 8.72
CA ARG C 250 -4.87 -14.72 7.74
C ARG C 250 -3.99 -15.88 8.17
N GLN C 251 -4.61 -16.91 8.77
CA GLN C 251 -3.95 -18.18 9.07
C GLN C 251 -2.74 -18.01 10.00
N LYS C 252 -2.79 -17.01 10.87
CA LYS C 252 -1.69 -16.67 11.76
C LYS C 252 -2.03 -17.07 13.19
N CYS C 253 -1.08 -16.80 14.09
N CYS C 253 -1.04 -16.91 14.07
CA CYS C 253 -1.20 -17.10 15.51
CA CYS C 253 -1.22 -17.07 15.50
C CYS C 253 -0.86 -15.84 16.31
C CYS C 253 -0.99 -15.73 16.18
N THR C 254 -1.72 -15.48 17.25
CA THR C 254 -1.53 -14.29 18.06
C THR C 254 -1.39 -14.66 19.53
N GLU C 255 -0.58 -13.87 20.24
CA GLU C 255 -0.45 -13.96 21.68
C GLU C 255 -0.92 -12.68 22.36
N SER C 256 -1.71 -11.86 21.66
N SER C 256 -1.72 -11.86 21.66
CA SER C 256 -2.13 -10.55 22.15
CA SER C 256 -2.12 -10.55 22.15
C SER C 256 -3.63 -10.37 22.05
C SER C 256 -3.64 -10.36 22.11
N HIS C 257 -4.39 -11.43 22.35
CA HIS C 257 -5.84 -11.33 22.45
C HIS C 257 -6.20 -10.84 23.85
N THR C 258 -7.08 -9.83 23.93
CA THR C 258 -7.28 -9.05 25.15
C THR C 258 -8.76 -8.87 25.44
N GLY C 259 -9.04 -8.31 26.62
CA GLY C 259 -10.40 -7.91 26.98
C GLY C 259 -11.26 -9.07 27.44
N THR C 260 -12.51 -8.73 27.78
CA THR C 260 -13.46 -9.76 28.18
C THR C 260 -13.93 -10.60 27.00
N SER C 261 -13.65 -10.19 25.76
CA SER C 261 -13.95 -11.05 24.63
C SER C 261 -13.06 -12.28 24.60
N ALA C 262 -11.91 -12.23 25.26
CA ALA C 262 -11.04 -13.39 25.37
C ALA C 262 -11.45 -14.29 26.53
N SER C 263 -12.21 -13.76 27.49
CA SER C 263 -12.61 -14.55 28.65
C SER C 263 -13.83 -15.41 28.36
N ALA C 264 -14.81 -14.88 27.62
CA ALA C 264 -16.04 -15.63 27.40
C ALA C 264 -15.80 -16.89 26.57
N PRO C 265 -15.04 -16.83 25.47
CA PRO C 265 -14.77 -18.08 24.73
C PRO C 265 -14.11 -19.16 25.57
N LEU C 266 -13.16 -18.79 26.44
CA LEU C 266 -12.57 -19.79 27.32
C LEU C 266 -13.63 -20.45 28.19
N ALA C 267 -14.58 -19.66 28.68
CA ALA C 267 -15.70 -20.22 29.44
C ALA C 267 -16.56 -21.11 28.56
N ALA C 268 -16.82 -20.68 27.32
CA ALA C 268 -17.54 -21.53 26.38
C ALA C 268 -16.86 -22.88 26.23
N GLY C 269 -15.52 -22.88 26.11
CA GLY C 269 -14.80 -24.14 25.98
C GLY C 269 -14.93 -25.01 27.21
N ILE C 270 -14.76 -24.42 28.39
CA ILE C 270 -14.95 -25.20 29.62
C ILE C 270 -16.35 -25.77 29.67
N ILE C 271 -17.35 -24.97 29.32
CA ILE C 271 -18.72 -25.46 29.31
C ILE C 271 -18.89 -26.57 28.27
N ALA C 272 -18.11 -26.54 27.20
CA ALA C 272 -18.15 -27.61 26.21
C ALA C 272 -17.61 -28.91 26.81
N LEU C 273 -16.46 -28.85 27.48
CA LEU C 273 -15.97 -30.01 28.21
C LEU C 273 -17.03 -30.53 29.17
N THR C 274 -17.72 -29.62 29.86
CA THR C 274 -18.71 -30.02 30.84
C THR C 274 -19.90 -30.71 30.20
N LEU C 275 -20.34 -30.22 29.04
CA LEU C 275 -21.47 -30.85 28.37
C LEU C 275 -21.11 -32.26 27.88
N GLU C 276 -19.87 -32.47 27.44
CA GLU C 276 -19.46 -33.83 27.07
C GLU C 276 -19.56 -34.76 28.27
N ALA C 277 -19.21 -34.27 29.46
CA ALA C 277 -19.27 -35.10 30.65
C ALA C 277 -20.71 -35.44 31.03
N ASN C 278 -21.68 -34.61 30.65
CA ASN C 278 -23.09 -34.90 30.91
C ASN C 278 -23.92 -34.14 29.89
N LYS C 279 -24.29 -34.81 28.79
CA LYS C 279 -25.03 -34.18 27.72
C LYS C 279 -26.47 -33.83 28.11
N ASN C 280 -26.94 -34.31 29.25
N ASN C 280 -26.96 -34.33 29.24
CA ASN C 280 -28.31 -34.06 29.70
CA ASN C 280 -28.33 -34.04 29.67
C ASN C 280 -28.43 -32.80 30.55
C ASN C 280 -28.43 -32.82 30.58
N LEU C 281 -27.35 -32.04 30.70
CA LEU C 281 -27.40 -30.83 31.51
C LEU C 281 -28.29 -29.77 30.85
N THR C 282 -29.14 -29.14 31.66
CA THR C 282 -29.96 -28.04 31.20
C THR C 282 -29.20 -26.72 31.31
N TRP C 283 -29.74 -25.69 30.66
CA TRP C 283 -29.11 -24.38 30.74
C TRP C 283 -29.00 -23.91 32.19
N ARG C 284 -29.96 -24.28 33.03
CA ARG C 284 -29.89 -23.93 34.45
C ARG C 284 -28.93 -24.83 35.21
N ASP C 285 -28.84 -26.12 34.86
CA ASP C 285 -27.84 -26.98 35.48
C ASP C 285 -26.45 -26.39 35.30
N MET C 286 -26.14 -25.93 34.09
CA MET C 286 -24.80 -25.42 33.81
C MET C 286 -24.47 -24.24 34.72
N GLN C 287 -25.45 -23.38 34.99
CA GLN C 287 -25.19 -22.24 35.87
C GLN C 287 -25.01 -22.71 37.31
N HIS C 288 -25.82 -23.67 37.77
CA HIS C 288 -25.60 -24.25 39.09
C HIS C 288 -24.19 -24.81 39.22
N LEU C 289 -23.71 -25.53 38.20
CA LEU C 289 -22.37 -26.10 38.26
C LEU C 289 -21.31 -25.00 38.41
N VAL C 290 -21.46 -23.91 37.66
CA VAL C 290 -20.51 -22.82 37.73
C VAL C 290 -20.47 -22.23 39.14
N VAL C 291 -21.63 -22.07 39.75
CA VAL C 291 -21.69 -21.47 41.09
C VAL C 291 -20.98 -22.37 42.10
N GLN C 292 -21.15 -23.68 41.97
CA GLN C 292 -20.67 -24.59 43.00
C GLN C 292 -19.18 -24.88 42.87
N THR C 293 -18.58 -24.67 41.70
CA THR C 293 -17.21 -25.11 41.45
C THR C 293 -16.22 -23.97 41.26
N SER C 294 -16.67 -22.73 41.07
CA SER C 294 -15.74 -21.63 40.80
C SER C 294 -14.96 -21.27 42.06
N LYS C 295 -13.73 -20.77 41.87
CA LYS C 295 -12.79 -20.55 42.97
C LYS C 295 -12.44 -19.08 43.13
N PRO C 296 -12.82 -18.44 44.24
CA PRO C 296 -12.32 -17.07 44.52
C PRO C 296 -10.84 -17.01 44.86
N ALA C 297 -10.22 -18.14 45.21
CA ALA C 297 -8.99 -18.12 46.00
C ALA C 297 -7.88 -17.28 45.36
N HIS C 298 -7.67 -17.44 44.06
CA HIS C 298 -6.53 -16.78 43.41
C HIS C 298 -6.80 -15.35 42.99
N LEU C 299 -7.99 -14.83 43.23
CA LEU C 299 -8.40 -13.56 42.66
C LEU C 299 -8.43 -12.50 43.74
N ASN C 300 -7.69 -11.42 43.51
CA ASN C 300 -7.67 -10.27 44.40
C ASN C 300 -8.84 -9.37 44.06
N ALA C 301 -9.71 -9.10 45.03
CA ALA C 301 -10.85 -8.23 44.82
C ALA C 301 -10.98 -7.27 45.99
N ASN C 302 -11.66 -6.16 45.71
CA ASN C 302 -11.94 -5.17 46.74
C ASN C 302 -13.19 -5.48 47.54
N ASP C 303 -14.05 -6.39 47.05
CA ASP C 303 -15.40 -6.53 47.59
C ASP C 303 -15.82 -7.99 47.77
N TRP C 304 -14.88 -8.90 47.99
CA TRP C 304 -15.27 -10.27 48.33
C TRP C 304 -16.19 -10.25 49.54
N ALA C 305 -17.38 -10.82 49.40
CA ALA C 305 -18.33 -10.91 50.49
C ALA C 305 -18.99 -12.29 50.49
N THR C 306 -19.13 -12.86 51.68
CA THR C 306 -19.78 -14.14 51.84
C THR C 306 -21.30 -13.95 51.83
N ASN C 307 -22.00 -14.75 51.01
CA ASN C 307 -23.43 -14.60 50.88
C ASN C 307 -24.15 -15.48 51.90
N GLY C 308 -25.47 -15.64 51.73
CA GLY C 308 -26.28 -16.31 52.74
C GLY C 308 -26.02 -17.79 52.90
N VAL C 309 -25.39 -18.42 51.91
CA VAL C 309 -25.11 -19.86 51.98
C VAL C 309 -23.61 -20.13 52.09
N GLY C 310 -22.81 -19.11 52.42
CA GLY C 310 -21.41 -19.31 52.70
C GLY C 310 -20.47 -19.23 51.53
N ARG C 311 -20.94 -18.81 50.36
CA ARG C 311 -20.07 -18.67 49.20
C ARG C 311 -19.56 -17.23 49.09
N LYS C 312 -18.26 -17.11 48.81
CA LYS C 312 -17.68 -15.80 48.53
C LYS C 312 -18.11 -15.34 47.14
N VAL C 313 -18.44 -14.06 47.03
CA VAL C 313 -18.91 -13.50 45.76
C VAL C 313 -18.39 -12.07 45.62
N SER C 314 -18.01 -11.72 44.40
CA SER C 314 -17.50 -10.39 44.08
C SER C 314 -18.24 -9.84 42.87
N HIS C 315 -18.42 -8.52 42.85
CA HIS C 315 -19.04 -7.89 41.69
C HIS C 315 -18.10 -7.82 40.49
N SER C 316 -16.80 -7.95 40.72
CA SER C 316 -15.83 -8.02 39.62
C SER C 316 -15.70 -9.43 39.06
N TYR C 317 -16.04 -10.45 39.84
CA TYR C 317 -15.71 -11.83 39.49
C TYR C 317 -16.89 -12.79 39.56
N GLY C 318 -18.04 -12.39 40.07
CA GLY C 318 -19.07 -13.37 40.38
C GLY C 318 -18.56 -14.35 41.43
N TYR C 319 -18.71 -15.64 41.16
CA TYR C 319 -18.31 -16.67 42.10
C TYR C 319 -16.87 -17.12 41.92
N GLY C 320 -16.12 -16.48 41.02
CA GLY C 320 -14.69 -16.69 40.95
C GLY C 320 -14.23 -17.33 39.65
N LEU C 321 -13.01 -17.85 39.68
CA LEU C 321 -12.40 -18.43 38.50
C LEU C 321 -13.05 -19.76 38.16
N LEU C 322 -13.36 -19.96 36.88
CA LEU C 322 -13.84 -21.27 36.45
C LEU C 322 -12.78 -22.33 36.71
N ASP C 323 -13.24 -23.53 37.07
CA ASP C 323 -12.37 -24.66 37.39
C ASP C 323 -12.86 -25.83 36.52
N ALA C 324 -12.20 -26.05 35.38
CA ALA C 324 -12.69 -27.03 34.42
C ALA C 324 -12.67 -28.43 35.01
N GLY C 325 -11.60 -28.80 35.70
CA GLY C 325 -11.54 -30.11 36.33
C GLY C 325 -12.69 -30.35 37.28
N ALA C 326 -13.01 -29.36 38.11
CA ALA C 326 -14.13 -29.50 39.05
C ALA C 326 -15.45 -29.54 38.30
N MET C 327 -15.57 -28.75 37.23
CA MET C 327 -16.81 -28.71 36.46
C MET C 327 -17.15 -30.06 35.87
N VAL C 328 -16.19 -30.69 35.18
CA VAL C 328 -16.47 -31.98 34.55
C VAL C 328 -16.70 -33.05 35.61
N ALA C 329 -15.95 -32.99 36.72
CA ALA C 329 -16.13 -33.98 37.78
C ALA C 329 -17.54 -33.92 38.36
N LEU C 330 -18.03 -32.72 38.67
CA LEU C 330 -19.34 -32.60 39.30
C LEU C 330 -20.47 -32.85 38.31
N ALA C 331 -20.23 -32.63 37.02
CA ALA C 331 -21.28 -32.79 36.04
C ALA C 331 -21.72 -34.25 35.88
N GLN C 332 -20.80 -35.20 36.05
CA GLN C 332 -21.07 -36.56 35.62
C GLN C 332 -22.31 -37.15 36.28
N ASN C 333 -22.39 -37.06 37.61
CA ASN C 333 -23.53 -37.59 38.36
C ASN C 333 -24.44 -36.47 38.88
N TRP C 334 -24.48 -35.34 38.17
CA TRP C 334 -25.33 -34.23 38.57
C TRP C 334 -26.80 -34.57 38.41
N THR C 335 -27.61 -34.25 39.42
CA THR C 335 -29.05 -34.46 39.37
C THR C 335 -29.73 -33.21 38.82
N THR C 336 -30.45 -33.37 37.71
CA THR C 336 -31.09 -32.23 37.06
C THR C 336 -31.98 -31.47 38.04
N VAL C 337 -31.85 -30.13 38.02
CA VAL C 337 -32.64 -29.31 38.93
C VAL C 337 -34.12 -29.36 38.52
N ALA C 338 -34.97 -29.08 39.49
CA ALA C 338 -36.41 -29.02 39.27
C ALA C 338 -36.76 -27.89 38.31
N PRO C 339 -37.97 -27.87 37.76
CA PRO C 339 -38.31 -26.83 36.78
C PRO C 339 -38.28 -25.43 37.38
N GLN C 340 -37.86 -24.48 36.56
CA GLN C 340 -37.76 -23.09 37.01
C GLN C 340 -39.12 -22.55 37.44
N ARG C 341 -39.13 -21.83 38.56
CA ARG C 341 -40.30 -21.12 39.03
C ARG C 341 -40.00 -19.62 39.03
N LYS C 342 -41.07 -18.82 39.00
CA LYS C 342 -40.93 -17.36 38.91
C LYS C 342 -42.00 -16.72 39.76
N CYS C 343 -41.58 -16.04 40.82
CA CYS C 343 -42.47 -15.39 41.77
C CYS C 343 -42.31 -13.87 41.63
N ILE C 344 -43.40 -13.19 41.28
CA ILE C 344 -43.39 -11.76 40.98
C ILE C 344 -44.07 -11.02 42.13
N ILE C 345 -43.37 -10.04 42.69
CA ILE C 345 -43.85 -9.28 43.85
C ILE C 345 -43.77 -7.80 43.53
N ASP C 346 -44.91 -7.13 43.42
CA ASP C 346 -44.97 -5.68 43.23
C ASP C 346 -44.81 -5.00 44.59
N ILE C 347 -43.66 -4.36 44.81
CA ILE C 347 -43.32 -3.86 46.14
C ILE C 347 -44.03 -2.55 46.43
N LEU C 348 -44.11 -1.64 45.46
CA LEU C 348 -44.52 -0.27 45.73
C LEU C 348 -46.04 -0.12 45.71
N THR C 349 -46.57 0.57 46.72
CA THR C 349 -47.96 0.98 46.78
C THR C 349 -48.17 2.45 46.44
N GLU C 350 -47.09 3.23 46.35
CA GLU C 350 -47.18 4.64 45.97
C GLU C 350 -45.80 5.13 45.56
N PRO C 351 -45.73 6.15 44.70
CA PRO C 351 -44.41 6.71 44.35
C PRO C 351 -43.70 7.28 45.56
N LYS C 352 -42.37 7.20 45.54
CA LYS C 352 -41.53 7.69 46.63
C LYS C 352 -40.42 8.53 46.04
N ASP C 353 -40.26 9.75 46.56
CA ASP C 353 -39.15 10.59 46.14
C ASP C 353 -37.83 9.98 46.59
N ILE C 354 -36.81 10.12 45.75
CA ILE C 354 -35.50 9.56 46.06
C ILE C 354 -34.65 10.56 46.83
N GLY C 355 -34.49 11.76 46.29
CA GLY C 355 -33.70 12.77 46.97
C GLY C 355 -32.29 12.27 47.23
N LYS C 356 -31.84 12.47 48.46
CA LYS C 356 -30.49 12.08 48.85
C LYS C 356 -30.36 10.57 49.04
N ARG C 357 -31.44 9.92 49.47
CA ARG C 357 -31.42 8.50 49.75
C ARG C 357 -32.86 8.03 49.90
N LEU C 358 -33.13 6.82 49.41
CA LEU C 358 -34.43 6.19 49.58
C LEU C 358 -34.20 4.73 49.95
N GLU C 359 -34.87 4.28 51.00
CA GLU C 359 -34.85 2.88 51.41
C GLU C 359 -36.27 2.35 51.35
N VAL C 360 -36.45 1.21 50.69
CA VAL C 360 -37.75 0.53 50.61
C VAL C 360 -37.58 -0.88 51.15
N ARG C 361 -38.27 -1.17 52.24
N ARG C 361 -38.29 -1.19 52.23
CA ARG C 361 -38.27 -2.49 52.85
CA ARG C 361 -38.24 -2.51 52.86
C ARG C 361 -39.58 -3.20 52.53
C ARG C 361 -39.56 -3.22 52.66
N LYS C 362 -39.51 -4.52 52.36
CA LYS C 362 -40.71 -5.30 52.12
C LYS C 362 -40.49 -6.76 52.52
N THR C 363 -41.40 -7.29 53.33
CA THR C 363 -41.38 -8.69 53.74
C THR C 363 -42.24 -9.49 52.77
N VAL C 364 -41.65 -10.52 52.18
CA VAL C 364 -42.30 -11.30 51.14
C VAL C 364 -42.35 -12.76 51.58
N THR C 365 -43.38 -13.47 51.13
CA THR C 365 -43.50 -14.90 51.35
C THR C 365 -42.94 -15.72 50.20
N ALA C 366 -42.50 -15.08 49.12
CA ALA C 366 -41.99 -15.77 47.94
C ALA C 366 -43.05 -16.73 47.38
N CYS C 367 -44.28 -16.25 47.31
CA CYS C 367 -45.38 -17.00 46.72
C CYS C 367 -45.68 -18.28 47.49
N LEU C 368 -45.54 -18.22 48.81
CA LEU C 368 -45.95 -19.34 49.66
C LEU C 368 -47.40 -19.70 49.38
N GLY C 369 -47.68 -21.00 49.31
CA GLY C 369 -49.01 -21.48 49.07
C GLY C 369 -49.44 -21.50 47.62
N GLU C 370 -48.57 -21.13 46.69
CA GLU C 370 -48.88 -21.05 45.27
C GLU C 370 -47.93 -21.93 44.48
N PRO C 371 -48.26 -22.25 43.23
CA PRO C 371 -47.41 -23.16 42.45
C PRO C 371 -46.01 -22.61 42.16
N ASN C 372 -45.81 -21.30 42.27
CA ASN C 372 -44.49 -20.69 42.04
C ASN C 372 -43.77 -20.36 43.34
N HIS C 373 -44.16 -21.01 44.44
CA HIS C 373 -43.44 -20.87 45.70
C HIS C 373 -41.97 -21.23 45.52
N ILE C 374 -41.07 -20.37 45.98
CA ILE C 374 -39.64 -20.56 45.84
C ILE C 374 -39.01 -20.58 47.23
N THR C 375 -38.34 -21.69 47.56
CA THR C 375 -37.55 -21.81 48.77
C THR C 375 -36.05 -21.81 48.50
N ARG C 376 -35.64 -21.97 47.24
CA ARG C 376 -34.23 -21.97 46.87
C ARG C 376 -34.05 -21.05 45.67
N LEU C 377 -33.44 -19.89 45.92
CA LEU C 377 -33.33 -18.85 44.92
C LEU C 377 -32.25 -19.18 43.89
N GLU C 378 -32.49 -18.75 42.65
CA GLU C 378 -31.46 -18.76 41.62
C GLU C 378 -31.19 -17.29 41.31
N HIS C 379 -31.67 -16.76 40.18
CA HIS C 379 -31.53 -15.35 39.90
C HIS C 379 -32.58 -14.54 40.66
N ALA C 380 -32.28 -13.26 40.87
CA ALA C 380 -33.25 -12.30 41.39
C ALA C 380 -33.14 -11.02 40.59
N GLN C 381 -34.27 -10.38 40.34
CA GLN C 381 -34.30 -9.12 39.61
C GLN C 381 -35.07 -8.08 40.42
N ALA C 382 -34.60 -6.85 40.34
CA ALA C 382 -35.36 -5.68 40.76
C ALA C 382 -35.67 -4.89 39.51
N ARG C 383 -36.93 -4.91 39.08
CA ARG C 383 -37.38 -4.12 37.94
C ARG C 383 -37.77 -2.74 38.46
N LEU C 384 -37.00 -1.72 38.08
CA LEU C 384 -37.15 -0.38 38.63
C LEU C 384 -37.55 0.60 37.54
N THR C 385 -38.50 1.46 37.88
CA THR C 385 -38.85 2.62 37.07
C THR C 385 -38.65 3.85 37.94
N LEU C 386 -37.72 4.72 37.56
CA LEU C 386 -37.43 5.91 38.35
C LEU C 386 -36.99 7.04 37.44
N SER C 387 -37.22 8.26 37.92
CA SER C 387 -36.70 9.46 37.29
C SER C 387 -35.60 10.05 38.17
N TYR C 388 -34.67 10.77 37.53
CA TYR C 388 -33.57 11.41 38.23
C TYR C 388 -32.91 12.38 37.28
N ASN C 389 -32.32 13.44 37.82
CA ASN C 389 -31.71 14.45 36.98
C ASN C 389 -30.33 14.04 36.49
N ARG C 390 -29.61 13.22 37.26
CA ARG C 390 -28.22 12.85 36.95
C ARG C 390 -28.09 11.36 37.28
N ARG C 391 -28.32 10.52 36.27
CA ARG C 391 -28.47 9.09 36.50
C ARG C 391 -27.19 8.47 37.06
N GLY C 392 -26.03 8.93 36.59
CA GLY C 392 -24.76 8.37 37.02
C GLY C 392 -24.39 8.61 38.47
N ASP C 393 -25.08 9.54 39.15
CA ASP C 393 -24.80 9.73 40.58
C ASP C 393 -25.49 8.69 41.45
N LEU C 394 -26.47 7.96 40.91
CA LEU C 394 -27.19 6.96 41.69
C LEU C 394 -26.34 5.71 41.90
N ALA C 395 -26.41 5.16 43.10
CA ALA C 395 -26.03 3.79 43.37
C ALA C 395 -27.23 3.07 43.98
N ILE C 396 -27.46 1.84 43.56
CA ILE C 396 -28.63 1.07 43.95
C ILE C 396 -28.18 -0.28 44.48
N HIS C 397 -28.67 -0.64 45.67
CA HIS C 397 -28.29 -1.88 46.33
C HIS C 397 -29.55 -2.64 46.75
N LEU C 398 -29.46 -3.97 46.68
CA LEU C 398 -30.56 -4.85 47.04
C LEU C 398 -30.03 -5.85 48.05
N VAL C 399 -30.65 -5.89 49.23
CA VAL C 399 -30.21 -6.73 50.33
C VAL C 399 -31.25 -7.83 50.52
N SER C 400 -30.80 -9.08 50.49
CA SER C 400 -31.68 -10.21 50.67
C SER C 400 -31.99 -10.43 52.15
N PRO C 401 -33.05 -11.17 52.46
CA PRO C 401 -33.32 -11.52 53.86
C PRO C 401 -32.13 -12.12 54.59
N MET C 402 -31.33 -12.95 53.92
CA MET C 402 -30.16 -13.54 54.55
C MET C 402 -28.96 -12.60 54.60
N GLY C 403 -29.14 -11.34 54.21
CA GLY C 403 -28.14 -10.32 54.44
C GLY C 403 -27.15 -10.10 53.32
N THR C 404 -27.43 -10.57 52.12
CA THR C 404 -26.51 -10.45 51.00
C THR C 404 -26.79 -9.14 50.26
N ARG C 405 -25.80 -8.27 50.19
N ARG C 405 -25.79 -8.28 50.19
CA ARG C 405 -25.93 -6.94 49.60
CA ARG C 405 -25.93 -6.95 49.60
C ARG C 405 -25.46 -6.99 48.15
C ARG C 405 -25.47 -7.00 48.15
N SER C 406 -26.42 -6.90 47.22
CA SER C 406 -26.13 -6.86 45.79
C SER C 406 -26.19 -5.42 45.32
N THR C 407 -25.06 -4.91 44.82
CA THR C 407 -25.02 -3.60 44.17
C THR C 407 -25.58 -3.76 42.76
N LEU C 408 -26.83 -3.36 42.58
CA LEU C 408 -27.46 -3.43 41.26
C LEU C 408 -26.90 -2.36 40.32
N LEU C 409 -26.47 -1.23 40.86
CA LEU C 409 -25.94 -0.15 40.04
C LEU C 409 -24.92 0.63 40.87
N ALA C 410 -23.69 0.71 40.39
CA ALA C 410 -22.69 1.57 40.99
C ALA C 410 -22.67 2.92 40.26
N ALA C 411 -22.17 3.93 40.95
CA ALA C 411 -22.07 5.26 40.34
C ALA C 411 -21.36 5.16 38.99
N ARG C 412 -21.90 5.86 38.00
CA ARG C 412 -21.29 5.95 36.67
C ARG C 412 -20.95 7.41 36.41
N PRO C 413 -19.71 7.84 36.65
CA PRO C 413 -19.41 9.28 36.63
C PRO C 413 -19.64 9.95 35.28
N HIS C 414 -19.60 9.21 34.18
CA HIS C 414 -19.81 9.79 32.87
C HIS C 414 -21.28 9.79 32.44
N ASP C 415 -22.17 9.18 33.22
CA ASP C 415 -23.58 9.08 32.87
C ASP C 415 -24.31 10.31 33.42
N TYR C 416 -24.62 11.26 32.54
CA TYR C 416 -25.33 12.48 32.91
C TYR C 416 -26.79 12.46 32.49
N SER C 417 -27.30 11.31 32.07
CA SER C 417 -28.65 11.23 31.53
C SER C 417 -29.69 11.67 32.55
N ALA C 418 -30.72 12.35 32.04
CA ALA C 418 -31.91 12.70 32.82
C ALA C 418 -33.10 11.82 32.45
N ASP C 419 -32.85 10.66 31.85
CA ASP C 419 -33.90 9.75 31.40
C ASP C 419 -34.19 8.60 32.37
N GLY C 420 -33.41 8.48 33.44
CA GLY C 420 -33.74 7.51 34.47
C GLY C 420 -33.73 6.08 33.95
N PHE C 421 -34.58 5.26 34.58
CA PHE C 421 -34.78 3.88 34.17
C PHE C 421 -36.26 3.62 34.00
N ASN C 422 -36.62 2.83 32.99
CA ASN C 422 -38.01 2.52 32.68
C ASN C 422 -38.19 1.00 32.67
N ASP C 423 -38.67 0.47 33.80
CA ASP C 423 -38.89 -0.97 33.96
C ASP C 423 -37.64 -1.76 33.57
N TRP C 424 -36.51 -1.34 34.10
CA TRP C 424 -35.23 -1.99 33.84
C TRP C 424 -34.98 -3.05 34.91
N ALA C 425 -34.69 -4.27 34.48
CA ALA C 425 -34.55 -5.41 35.37
C ALA C 425 -33.07 -5.60 35.71
N PHE C 426 -32.63 -4.93 36.78
CA PHE C 426 -31.32 -5.23 37.34
C PHE C 426 -31.32 -6.64 37.91
N MET C 427 -30.27 -7.40 37.62
CA MET C 427 -30.20 -8.81 37.99
C MET C 427 -29.01 -9.05 38.90
N THR C 428 -29.19 -9.93 39.89
CA THR C 428 -28.11 -10.37 40.74
C THR C 428 -28.06 -11.89 40.81
N THR C 429 -26.84 -12.43 40.78
CA THR C 429 -26.57 -13.84 41.01
C THR C 429 -26.12 -14.14 42.43
N HIS C 430 -26.00 -13.12 43.28
CA HIS C 430 -25.26 -13.24 44.52
C HIS C 430 -26.04 -13.93 45.64
N SER C 431 -27.35 -14.09 45.48
CA SER C 431 -28.18 -14.78 46.47
C SER C 431 -28.56 -16.19 46.01
N TRP C 432 -27.84 -16.73 45.03
CA TRP C 432 -28.06 -18.09 44.55
C TRP C 432 -28.07 -19.08 45.71
N ASP C 433 -29.12 -19.89 45.77
CA ASP C 433 -29.37 -20.97 46.74
C ASP C 433 -29.83 -20.42 48.09
N GLU C 434 -30.05 -19.12 48.23
CA GLU C 434 -30.61 -18.61 49.48
C GLU C 434 -32.12 -18.88 49.52
N ASP C 435 -32.65 -18.90 50.74
CA ASP C 435 -34.09 -18.84 50.93
C ASP C 435 -34.54 -17.39 50.76
N PRO C 436 -35.38 -17.08 49.76
CA PRO C 436 -35.75 -15.68 49.52
C PRO C 436 -36.91 -15.16 50.36
N SER C 437 -37.48 -15.99 51.23
CA SER C 437 -38.56 -15.50 52.09
C SER C 437 -37.99 -14.62 53.19
N GLY C 438 -38.68 -13.50 53.45
CA GLY C 438 -38.27 -12.56 54.46
C GLY C 438 -38.27 -11.15 53.92
N GLU C 439 -37.50 -10.29 54.59
CA GLU C 439 -37.50 -8.86 54.28
C GLU C 439 -36.38 -8.52 53.30
N TRP C 440 -36.77 -8.01 52.13
CA TRP C 440 -35.84 -7.47 51.15
C TRP C 440 -35.76 -5.96 51.31
N VAL C 441 -34.55 -5.41 51.15
CA VAL C 441 -34.33 -3.98 51.25
C VAL C 441 -33.74 -3.48 49.94
N LEU C 442 -34.33 -2.42 49.41
CA LEU C 442 -33.78 -1.68 48.28
C LEU C 442 -33.30 -0.33 48.77
N GLU C 443 -32.03 -0.03 48.49
CA GLU C 443 -31.44 1.26 48.86
C GLU C 443 -31.01 1.97 47.58
N ILE C 444 -31.50 3.20 47.42
CA ILE C 444 -31.10 4.08 46.32
C ILE C 444 -30.49 5.31 46.95
N GLU C 445 -29.22 5.57 46.63
CA GLU C 445 -28.50 6.69 47.25
C GLU C 445 -27.86 7.57 46.19
N ASN C 446 -27.84 8.87 46.48
CA ASN C 446 -27.07 9.81 45.70
C ASN C 446 -25.63 9.78 46.20
N THR C 447 -24.70 9.36 45.35
CA THR C 447 -23.30 9.25 45.73
C THR C 447 -22.54 10.58 45.63
N SER C 448 -23.16 11.60 45.05
N SER C 448 -23.15 11.60 45.04
CA SER C 448 -22.52 12.91 44.93
CA SER C 448 -22.51 12.90 44.94
C SER C 448 -22.95 13.80 46.09
C SER C 448 -22.93 13.80 46.10
N GLU C 449 -22.17 14.87 46.29
CA GLU C 449 -22.54 15.90 47.24
C GLU C 449 -23.48 16.92 46.62
N ALA C 450 -23.76 16.79 45.33
CA ALA C 450 -24.72 17.64 44.64
C ALA C 450 -26.13 17.32 45.07
N ASN C 451 -26.99 18.33 45.07
CA ASN C 451 -28.41 18.14 45.31
C ASN C 451 -29.05 17.61 44.03
N ASN C 452 -29.45 16.34 44.05
CA ASN C 452 -30.13 15.69 42.94
C ASN C 452 -31.55 15.33 43.35
N TYR C 453 -32.42 15.15 42.36
CA TYR C 453 -33.84 14.92 42.63
C TYR C 453 -34.41 13.90 41.66
N GLY C 454 -35.41 13.16 42.13
CA GLY C 454 -36.07 12.17 41.31
C GLY C 454 -37.08 11.40 42.14
N THR C 455 -37.74 10.43 41.48
CA THR C 455 -38.81 9.67 42.10
C THR C 455 -38.73 8.21 41.65
N LEU C 456 -38.93 7.30 42.60
CA LEU C 456 -39.11 5.89 42.29
C LEU C 456 -40.61 5.62 42.14
N THR C 457 -41.02 5.16 40.95
CA THR C 457 -42.43 4.95 40.67
C THR C 457 -42.83 3.49 40.54
N LYS C 458 -41.87 2.57 40.36
CA LYS C 458 -42.19 1.16 40.37
C LYS C 458 -40.98 0.38 40.86
N PHE C 459 -41.24 -0.60 41.71
CA PHE C 459 -40.24 -1.54 42.21
C PHE C 459 -40.91 -2.90 42.24
N THR C 460 -40.59 -3.75 41.27
CA THR C 460 -41.06 -5.12 41.21
C THR C 460 -39.90 -6.06 41.50
N LEU C 461 -40.07 -6.93 42.49
CA LEU C 461 -39.08 -7.95 42.83
C LEU C 461 -39.47 -9.25 42.13
N VAL C 462 -38.55 -9.80 41.34
CA VAL C 462 -38.77 -11.04 40.61
C VAL C 462 -37.78 -12.07 41.13
N LEU C 463 -38.31 -13.19 41.62
CA LEU C 463 -37.50 -14.28 42.15
C LEU C 463 -37.60 -15.48 41.23
N TYR C 464 -36.45 -16.09 40.93
CA TYR C 464 -36.39 -17.33 40.18
C TYR C 464 -35.79 -18.42 41.05
N GLY C 465 -36.29 -19.64 40.91
CA GLY C 465 -35.70 -20.73 41.67
C GLY C 465 -36.61 -21.95 41.70
N THR C 466 -36.44 -22.75 42.74
CA THR C 466 -37.14 -24.01 42.92
C THR C 466 -37.69 -24.08 44.35
N ALA C 467 -38.45 -25.13 44.61
CA ALA C 467 -38.98 -25.41 45.94
C ALA C 467 -38.36 -26.68 46.50
N ARG D 3 -29.79 7.86 14.99
CA ARG D 3 -30.36 6.53 14.80
C ARG D 3 -30.92 6.37 13.39
N GLN D 4 -30.43 5.37 12.67
CA GLN D 4 -30.85 5.11 11.30
C GLN D 4 -31.88 3.99 11.29
N PHE D 5 -33.12 4.34 10.98
CA PHE D 5 -34.16 3.34 10.76
C PHE D 5 -34.05 2.78 9.35
N VAL D 6 -34.30 1.49 9.23
CA VAL D 6 -34.24 0.80 7.95
C VAL D 6 -35.65 0.40 7.56
N ASN D 7 -35.82 0.12 6.26
CA ASN D 7 -37.14 -0.26 5.74
C ASN D 7 -37.36 -1.77 5.85
N GLU D 8 -37.21 -2.26 7.07
CA GLU D 8 -37.61 -3.62 7.41
C GLU D 8 -38.55 -3.53 8.62
N TRP D 9 -39.60 -4.34 8.60
CA TRP D 9 -40.54 -4.43 9.71
C TRP D 9 -40.66 -5.88 10.15
N ALA D 10 -40.60 -6.11 11.46
CA ALA D 10 -40.85 -7.42 12.03
C ALA D 10 -42.25 -7.45 12.62
N ALA D 11 -42.91 -8.60 12.50
CA ALA D 11 -44.26 -8.76 13.03
C ALA D 11 -44.44 -10.18 13.52
N GLU D 12 -45.22 -10.32 14.59
CA GLU D 12 -45.64 -11.63 15.08
C GLU D 12 -47.03 -11.91 14.52
N ILE D 13 -47.13 -12.93 13.67
CA ILE D 13 -48.36 -13.25 12.95
C ILE D 13 -48.73 -14.70 13.29
N PRO D 14 -49.69 -14.91 14.19
CA PRO D 14 -50.06 -16.30 14.55
C PRO D 14 -50.50 -17.14 13.37
N GLY D 15 -51.09 -16.53 12.34
CA GLY D 15 -51.71 -17.30 11.26
C GLY D 15 -50.76 -18.21 10.51
N GLY D 16 -49.46 -18.00 10.64
CA GLY D 16 -48.49 -18.83 9.97
C GLY D 16 -47.99 -18.19 8.68
N PRO D 17 -47.27 -18.97 7.86
CA PRO D 17 -46.66 -18.37 6.66
C PRO D 17 -47.67 -17.85 5.65
N GLU D 18 -48.77 -18.58 5.44
CA GLU D 18 -49.79 -18.10 4.51
C GLU D 18 -50.36 -16.76 4.96
N ALA D 19 -50.58 -16.60 6.27
CA ALA D 19 -51.03 -15.31 6.78
C ALA D 19 -49.98 -14.24 6.56
N ALA D 20 -48.71 -14.58 6.75
CA ALA D 20 -47.64 -13.63 6.48
C ALA D 20 -47.65 -13.19 5.01
N SER D 21 -47.82 -14.14 4.10
CA SER D 21 -47.83 -13.80 2.68
C SER D 21 -49.02 -12.90 2.34
N ALA D 22 -50.19 -13.18 2.93
CA ALA D 22 -51.37 -12.36 2.66
C ALA D 22 -51.15 -10.93 3.13
N ILE D 23 -50.61 -10.75 4.33
CA ILE D 23 -50.35 -9.41 4.84
C ILE D 23 -49.37 -8.67 3.93
N ALA D 24 -48.42 -9.40 3.35
CA ALA D 24 -47.37 -8.75 2.57
C ALA D 24 -47.94 -8.02 1.36
N GLU D 25 -48.83 -8.68 0.62
CA GLU D 25 -49.33 -8.08 -0.62
C GLU D 25 -50.38 -7.01 -0.34
N GLU D 26 -51.25 -7.23 0.63
CA GLU D 26 -52.27 -6.22 0.95
C GLU D 26 -51.62 -4.89 1.34
N LEU D 27 -50.50 -4.94 2.07
CA LEU D 27 -49.84 -3.74 2.54
C LEU D 27 -48.57 -3.41 1.76
N GLY D 28 -48.25 -4.20 0.73
CA GLY D 28 -47.19 -3.85 -0.19
C GLY D 28 -45.78 -4.19 0.27
N TYR D 29 -45.63 -4.96 1.34
CA TYR D 29 -44.31 -5.42 1.73
C TYR D 29 -43.88 -6.62 0.90
N ASP D 30 -42.57 -6.82 0.82
CA ASP D 30 -41.99 -8.07 0.36
C ASP D 30 -41.62 -8.89 1.58
N LEU D 31 -42.20 -10.08 1.71
CA LEU D 31 -41.97 -10.94 2.87
C LEU D 31 -40.60 -11.60 2.69
N LEU D 32 -39.65 -11.25 3.57
CA LEU D 32 -38.33 -11.85 3.51
C LEU D 32 -38.31 -13.23 4.15
N GLY D 33 -39.19 -13.47 5.14
CA GLY D 33 -39.32 -14.80 5.71
C GLY D 33 -39.42 -14.82 7.22
N GLN D 34 -39.48 -16.02 7.78
CA GLN D 34 -39.45 -16.19 9.22
C GLN D 34 -38.11 -15.76 9.79
N ILE D 35 -38.14 -15.18 10.99
CA ILE D 35 -36.95 -14.64 11.63
C ILE D 35 -36.31 -15.75 12.45
N GLY D 36 -35.28 -16.39 11.88
CA GLY D 36 -34.57 -17.41 12.61
C GLY D 36 -35.50 -18.51 13.10
N SER D 37 -35.38 -18.83 14.39
CA SER D 37 -36.17 -19.87 15.01
C SER D 37 -37.51 -19.38 15.53
N LEU D 38 -37.82 -18.09 15.38
CA LEU D 38 -39.03 -17.53 15.95
C LEU D 38 -40.18 -17.82 15.01
N GLU D 39 -40.82 -18.98 15.22
CA GLU D 39 -41.98 -19.33 14.41
C GLU D 39 -43.06 -18.26 14.58
N ASN D 40 -43.66 -17.87 13.46
CA ASN D 40 -44.68 -16.82 13.41
C ASN D 40 -44.11 -15.44 13.73
N HIS D 41 -42.80 -15.25 13.59
CA HIS D 41 -42.17 -13.93 13.53
C HIS D 41 -41.55 -13.78 12.16
N TYR D 42 -42.01 -12.78 11.41
CA TYR D 42 -41.60 -12.59 10.02
C TYR D 42 -41.02 -11.21 9.81
N LEU D 43 -40.01 -11.13 8.94
CA LEU D 43 -39.40 -9.88 8.56
C LEU D 43 -39.95 -9.44 7.22
N PHE D 44 -40.32 -8.16 7.12
CA PHE D 44 -40.85 -7.58 5.89
C PHE D 44 -39.95 -6.44 5.44
N LYS D 45 -39.89 -6.23 4.13
CA LYS D 45 -39.25 -5.07 3.54
C LYS D 45 -40.31 -4.28 2.79
N HIS D 46 -40.42 -2.99 3.09
CA HIS D 46 -41.40 -2.15 2.40
C HIS D 46 -40.94 -1.89 0.97
N LYS D 47 -41.89 -1.93 0.04
CA LYS D 47 -41.54 -1.86 -1.38
C LYS D 47 -41.17 -0.45 -1.82
N ASN D 48 -41.56 0.58 -1.07
CA ASN D 48 -41.37 1.97 -1.50
C ASN D 48 -40.64 2.85 -0.50
N HIS D 49 -40.48 2.44 0.75
CA HIS D 49 -39.86 3.29 1.76
C HIS D 49 -38.34 3.26 1.63
N PRO D 50 -37.65 4.35 1.98
CA PRO D 50 -36.18 4.37 1.82
C PRO D 50 -35.50 3.32 2.67
N ALA D 51 -34.36 2.83 2.16
CA ALA D 51 -33.64 1.76 2.84
C ALA D 51 -33.08 2.21 4.19
N ARG D 52 -32.71 3.49 4.31
CA ARG D 52 -32.26 4.05 5.58
C ARG D 52 -32.85 5.44 5.73
N SER D 53 -33.03 5.86 6.98
CA SER D 53 -33.56 7.19 7.27
C SER D 53 -33.38 7.48 8.76
N ALA D 54 -33.32 8.77 9.08
CA ALA D 54 -33.21 9.19 10.47
C ALA D 54 -34.56 9.28 11.17
N ALA D 55 -35.66 9.08 10.44
CA ALA D 55 -37.00 9.22 10.98
C ALA D 55 -37.71 7.87 10.96
N SER D 56 -38.30 7.51 12.09
CA SER D 56 -39.18 6.34 12.13
C SER D 56 -40.45 6.64 11.33
N ALA D 57 -40.82 5.69 10.47
CA ALA D 57 -42.11 5.77 9.76
C ALA D 57 -43.20 5.29 10.70
N PHE D 58 -43.45 6.12 11.73
CA PHE D 58 -44.30 5.71 12.84
C PHE D 58 -45.68 5.27 12.39
N HIS D 59 -46.21 5.86 11.31
CA HIS D 59 -47.54 5.51 10.87
C HIS D 59 -47.57 4.22 10.06
N ILE D 60 -46.50 3.92 9.32
CA ILE D 60 -46.44 2.66 8.58
C ILE D 60 -46.48 1.48 9.56
N THR D 61 -45.77 1.60 10.67
CA THR D 61 -45.84 0.57 11.71
C THR D 61 -47.27 0.42 12.23
N LYS D 62 -48.03 1.52 12.29
CA LYS D 62 -49.38 1.45 12.83
C LYS D 62 -50.31 0.69 11.90
N ARG D 63 -50.14 0.85 10.58
CA ARG D 63 -50.96 0.06 9.66
C ARG D 63 -50.68 -1.43 9.82
N LEU D 64 -49.42 -1.79 10.05
CA LEU D 64 -49.07 -3.20 10.21
C LEU D 64 -49.53 -3.73 11.55
N SER D 65 -49.26 -2.98 12.63
CA SER D 65 -49.60 -3.46 13.97
C SER D 65 -51.11 -3.50 14.17
N ASP D 66 -51.84 -2.52 13.64
CA ASP D 66 -53.28 -2.44 13.90
C ASP D 66 -54.07 -3.53 13.18
N ASP D 67 -53.51 -4.13 12.13
CA ASP D 67 -54.22 -5.20 11.44
C ASP D 67 -54.51 -6.34 12.40
N ASP D 68 -55.68 -6.98 12.21
CA ASP D 68 -56.13 -7.99 13.15
C ASP D 68 -55.17 -9.19 13.21
N ARG D 69 -54.58 -9.55 12.07
CA ARG D 69 -53.72 -10.73 12.01
C ARG D 69 -52.37 -10.53 12.67
N VAL D 70 -51.98 -9.29 12.97
CA VAL D 70 -50.68 -8.99 13.55
C VAL D 70 -50.87 -8.68 15.02
N ILE D 71 -50.20 -9.45 15.89
CA ILE D 71 -50.21 -9.15 17.32
C ILE D 71 -49.39 -7.90 17.60
N TRP D 72 -48.23 -7.77 16.96
CA TRP D 72 -47.40 -6.60 17.13
C TRP D 72 -46.43 -6.48 15.96
N ALA D 73 -45.93 -5.26 15.74
CA ALA D 73 -44.92 -5.01 14.73
C ALA D 73 -43.99 -3.91 15.21
N GLU D 74 -42.75 -3.94 14.72
CA GLU D 74 -41.76 -2.90 14.98
C GLU D 74 -40.95 -2.65 13.72
N GLN D 75 -40.55 -1.40 13.53
CA GLN D 75 -39.59 -1.08 12.48
C GLN D 75 -38.18 -1.34 12.98
N GLN D 76 -37.36 -1.95 12.13
CA GLN D 76 -35.99 -2.25 12.47
C GLN D 76 -35.12 -1.02 12.30
N TYR D 77 -34.05 -0.95 13.11
CA TYR D 77 -33.10 0.14 13.00
C TYR D 77 -31.73 -0.35 13.43
N GLU D 78 -30.71 0.37 12.96
CA GLU D 78 -29.33 -0.02 13.21
C GLU D 78 -28.94 0.26 14.66
N LYS D 79 -28.39 -0.75 15.32
CA LYS D 79 -27.92 -0.63 16.69
C LYS D 79 -26.40 -0.53 16.72
N GLU D 80 -25.88 0.21 17.70
CA GLU D 80 -24.45 0.32 17.92
C GLU D 80 -24.02 -0.79 18.87
N ARG D 81 -23.24 -1.74 18.36
CA ARG D 81 -22.77 -2.86 19.15
C ARG D 81 -21.25 -2.93 19.03
N SER D 82 -20.58 -3.07 20.17
CA SER D 82 -19.14 -3.04 20.24
C SER D 82 -18.60 -4.45 20.52
N LYS D 83 -17.49 -4.80 19.88
CA LYS D 83 -16.74 -5.97 20.28
C LYS D 83 -15.96 -5.65 21.54
N ARG D 84 -15.68 -6.68 22.33
CA ARG D 84 -14.95 -6.52 23.58
C ARG D 84 -13.54 -7.11 23.45
N TYR E 3 8.06 19.42 62.47
CA TYR E 3 7.23 18.81 61.43
C TYR E 3 6.42 17.64 61.96
N GLN E 4 5.16 17.56 61.53
CA GLN E 4 4.32 16.40 61.73
C GLN E 4 3.64 16.08 60.40
N GLU E 5 3.37 14.80 60.16
CA GLU E 5 2.82 14.43 58.87
C GLU E 5 1.46 15.10 58.69
N PRO E 6 1.04 15.34 57.44
CA PRO E 6 -0.20 16.10 57.22
C PRO E 6 -1.42 15.44 57.86
N THR E 7 -2.33 16.29 58.32
CA THR E 7 -3.57 15.85 58.93
C THR E 7 -4.75 15.81 57.96
N ASP E 8 -4.52 16.14 56.69
CA ASP E 8 -5.62 16.26 55.76
C ASP E 8 -6.40 14.94 55.69
N PRO E 9 -7.71 15.01 55.49
CA PRO E 9 -8.54 13.79 55.58
C PRO E 9 -8.14 12.71 54.58
N LYS E 10 -7.68 13.08 53.39
CA LYS E 10 -7.36 12.10 52.36
C LYS E 10 -5.87 11.79 52.26
N PHE E 11 -5.03 12.40 53.10
CA PHE E 11 -3.61 12.09 53.03
C PHE E 11 -3.32 10.61 53.22
N PRO E 12 -4.01 9.87 54.09
CA PRO E 12 -3.75 8.42 54.18
C PRO E 12 -3.96 7.71 52.86
N GLN E 13 -4.87 8.20 52.03
CA GLN E 13 -5.13 7.60 50.71
C GLN E 13 -4.04 7.94 49.70
N GLN E 14 -3.16 8.89 49.99
CA GLN E 14 -2.06 9.25 49.09
C GLN E 14 -0.89 8.31 49.33
N TRP E 15 -1.11 7.04 48.97
CA TRP E 15 -0.11 5.98 49.16
C TRP E 15 1.23 6.33 48.55
N TYR E 16 1.21 7.04 47.41
CA TYR E 16 2.44 7.37 46.70
C TYR E 16 3.31 8.36 47.45
N LEU E 17 2.72 9.17 48.33
CA LEU E 17 3.51 10.13 49.10
C LEU E 17 4.14 9.45 50.31
N SER E 18 3.32 8.77 51.11
CA SER E 18 3.85 7.90 52.15
C SER E 18 3.01 6.63 52.23
N GLY E 19 3.70 5.49 52.22
CA GLY E 19 3.09 4.24 52.60
C GLY E 19 3.95 3.58 53.65
N VAL E 20 3.34 2.66 54.40
CA VAL E 20 4.09 1.97 55.44
C VAL E 20 5.24 1.18 54.80
N THR E 21 5.01 0.65 53.60
CA THR E 21 6.02 -0.06 52.84
C THR E 21 7.01 0.90 52.19
N GLN E 22 8.04 0.33 51.57
CA GLN E 22 9.08 1.09 50.87
C GLN E 22 8.64 1.58 49.49
N ARG E 23 7.38 1.42 49.12
CA ARG E 23 6.93 1.73 47.76
C ARG E 23 6.24 3.11 47.72
N ASP E 24 7.03 4.15 47.98
CA ASP E 24 6.53 5.51 47.85
C ASP E 24 7.64 6.42 47.34
N LEU E 25 7.30 7.68 47.10
CA LEU E 25 8.21 8.64 46.51
C LEU E 25 9.18 9.25 47.53
N ASN E 26 9.13 8.81 48.78
CA ASN E 26 10.08 9.26 49.82
C ASN E 26 9.99 10.77 50.01
N VAL E 27 8.77 11.28 50.02
CA VAL E 27 8.55 12.72 50.13
C VAL E 27 8.65 13.17 51.59
N LYS E 28 8.26 12.32 52.54
CA LYS E 28 8.28 12.71 53.95
C LYS E 28 9.69 13.06 54.40
N ALA E 29 10.71 12.41 53.83
CA ALA E 29 12.09 12.72 54.20
C ALA E 29 12.45 14.14 53.81
N ALA E 30 11.96 14.61 52.65
CA ALA E 30 12.18 16.00 52.27
C ALA E 30 11.41 16.94 53.20
N TRP E 31 10.13 16.64 53.42
CA TRP E 31 9.29 17.46 54.30
C TRP E 31 9.94 17.63 55.67
N ALA E 32 10.38 16.52 56.28
CA ALA E 32 10.90 16.56 57.64
C ALA E 32 12.18 17.38 57.72
N GLN E 33 12.94 17.47 56.64
CA GLN E 33 14.14 18.30 56.59
C GLN E 33 13.82 19.78 56.35
N GLY E 34 12.55 20.14 56.23
CA GLY E 34 12.15 21.51 56.03
C GLY E 34 11.90 21.93 54.60
N TYR E 35 11.89 21.00 53.66
CA TYR E 35 11.69 21.31 52.24
C TYR E 35 10.25 20.98 51.87
N THR E 36 9.46 22.02 51.61
CA THR E 36 8.06 21.89 51.24
C THR E 36 7.71 22.69 49.99
N GLY E 37 8.69 23.33 49.35
CA GLY E 37 8.45 24.13 48.17
C GLY E 37 8.37 25.62 48.41
N HIS E 38 8.70 26.10 49.61
N HIS E 38 8.70 26.09 49.61
CA HIS E 38 8.58 27.52 49.88
CA HIS E 38 8.68 27.52 49.91
C HIS E 38 9.48 28.32 48.95
C HIS E 38 9.50 28.29 48.89
N GLY E 39 8.90 29.34 48.32
CA GLY E 39 9.62 30.19 47.39
C GLY E 39 9.73 29.65 45.98
N ILE E 40 9.24 28.45 45.71
CA ILE E 40 9.27 27.87 44.37
C ILE E 40 7.91 28.11 43.71
N VAL E 41 7.94 28.35 42.41
CA VAL E 41 6.74 28.69 41.64
C VAL E 41 6.59 27.67 40.53
N VAL E 42 5.41 27.06 40.43
CA VAL E 42 5.11 26.05 39.43
C VAL E 42 3.85 26.47 38.68
N SER E 43 3.82 26.20 37.38
CA SER E 43 2.67 26.54 36.55
C SER E 43 2.21 25.33 35.75
N ILE E 44 0.90 25.09 35.76
CA ILE E 44 0.28 23.99 35.03
C ILE E 44 -0.19 24.51 33.68
N LEU E 45 0.38 23.99 32.60
CA LEU E 45 -0.03 24.34 31.24
C LEU E 45 -1.11 23.34 30.83
N ASP E 46 -2.37 23.76 30.86
CA ASP E 46 -3.47 22.82 30.68
C ASP E 46 -4.75 23.54 30.32
N ASP E 47 -5.89 23.06 30.82
CA ASP E 47 -7.20 23.59 30.49
C ASP E 47 -7.70 24.61 31.51
N GLY E 48 -6.82 25.10 32.38
CA GLY E 48 -7.19 26.05 33.41
C GLY E 48 -6.92 25.51 34.79
N ILE E 49 -7.16 26.36 35.78
CA ILE E 49 -6.95 26.00 37.19
C ILE E 49 -8.01 26.70 38.03
N GLU E 50 -8.68 25.92 38.88
CA GLU E 50 -9.72 26.46 39.76
C GLU E 50 -9.02 27.15 40.92
N LYS E 51 -8.71 28.43 40.72
CA LYS E 51 -7.88 29.16 41.67
C LYS E 51 -8.58 29.32 43.01
N ASN E 52 -9.91 29.29 43.04
CA ASN E 52 -10.66 29.44 44.27
C ASN E 52 -10.93 28.10 44.97
N HIS E 53 -10.34 27.02 44.48
CA HIS E 53 -10.54 25.72 45.13
C HIS E 53 -9.99 25.78 46.55
N PRO E 54 -10.70 25.25 47.54
CA PRO E 54 -10.24 25.38 48.94
C PRO E 54 -8.83 24.84 49.19
N ASP E 55 -8.34 23.92 48.35
CA ASP E 55 -7.00 23.36 48.51
C ASP E 55 -5.97 23.98 47.59
N LEU E 56 -6.33 24.98 46.80
CA LEU E 56 -5.39 25.69 45.93
C LEU E 56 -5.34 27.19 46.20
N ALA E 57 -6.41 27.78 46.71
CA ALA E 57 -6.47 29.24 46.87
C ALA E 57 -5.29 29.77 47.67
N GLY E 58 -4.92 29.09 48.75
CA GLY E 58 -3.85 29.58 49.61
C GLY E 58 -2.50 29.62 48.92
N ASN E 59 -2.31 28.83 47.88
CA ASN E 59 -1.04 28.78 47.16
C ASN E 59 -1.13 29.39 45.77
N TYR E 60 -2.32 29.77 45.31
CA TYR E 60 -2.48 30.27 43.96
C TYR E 60 -1.67 31.53 43.74
N ASP E 61 -1.05 31.64 42.56
CA ASP E 61 -0.18 32.75 42.22
C ASP E 61 -0.62 33.32 40.88
N PRO E 62 -1.27 34.49 40.85
CA PRO E 62 -1.64 35.08 39.56
C PRO E 62 -0.43 35.45 38.70
N GLY E 63 0.72 35.70 39.32
CA GLY E 63 1.93 35.96 38.57
C GLY E 63 2.50 34.76 37.84
N ALA E 64 1.94 33.57 38.06
CA ALA E 64 2.32 32.37 37.33
C ALA E 64 1.21 31.86 36.42
N SER E 65 0.25 32.73 36.09
CA SER E 65 -0.98 32.31 35.42
C SER E 65 -1.31 33.25 34.27
N PHE E 66 -1.98 32.70 33.27
CA PHE E 66 -2.56 33.48 32.20
C PHE E 66 -3.58 32.63 31.45
N ASP E 67 -4.54 33.29 30.83
CA ASP E 67 -5.51 32.63 29.97
C ASP E 67 -5.15 32.97 28.53
N VAL E 68 -4.42 32.05 27.88
CA VAL E 68 -4.05 32.26 26.49
C VAL E 68 -5.24 32.03 25.57
N ASN E 69 -6.15 31.12 25.93
CA ASN E 69 -7.27 30.81 25.07
C ASN E 69 -8.19 32.02 24.89
N ASP E 70 -8.49 32.74 25.97
CA ASP E 70 -9.40 33.89 25.91
C ASP E 70 -8.68 35.22 26.08
N GLN E 71 -7.36 35.22 26.15
CA GLN E 71 -6.57 36.46 26.25
C GLN E 71 -7.03 37.32 27.44
N ASP E 72 -6.82 36.79 28.63
CA ASP E 72 -7.10 37.52 29.85
C ASP E 72 -6.26 36.94 30.98
N PRO E 73 -6.18 37.63 32.13
CA PRO E 73 -5.32 37.16 33.22
C PRO E 73 -5.88 36.00 34.02
N ASP E 74 -7.14 35.62 33.84
CA ASP E 74 -7.79 34.69 34.74
C ASP E 74 -7.80 33.28 34.14
N PRO E 75 -7.04 32.32 34.70
CA PRO E 75 -6.99 30.98 34.11
C PRO E 75 -8.13 30.08 34.56
N GLN E 76 -9.22 30.66 35.05
CA GLN E 76 -10.31 29.85 35.60
C GLN E 76 -10.81 28.87 34.54
N PRO E 77 -11.09 27.61 34.91
CA PRO E 77 -11.57 26.66 33.91
C PRO E 77 -12.97 27.02 33.45
N ARG E 78 -13.28 26.63 32.21
CA ARG E 78 -14.62 26.81 31.68
C ARG E 78 -15.50 25.67 32.17
N TYR E 79 -16.56 26.01 32.90
CA TYR E 79 -17.40 24.99 33.52
C TYR E 79 -18.42 24.46 32.52
N THR E 80 -18.53 23.14 32.47
CA THR E 80 -19.54 22.46 31.66
C THR E 80 -20.20 21.38 32.52
N GLN E 81 -21.37 20.95 32.07
CA GLN E 81 -22.10 19.91 32.80
C GLN E 81 -21.27 18.65 32.98
N MET E 82 -20.41 18.32 32.01
CA MET E 82 -19.63 17.10 32.04
C MET E 82 -18.20 17.32 32.51
N ASN E 83 -17.87 18.53 32.99
CA ASN E 83 -16.60 18.81 33.65
C ASN E 83 -15.41 18.50 32.73
N ASP E 84 -15.49 18.97 31.49
CA ASP E 84 -14.43 18.71 30.53
C ASP E 84 -13.11 19.33 30.94
N ASN E 85 -13.15 20.46 31.64
CA ASN E 85 -11.95 21.26 31.90
C ASN E 85 -11.49 21.13 33.34
N ARG E 86 -11.51 19.90 33.85
CA ARG E 86 -11.06 19.58 35.19
C ARG E 86 -9.58 19.20 35.24
N HIS E 87 -8.96 18.99 34.09
CA HIS E 87 -7.67 18.30 34.05
C HIS E 87 -6.57 19.12 34.70
N GLY E 88 -6.52 20.42 34.41
CA GLY E 88 -5.47 21.25 34.98
C GLY E 88 -5.60 21.41 36.49
N THR E 89 -6.83 21.41 37.00
CA THR E 89 -7.04 21.52 38.45
C THR E 89 -6.55 20.27 39.16
N ARG E 90 -6.74 19.10 38.56
CA ARG E 90 -6.23 17.87 39.15
C ARG E 90 -4.71 17.88 39.19
N CYS E 91 -4.08 18.30 38.10
CA CYS E 91 -2.62 18.37 38.06
C CYS E 91 -2.09 19.37 39.07
N ALA E 92 -2.76 20.52 39.22
CA ALA E 92 -2.28 21.54 40.14
C ALA E 92 -2.25 21.03 41.57
N GLY E 93 -3.27 20.30 41.99
CA GLY E 93 -3.33 19.83 43.37
C GLY E 93 -2.28 18.80 43.70
N GLU E 94 -1.84 18.04 42.69
CA GLU E 94 -0.75 17.10 42.91
C GLU E 94 0.53 17.83 43.30
N VAL E 95 0.78 18.98 42.67
CA VAL E 95 1.99 19.74 42.95
C VAL E 95 1.88 20.47 44.29
N ALA E 96 0.76 21.16 44.52
CA ALA E 96 0.77 22.23 45.51
C ALA E 96 -0.53 22.36 46.29
N ALA E 97 -1.26 21.27 46.49
CA ALA E 97 -2.48 21.34 47.30
C ALA E 97 -2.10 21.69 48.74
N VAL E 98 -2.89 22.58 49.36
CA VAL E 98 -2.56 23.07 50.70
C VAL E 98 -2.60 21.92 51.70
N ALA E 99 -1.68 21.97 52.66
CA ALA E 99 -1.58 20.96 53.69
C ALA E 99 -2.20 21.44 55.00
N ASN E 100 -2.72 20.50 55.78
CA ASN E 100 -3.16 20.74 57.15
C ASN E 100 -4.32 21.73 57.21
N ASN E 101 -5.27 21.59 56.28
CA ASN E 101 -6.41 22.50 56.22
C ASN E 101 -7.73 21.74 56.17
N GLY E 102 -7.73 20.47 56.54
CA GLY E 102 -8.96 19.70 56.61
C GLY E 102 -9.63 19.49 55.27
N VAL E 103 -8.88 19.58 54.17
CA VAL E 103 -9.46 19.56 52.83
C VAL E 103 -8.66 18.60 51.96
N CYS E 104 -9.34 17.61 51.39
N CYS E 104 -9.35 17.63 51.36
CA CYS E 104 -8.79 16.68 50.38
CA CYS E 104 -8.79 16.70 50.37
C CYS E 104 -7.46 16.13 50.90
C CYS E 104 -7.46 16.18 50.92
N GLY E 105 -6.39 16.20 50.13
CA GLY E 105 -5.08 15.73 50.57
C GLY E 105 -4.05 16.84 50.53
N VAL E 106 -2.82 16.53 50.13
CA VAL E 106 -1.76 17.53 50.05
C VAL E 106 -0.99 17.37 48.75
N GLY E 107 -0.33 18.45 48.34
CA GLY E 107 0.59 18.39 47.24
C GLY E 107 1.99 17.98 47.68
N VAL E 108 2.80 17.54 46.72
CA VAL E 108 4.19 17.21 47.02
C VAL E 108 4.90 18.43 47.58
N ALA E 109 4.74 19.58 46.93
CA ALA E 109 5.31 20.84 47.38
C ALA E 109 4.19 21.71 47.93
N TYR E 110 3.67 21.33 49.10
CA TYR E 110 2.43 21.93 49.56
C TYR E 110 2.59 23.36 50.06
N ASN E 111 3.80 23.92 50.04
CA ASN E 111 4.03 25.34 50.30
C ASN E 111 4.53 26.08 49.06
N ALA E 112 4.56 25.42 47.91
CA ALA E 112 4.92 26.11 46.68
C ALA E 112 3.77 27.00 46.23
N ARG E 113 4.10 27.98 45.39
CA ARG E 113 3.10 28.77 44.71
C ARG E 113 2.77 28.12 43.37
N ILE E 114 1.48 28.10 43.04
CA ILE E 114 0.96 27.32 41.93
C ILE E 114 0.12 28.23 41.03
N GLY E 115 0.37 28.16 39.72
CA GLY E 115 -0.42 28.89 38.75
C GLY E 115 -0.85 27.97 37.63
N GLY E 116 -1.66 28.53 36.73
CA GLY E 116 -2.12 27.81 35.57
C GLY E 116 -2.13 28.66 34.33
N VAL E 117 -1.68 28.10 33.22
CA VAL E 117 -1.90 28.69 31.91
C VAL E 117 -3.06 27.94 31.27
N ARG E 118 -4.16 28.63 31.03
CA ARG E 118 -5.29 28.06 30.30
C ARG E 118 -4.97 28.18 28.83
N MET E 119 -4.59 27.07 28.21
CA MET E 119 -4.18 27.10 26.81
C MET E 119 -4.67 25.92 25.98
N LEU E 120 -5.27 24.89 26.59
CA LEU E 120 -5.80 23.75 25.83
C LEU E 120 -7.27 23.90 25.45
N ASP E 121 -8.03 24.74 26.16
CA ASP E 121 -9.47 24.89 25.91
C ASP E 121 -9.68 25.92 24.80
N GLY E 122 -9.26 25.53 23.60
CA GLY E 122 -9.37 26.42 22.45
C GLY E 122 -8.53 25.87 21.31
N GLU E 123 -8.29 26.73 20.33
CA GLU E 123 -7.42 26.38 19.21
C GLU E 123 -5.97 26.47 19.67
N VAL E 124 -5.25 25.35 19.61
CA VAL E 124 -3.84 25.30 20.02
C VAL E 124 -3.00 25.43 18.75
N THR E 125 -2.31 26.55 18.64
CA THR E 125 -1.34 26.81 17.58
C THR E 125 0.07 26.71 18.12
N ASP E 126 1.04 26.72 17.21
CA ASP E 126 2.43 26.88 17.60
C ASP E 126 2.61 28.07 18.52
N ALA E 127 1.98 29.20 18.19
CA ALA E 127 2.14 30.41 18.99
C ALA E 127 1.55 30.24 20.39
N VAL E 128 0.37 29.61 20.48
CA VAL E 128 -0.22 29.33 21.78
C VAL E 128 0.76 28.55 22.65
N GLU E 129 1.37 27.51 22.08
CA GLU E 129 2.29 26.69 22.87
C GLU E 129 3.50 27.51 23.33
N ALA E 130 4.05 28.35 22.45
CA ALA E 130 5.23 29.12 22.79
C ALA E 130 4.92 30.21 23.82
N ARG E 131 3.75 30.84 23.72
CA ARG E 131 3.38 31.83 24.72
C ARG E 131 3.18 31.20 26.09
N SER E 132 2.70 29.95 26.12
CA SER E 132 2.51 29.25 27.39
C SER E 132 3.84 28.83 27.98
N LEU E 133 4.73 28.26 27.16
CA LEU E 133 6.00 27.77 27.66
C LEU E 133 6.93 28.91 28.09
N GLY E 134 6.75 30.10 27.54
CA GLY E 134 7.59 31.23 27.87
C GLY E 134 6.94 32.27 28.76
N LEU E 135 5.87 31.90 29.48
CA LEU E 135 5.21 32.85 30.35
C LEU E 135 6.09 33.17 31.56
N ASN E 136 6.33 34.47 31.79
CA ASN E 136 6.98 35.00 32.98
C ASN E 136 8.17 34.14 33.41
N PRO E 137 9.17 33.97 32.55
CA PRO E 137 10.21 32.95 32.79
C PRO E 137 11.20 33.29 33.90
N ASN E 138 11.19 34.51 34.43
CA ASN E 138 12.01 34.83 35.60
C ASN E 138 11.22 34.82 36.89
N HIS E 139 9.93 34.45 36.84
CA HIS E 139 9.12 34.22 38.01
C HIS E 139 8.72 32.76 38.16
N ILE E 140 8.29 32.13 37.07
CA ILE E 140 7.95 30.71 37.07
C ILE E 140 9.24 29.91 36.97
N HIS E 141 9.41 28.95 37.89
CA HIS E 141 10.58 28.10 37.89
C HIS E 141 10.35 26.80 37.12
N ILE E 142 9.16 26.21 37.27
CA ILE E 142 8.86 24.89 36.75
C ILE E 142 7.55 24.95 35.98
N TYR E 143 7.56 24.43 34.75
CA TYR E 143 6.37 24.26 33.95
C TYR E 143 6.06 22.78 33.85
N SER E 144 4.80 22.41 34.09
CA SER E 144 4.35 21.03 34.02
C SER E 144 3.29 20.93 32.94
N ALA E 145 3.50 20.01 31.99
CA ALA E 145 2.60 19.83 30.85
C ALA E 145 2.28 18.36 30.70
N SER E 146 1.00 18.01 30.77
CA SER E 146 0.56 16.63 30.61
C SER E 146 -0.24 16.48 29.33
N TRP E 147 0.31 16.95 28.22
CA TRP E 147 -0.38 16.93 26.94
C TRP E 147 0.65 16.78 25.83
N GLY E 148 0.18 16.36 24.67
CA GLY E 148 1.07 16.13 23.56
C GLY E 148 0.34 15.71 22.30
N PRO E 149 1.10 15.30 21.29
CA PRO E 149 0.47 14.78 20.07
C PRO E 149 -0.36 13.54 20.35
N GLU E 150 -1.29 13.27 19.44
CA GLU E 150 -2.23 12.16 19.58
C GLU E 150 -1.49 10.86 19.86
N ASP E 151 -1.96 10.13 20.89
CA ASP E 151 -1.37 8.85 21.31
C ASP E 151 -1.96 7.66 20.56
N ASP E 152 -2.21 7.78 19.26
CA ASP E 152 -2.83 6.71 18.50
C ASP E 152 -1.86 5.67 17.96
N GLY E 153 -0.55 5.86 18.19
CA GLY E 153 0.42 4.93 17.63
C GLY E 153 0.65 5.10 16.14
N LYS E 154 0.18 6.20 15.56
CA LYS E 154 0.39 6.49 14.15
C LYS E 154 1.04 7.85 13.92
N THR E 155 1.18 8.66 14.96
CA THR E 155 1.54 10.07 14.83
C THR E 155 3.03 10.26 15.09
N VAL E 156 3.65 11.13 14.30
CA VAL E 156 4.98 11.66 14.55
C VAL E 156 4.83 13.18 14.54
N ASP E 157 5.06 13.80 15.69
CA ASP E 157 4.86 15.24 15.80
C ASP E 157 5.60 15.74 17.02
N GLY E 158 6.02 17.00 16.97
CA GLY E 158 6.70 17.64 18.07
C GLY E 158 6.50 19.14 18.03
N PRO E 159 7.23 19.87 18.87
CA PRO E 159 7.11 21.33 18.85
C PRO E 159 7.50 21.91 17.50
N ALA E 160 6.68 22.82 17.00
CA ALA E 160 7.01 23.55 15.78
C ALA E 160 8.00 24.66 16.12
N ARG E 161 8.20 25.61 15.20
CA ARG E 161 9.34 26.50 15.30
C ARG E 161 9.26 27.40 16.53
N LEU E 162 8.08 27.96 16.82
CA LEU E 162 7.98 28.87 17.95
C LEU E 162 8.15 28.13 19.27
N ALA E 163 7.49 26.98 19.40
CA ALA E 163 7.61 26.19 20.62
C ALA E 163 9.04 25.71 20.83
N GLU E 164 9.71 25.27 19.76
CA GLU E 164 11.10 24.85 19.88
C GLU E 164 11.98 26.01 20.35
N GLU E 165 11.72 27.22 19.84
CA GLU E 165 12.49 28.38 20.29
C GLU E 165 12.14 28.75 21.73
N ALA E 166 10.87 28.57 22.13
CA ALA E 166 10.49 28.84 23.51
C ALA E 166 11.22 27.90 24.46
N PHE E 167 11.28 26.61 24.12
CA PHE E 167 12.05 25.66 24.92
C PHE E 167 13.49 26.14 25.08
N PHE E 168 14.15 26.50 23.97
CA PHE E 168 15.56 26.83 24.03
C PHE E 168 15.79 28.14 24.76
N ARG E 169 14.93 29.13 24.56
CA ARG E 169 15.08 30.39 25.28
C ARG E 169 14.82 30.20 26.77
N GLY E 170 13.90 29.29 27.12
CA GLY E 170 13.64 29.03 28.52
C GLY E 170 14.82 28.41 29.23
N VAL E 171 15.45 27.40 28.63
CA VAL E 171 16.55 26.73 29.30
C VAL E 171 17.79 27.61 29.31
N SER E 172 17.95 28.45 28.28
CA SER E 172 19.17 29.25 28.17
C SER E 172 19.09 30.54 29.00
N GLN E 173 17.94 31.20 29.00
CA GLN E 173 17.80 32.50 29.66
C GLN E 173 16.81 32.51 30.82
N GLY E 174 15.89 31.55 30.91
CA GLY E 174 14.96 31.53 32.01
C GLY E 174 15.66 31.41 33.35
N ARG E 175 14.90 31.70 34.40
CA ARG E 175 15.39 31.63 35.78
C ARG E 175 16.74 32.32 35.92
N GLY E 176 16.81 33.55 35.40
CA GLY E 176 18.04 34.32 35.49
C GLY E 176 19.21 33.66 34.81
N GLY E 177 18.95 32.83 33.81
CA GLY E 177 19.99 32.12 33.09
C GLY E 177 20.20 30.69 33.54
N LEU E 178 19.62 30.29 34.68
CA LEU E 178 19.77 28.92 35.14
C LEU E 178 18.93 27.95 34.32
N GLY E 179 17.79 28.40 33.81
CA GLY E 179 16.98 27.61 32.90
C GLY E 179 15.66 27.15 33.46
N SER E 180 14.58 27.42 32.73
CA SER E 180 13.27 26.88 33.07
C SER E 180 13.35 25.36 33.17
N ILE E 181 12.56 24.78 34.06
CA ILE E 181 12.42 23.33 34.18
C ILE E 181 11.09 22.94 33.55
N PHE E 182 11.14 22.24 32.43
CA PHE E 182 9.96 21.73 31.75
C PHE E 182 9.80 20.25 32.08
N VAL E 183 8.68 19.90 32.72
CA VAL E 183 8.39 18.53 33.13
C VAL E 183 7.23 18.04 32.29
N TRP E 184 7.39 16.87 31.66
CA TRP E 184 6.46 16.42 30.63
C TRP E 184 6.03 14.98 30.89
N ALA E 185 4.74 14.73 30.66
CA ALA E 185 4.21 13.37 30.69
C ALA E 185 4.63 12.62 29.43
N SER E 186 5.01 11.34 29.60
CA SER E 186 5.60 10.61 28.48
C SER E 186 4.56 10.05 27.52
N GLY E 187 3.29 9.93 27.92
CA GLY E 187 2.25 9.50 27.00
C GLY E 187 1.37 8.36 27.51
N ASN E 188 0.16 8.27 26.95
CA ASN E 188 -0.81 7.25 27.34
C ASN E 188 -1.13 6.27 26.21
N GLY E 189 -0.24 6.12 25.24
CA GLY E 189 -0.55 5.34 24.06
C GLY E 189 -0.13 3.88 24.11
N GLY E 190 0.10 3.34 25.30
CA GLY E 190 0.61 1.99 25.42
C GLY E 190 -0.27 0.95 24.75
N ARG E 191 -1.59 1.10 24.88
CA ARG E 191 -2.52 0.16 24.27
C ARG E 191 -2.40 0.16 22.75
N GLU E 192 -2.06 1.30 22.16
CA GLU E 192 -1.83 1.40 20.72
C GLU E 192 -0.37 1.17 20.36
N HIS E 193 0.43 0.63 21.29
CA HIS E 193 1.85 0.36 21.06
C HIS E 193 2.59 1.61 20.60
N ASP E 194 2.19 2.76 21.13
CA ASP E 194 2.85 4.00 20.77
C ASP E 194 4.25 4.05 21.37
N SER E 195 5.14 4.77 20.70
CA SER E 195 6.49 5.03 21.19
C SER E 195 6.62 6.51 21.51
N CYS E 196 7.05 6.84 22.73
CA CYS E 196 7.16 8.24 23.09
C CYS E 196 8.32 8.95 22.41
N ASN E 197 9.16 8.25 21.65
CA ASN E 197 10.18 8.91 20.84
C ASN E 197 9.60 9.52 19.57
N CYS E 198 8.37 9.19 19.21
CA CYS E 198 7.67 9.85 18.11
C CYS E 198 6.91 11.08 18.58
N ASP E 199 7.14 11.50 19.81
CA ASP E 199 6.55 12.68 20.42
C ASP E 199 7.69 13.64 20.71
N GLY E 200 7.79 14.72 19.93
CA GLY E 200 8.91 15.64 20.06
C GLY E 200 8.92 16.45 21.33
N TYR E 201 7.81 16.52 22.05
CA TYR E 201 7.80 17.24 23.32
C TYR E 201 8.52 16.42 24.39
N THR E 202 8.12 15.17 24.56
CA THR E 202 8.78 14.31 25.54
C THR E 202 10.18 13.91 25.06
N ASN E 203 10.38 13.78 23.75
CA ASN E 203 11.67 13.42 23.18
C ASN E 203 12.70 14.55 23.27
N SER E 204 12.28 15.77 23.58
CA SER E 204 13.20 16.89 23.66
C SER E 204 14.19 16.70 24.80
N ILE E 205 15.43 17.17 24.58
CA ILE E 205 16.40 17.21 25.66
C ILE E 205 16.01 18.26 26.70
N TYR E 206 15.18 19.23 26.32
CA TYR E 206 14.83 20.35 27.20
C TYR E 206 13.73 20.01 28.18
N THR E 207 13.05 18.87 28.00
CA THR E 207 11.99 18.44 28.90
C THR E 207 12.45 17.27 29.73
N LEU E 208 12.01 17.25 30.98
CA LEU E 208 12.26 16.12 31.89
C LEU E 208 11.05 15.20 31.76
N SER E 209 11.20 14.12 31.00
CA SER E 209 10.08 13.27 30.64
C SER E 209 9.89 12.17 31.68
N ILE E 210 8.65 11.97 32.10
CA ILE E 210 8.31 11.13 33.24
C ILE E 210 7.28 10.09 32.79
N SER E 211 7.55 8.82 33.10
CA SER E 211 6.62 7.74 32.85
C SER E 211 5.92 7.35 34.14
N SER E 212 5.07 6.33 34.06
CA SER E 212 4.23 5.91 35.18
C SER E 212 4.56 4.50 35.62
N ALA E 213 4.33 4.23 36.90
CA ALA E 213 4.35 2.88 37.45
C ALA E 213 3.10 2.69 38.31
N THR E 214 2.61 1.47 38.35
CA THR E 214 1.43 1.17 39.14
C THR E 214 1.82 0.92 40.60
N GLN E 215 0.81 0.85 41.45
CA GLN E 215 1.08 0.71 42.88
C GLN E 215 1.89 -0.55 43.17
N PHE E 216 1.57 -1.65 42.48
CA PHE E 216 2.28 -2.91 42.71
C PHE E 216 3.61 -2.98 41.97
N GLY E 217 4.05 -1.88 41.35
CA GLY E 217 5.36 -1.82 40.74
C GLY E 217 5.46 -2.27 39.31
N ASN E 218 4.36 -2.19 38.55
CA ASN E 218 4.31 -2.74 37.20
C ASN E 218 4.13 -1.64 36.16
N VAL E 219 4.25 -2.04 34.90
CA VAL E 219 4.10 -1.13 33.76
C VAL E 219 2.62 -1.06 33.41
N PRO E 220 1.97 0.09 33.57
CA PRO E 220 0.52 0.15 33.32
C PRO E 220 0.18 -0.05 31.85
N TRP E 221 -1.10 -0.35 31.61
CA TRP E 221 -1.56 -0.66 30.26
C TRP E 221 -1.32 0.50 29.30
N TYR E 222 -1.37 1.73 29.79
CA TYR E 222 -1.26 2.91 28.94
C TYR E 222 0.18 3.34 28.70
N SER E 223 1.16 2.69 29.33
CA SER E 223 2.54 3.16 29.27
C SER E 223 3.13 3.04 27.87
N GLU E 224 3.89 4.05 27.47
CA GLU E 224 4.68 4.05 26.25
C GLU E 224 6.14 3.90 26.62
N ALA E 225 6.84 3.00 25.93
CA ALA E 225 8.27 2.83 26.10
C ALA E 225 9.04 3.65 25.08
N CYS E 226 10.18 4.19 25.51
CA CYS E 226 11.10 4.87 24.60
C CYS E 226 12.36 5.22 25.38
N SER E 227 13.41 5.55 24.63
CA SER E 227 14.70 5.85 25.23
C SER E 227 14.83 7.28 25.73
N SER E 228 13.86 8.16 25.44
CA SER E 228 13.97 9.55 25.87
C SER E 228 13.46 9.77 27.29
N THR E 229 12.67 8.85 27.83
CA THR E 229 12.17 8.99 29.18
C THR E 229 13.34 9.04 30.17
N LEU E 230 13.21 9.87 31.19
CA LEU E 230 14.25 10.02 32.21
C LEU E 230 13.96 9.26 33.49
N ALA E 231 12.72 9.31 33.99
CA ALA E 231 12.41 8.71 35.28
C ALA E 231 10.91 8.46 35.36
N THR E 232 10.46 8.04 36.54
CA THR E 232 9.13 7.51 36.75
C THR E 232 8.59 8.00 38.08
N THR E 233 7.28 8.22 38.13
CA THR E 233 6.55 8.38 39.38
C THR E 233 5.30 7.52 39.30
N TYR E 234 4.67 7.33 40.46
CA TYR E 234 3.52 6.44 40.53
C TYR E 234 2.30 7.06 39.87
N SER E 235 1.44 6.18 39.36
CA SER E 235 0.13 6.60 38.87
C SER E 235 -0.84 5.42 38.95
N SER E 236 -1.84 5.41 38.07
CA SER E 236 -2.90 4.42 38.15
C SER E 236 -2.48 3.11 37.48
N GLY E 237 -3.31 2.09 37.68
CA GLY E 237 -3.06 0.77 37.16
C GLY E 237 -4.35 -0.02 37.01
N ASN E 238 -4.38 -1.23 37.58
CA ASN E 238 -5.58 -2.04 37.57
C ASN E 238 -6.52 -1.60 38.70
N GLN E 239 -7.67 -2.26 38.81
CA GLN E 239 -8.71 -1.80 39.71
C GLN E 239 -8.51 -2.25 41.15
N ASN E 240 -7.49 -3.07 41.43
CA ASN E 240 -7.04 -3.29 42.81
C ASN E 240 -5.98 -2.29 43.23
N GLU E 241 -5.39 -1.57 42.29
CA GLU E 241 -4.33 -0.62 42.57
C GLU E 241 -4.94 0.77 42.72
N LYS E 242 -4.50 1.49 43.75
CA LYS E 242 -5.06 2.80 44.02
C LYS E 242 -4.54 3.81 43.00
N GLN E 243 -5.21 4.97 42.97
CA GLN E 243 -4.92 6.01 42.01
C GLN E 243 -4.55 7.29 42.75
N ILE E 244 -4.52 8.40 42.02
CA ILE E 244 -3.98 9.65 42.56
C ILE E 244 -5.12 10.47 43.17
N VAL E 245 -4.88 10.97 44.39
CA VAL E 245 -5.83 11.81 45.12
C VAL E 245 -5.44 13.26 44.89
N THR E 246 -6.38 14.08 44.43
CA THR E 246 -6.04 15.46 44.14
C THR E 246 -7.31 16.31 44.12
N THR E 247 -7.11 17.61 43.92
CA THR E 247 -8.20 18.56 43.81
C THR E 247 -8.96 18.36 42.49
N ASP E 248 -10.27 18.47 42.54
CA ASP E 248 -11.13 18.30 41.37
C ASP E 248 -12.00 19.53 41.17
N LEU E 249 -12.56 19.65 39.97
CA LEU E 249 -13.33 20.82 39.61
C LEU E 249 -14.56 20.97 40.50
N ARG E 250 -15.03 22.21 40.63
CA ARG E 250 -16.15 22.56 41.51
C ARG E 250 -15.82 22.27 42.97
N GLN E 251 -14.57 22.54 43.36
CA GLN E 251 -14.16 22.52 44.76
C GLN E 251 -14.36 21.13 45.38
N LYS E 252 -13.97 20.10 44.64
CA LYS E 252 -14.15 18.72 45.03
C LYS E 252 -12.80 18.01 45.16
N CYS E 253 -12.86 16.77 45.64
N CYS E 253 -12.84 16.81 45.73
CA CYS E 253 -11.67 15.94 45.84
CA CYS E 253 -11.68 15.94 45.82
C CYS E 253 -11.89 14.62 45.11
C CYS E 253 -11.96 14.69 45.00
N THR E 254 -10.99 14.28 44.20
CA THR E 254 -11.08 13.03 43.45
C THR E 254 -10.00 12.07 43.91
N GLU E 255 -10.35 10.78 43.90
CA GLU E 255 -9.39 9.71 44.12
C GLU E 255 -9.19 8.87 42.85
N SER E 256 -9.43 9.47 41.69
N SER E 256 -9.41 9.47 41.68
CA SER E 256 -9.43 8.71 40.43
CA SER E 256 -9.44 8.72 40.44
C SER E 256 -8.74 9.50 39.32
C SER E 256 -8.72 9.46 39.32
N HIS E 257 -7.60 10.11 39.64
CA HIS E 257 -6.78 10.77 38.62
C HIS E 257 -5.76 9.75 38.09
N THR E 258 -5.66 9.63 36.77
CA THR E 258 -5.01 8.49 36.13
C THR E 258 -4.03 8.95 35.05
N GLY E 259 -3.32 7.97 34.48
CA GLY E 259 -2.49 8.20 33.31
C GLY E 259 -1.16 8.84 33.65
N THR E 260 -0.36 9.09 32.61
CA THR E 260 0.90 9.77 32.83
C THR E 260 0.70 11.24 33.18
N SER E 261 -0.49 11.79 32.99
CA SER E 261 -0.74 13.17 33.41
C SER E 261 -0.73 13.31 34.92
N ALA E 262 -0.86 12.20 35.66
CA ALA E 262 -0.71 12.25 37.10
C ALA E 262 0.72 12.03 37.55
N SER E 263 1.56 11.46 36.69
CA SER E 263 2.95 11.23 37.03
C SER E 263 3.78 12.50 36.88
N ALA E 264 3.58 13.25 35.79
CA ALA E 264 4.36 14.46 35.57
C ALA E 264 4.18 15.47 36.69
N PRO E 265 2.96 15.79 37.13
CA PRO E 265 2.82 16.77 38.23
C PRO E 265 3.51 16.36 39.52
N LEU E 266 3.50 15.06 39.86
CA LEU E 266 4.22 14.61 41.04
C LEU E 266 5.72 14.88 40.89
N ALA E 267 6.26 14.63 39.69
CA ALA E 267 7.66 14.91 39.43
C ALA E 267 7.95 16.41 39.51
N ALA E 268 7.03 17.24 39.01
CA ALA E 268 7.20 18.68 39.15
C ALA E 268 7.27 19.08 40.61
N GLY E 269 6.40 18.52 41.45
CA GLY E 269 6.47 18.79 42.86
C GLY E 269 7.81 18.39 43.47
N ILE E 270 8.26 17.17 43.17
CA ILE E 270 9.55 16.70 43.69
C ILE E 270 10.67 17.63 43.24
N ILE E 271 10.62 18.06 41.99
CA ILE E 271 11.64 18.99 41.50
C ILE E 271 11.55 20.32 42.22
N ALA E 272 10.34 20.73 42.62
CA ALA E 272 10.18 21.94 43.40
C ALA E 272 10.83 21.81 44.77
N LEU E 273 10.66 20.67 45.43
CA LEU E 273 11.35 20.44 46.70
C LEU E 273 12.86 20.50 46.50
N THR E 274 13.36 19.96 45.39
CA THR E 274 14.80 19.95 45.14
C THR E 274 15.31 21.36 44.88
N LEU E 275 14.54 22.19 44.17
CA LEU E 275 14.98 23.55 43.90
C LEU E 275 15.07 24.37 45.18
N GLU E 276 14.12 24.17 46.10
CA GLU E 276 14.23 24.83 47.40
C GLU E 276 15.52 24.45 48.10
N ALA E 277 15.92 23.17 47.99
CA ALA E 277 17.14 22.72 48.64
C ALA E 277 18.38 23.33 48.00
N ASN E 278 18.30 23.68 46.72
CA ASN E 278 19.44 24.30 46.03
C ASN E 278 18.88 25.13 44.87
N LYS E 279 18.64 26.41 45.12
CA LYS E 279 18.05 27.30 44.14
C LYS E 279 18.97 27.62 42.97
N ASN E 280 20.27 27.29 43.06
CA ASN E 280 21.23 27.57 42.01
C ASN E 280 21.45 26.37 41.09
N LEU E 281 20.56 25.39 41.12
CA LEU E 281 20.64 24.26 40.20
C LEU E 281 20.16 24.68 38.81
N THR E 282 20.93 24.30 37.79
CA THR E 282 20.57 24.60 36.42
C THR E 282 19.60 23.54 35.87
N TRP E 283 19.03 23.84 34.70
CA TRP E 283 18.11 22.88 34.08
C TRP E 283 18.80 21.57 33.77
N ARG E 284 20.12 21.59 33.53
CA ARG E 284 20.86 20.35 33.32
C ARG E 284 21.24 19.71 34.65
N ASP E 285 21.63 20.51 35.64
CA ASP E 285 21.86 19.96 36.98
C ASP E 285 20.68 19.12 37.43
N MET E 286 19.45 19.61 37.20
CA MET E 286 18.27 18.90 37.67
C MET E 286 18.13 17.55 36.99
N GLN E 287 18.50 17.46 35.71
CA GLN E 287 18.44 16.16 35.03
C GLN E 287 19.52 15.23 35.55
N HIS E 288 20.71 15.77 35.83
CA HIS E 288 21.76 14.95 36.47
C HIS E 288 21.25 14.36 37.77
N LEU E 289 20.59 15.18 38.61
CA LEU E 289 20.12 14.70 39.89
C LEU E 289 19.12 13.56 39.71
N VAL E 290 18.22 13.68 38.73
CA VAL E 290 17.24 12.62 38.50
C VAL E 290 17.94 11.33 38.09
N VAL E 291 18.93 11.44 37.20
CA VAL E 291 19.64 10.24 36.75
C VAL E 291 20.33 9.57 37.94
N GLN E 292 20.98 10.36 38.79
CA GLN E 292 21.82 9.77 39.83
C GLN E 292 20.99 9.14 40.95
N THR E 293 19.84 9.72 41.28
CA THR E 293 19.13 9.34 42.50
C THR E 293 17.90 8.46 42.26
N SER E 294 17.48 8.26 41.01
CA SER E 294 16.28 7.49 40.74
C SER E 294 16.55 6.00 40.92
N LYS E 295 15.52 5.27 41.36
CA LYS E 295 15.66 3.93 41.90
C LYS E 295 14.97 2.89 41.02
N PRO E 296 15.68 1.89 40.49
CA PRO E 296 14.97 0.78 39.86
C PRO E 296 14.16 -0.06 40.83
N ALA E 297 14.66 -0.26 42.04
CA ALA E 297 14.22 -1.39 42.85
C ALA E 297 12.72 -1.35 43.10
N HIS E 298 12.08 -2.51 42.94
CA HIS E 298 10.66 -2.76 43.10
C HIS E 298 9.86 -2.34 41.87
N LEU E 299 10.48 -1.80 40.82
CA LEU E 299 9.81 -1.59 39.55
C LEU E 299 10.09 -2.78 38.65
N ASN E 300 9.04 -3.45 38.20
N ASN E 300 9.03 -3.47 38.24
CA ASN E 300 9.18 -4.66 37.40
CA ASN E 300 9.13 -4.64 37.38
C ASN E 300 9.09 -4.31 35.92
C ASN E 300 9.13 -4.20 35.92
N ALA E 301 10.16 -4.61 35.18
CA ALA E 301 10.21 -4.39 33.75
C ALA E 301 10.95 -5.54 33.09
N ASN E 302 10.57 -5.84 31.86
CA ASN E 302 11.21 -6.92 31.11
C ASN E 302 12.51 -6.50 30.44
N ASP E 303 12.92 -5.22 30.55
CA ASP E 303 14.04 -4.72 29.76
C ASP E 303 15.07 -3.98 30.60
N TRP E 304 15.13 -4.20 31.92
CA TRP E 304 16.15 -3.54 32.73
C TRP E 304 17.53 -3.91 32.20
N ALA E 305 18.40 -2.92 32.06
CA ALA E 305 19.75 -3.17 31.56
C ALA E 305 20.73 -2.19 32.19
N THR E 306 21.94 -2.68 32.42
CA THR E 306 23.01 -1.89 33.02
C THR E 306 23.80 -1.20 31.92
N ASN E 307 23.86 0.14 31.97
CA ASN E 307 24.61 0.88 30.97
C ASN E 307 26.09 0.92 31.36
N GLY E 308 26.87 1.72 30.65
CA GLY E 308 28.32 1.69 30.78
C GLY E 308 28.86 2.31 32.06
N VAL E 309 28.00 2.94 32.87
CA VAL E 309 28.41 3.53 34.13
C VAL E 309 27.76 2.83 35.32
N GLY E 310 27.22 1.62 35.10
CA GLY E 310 26.70 0.81 36.18
C GLY E 310 25.26 1.08 36.56
N ARG E 311 24.57 1.98 35.89
CA ARG E 311 23.19 2.30 36.22
C ARG E 311 22.23 1.40 35.46
N LYS E 312 21.15 0.99 36.13
CA LYS E 312 20.10 0.22 35.49
C LYS E 312 19.11 1.19 34.82
N VAL E 313 18.72 0.88 33.60
CA VAL E 313 17.80 1.74 32.86
C VAL E 313 16.81 0.87 32.09
N SER E 314 15.57 1.35 32.00
CA SER E 314 14.49 0.69 31.29
C SER E 314 13.81 1.68 30.36
N HIS E 315 13.35 1.18 29.21
CA HIS E 315 12.60 2.06 28.31
C HIS E 315 11.22 2.37 28.84
N SER E 316 10.72 1.57 29.80
CA SER E 316 9.44 1.86 30.43
C SER E 316 9.57 2.85 31.57
N TYR E 317 10.77 2.99 32.15
CA TYR E 317 10.95 3.70 33.41
C TYR E 317 12.05 4.75 33.39
N GLY E 318 12.89 4.79 32.36
CA GLY E 318 14.10 5.58 32.47
C GLY E 318 15.00 4.99 33.54
N TYR E 319 15.45 5.84 34.45
CA TYR E 319 16.32 5.41 35.54
C TYR E 319 15.56 4.96 36.78
N GLY E 320 14.24 4.88 36.70
CA GLY E 320 13.43 4.33 37.76
C GLY E 320 12.63 5.38 38.52
N LEU E 321 12.27 5.03 39.75
CA LEU E 321 11.35 5.82 40.55
C LEU E 321 12.06 7.02 41.16
N LEU E 322 11.43 8.19 41.08
CA LEU E 322 11.98 9.37 41.72
C LEU E 322 12.04 9.18 43.22
N ASP E 323 13.10 9.70 43.83
CA ASP E 323 13.33 9.59 45.27
C ASP E 323 13.51 11.02 45.79
N ALA E 324 12.43 11.58 46.35
CA ALA E 324 12.48 12.98 46.80
C ALA E 324 13.57 13.20 47.83
N GLY E 325 13.71 12.28 48.79
CA GLY E 325 14.72 12.44 49.82
C GLY E 325 16.13 12.38 49.27
N ALA E 326 16.37 11.52 48.29
CA ALA E 326 17.68 11.44 47.67
C ALA E 326 17.94 12.66 46.78
N MET E 327 16.90 13.19 46.14
CA MET E 327 17.05 14.39 45.33
C MET E 327 17.51 15.57 46.17
N VAL E 328 16.82 15.85 47.28
CA VAL E 328 17.20 17.02 48.08
C VAL E 328 18.59 16.82 48.67
N ALA E 329 18.92 15.58 49.06
CA ALA E 329 20.21 15.32 49.68
C ALA E 329 21.35 15.59 48.72
N LEU E 330 21.23 15.10 47.48
CA LEU E 330 22.28 15.34 46.49
C LEU E 330 22.35 16.81 46.09
N ALA E 331 21.19 17.48 46.01
CA ALA E 331 21.18 18.90 45.68
C ALA E 331 22.02 19.71 46.67
N GLN E 332 22.04 19.30 47.94
CA GLN E 332 22.67 20.10 48.97
C GLN E 332 24.19 20.15 48.86
N ASN E 333 24.81 19.25 48.09
CA ASN E 333 26.24 19.32 47.85
C ASN E 333 26.57 19.22 46.36
N TRP E 334 25.59 19.41 45.50
CA TRP E 334 25.82 19.34 44.07
C TRP E 334 26.64 20.53 43.59
N THR E 335 27.67 20.24 42.78
CA THR E 335 28.44 21.26 42.10
C THR E 335 27.87 21.44 40.70
N THR E 336 27.63 22.70 40.32
CA THR E 336 26.99 22.98 39.05
C THR E 336 27.85 22.46 37.89
N VAL E 337 27.20 21.81 36.92
CA VAL E 337 27.95 21.16 35.85
C VAL E 337 28.50 22.20 34.88
N ALA E 338 29.53 21.78 34.13
CA ALA E 338 30.19 22.67 33.19
C ALA E 338 29.26 23.03 32.04
N PRO E 339 29.58 24.09 31.29
CA PRO E 339 28.68 24.51 30.20
C PRO E 339 28.47 23.39 29.20
N GLN E 340 27.24 23.31 28.69
CA GLN E 340 26.87 22.27 27.75
C GLN E 340 27.69 22.37 26.47
N ARG E 341 28.13 21.21 25.97
CA ARG E 341 28.77 21.10 24.67
C ARG E 341 27.91 20.25 23.75
N LYS E 342 28.08 20.44 22.45
CA LYS E 342 27.28 19.76 21.44
C LYS E 342 28.20 19.36 20.30
N CYS E 343 28.41 18.05 20.14
CA CYS E 343 29.27 17.49 19.10
C CYS E 343 28.39 16.88 18.03
N ILE E 344 28.47 17.42 16.82
CA ILE E 344 27.66 16.98 15.69
C ILE E 344 28.55 16.16 14.76
N ILE E 345 28.09 14.97 14.41
CA ILE E 345 28.89 14.03 13.61
C ILE E 345 28.01 13.53 12.47
N ASP E 346 28.40 13.84 11.24
CA ASP E 346 27.75 13.30 10.06
C ASP E 346 28.28 11.89 9.81
N ILE E 347 27.42 10.89 9.89
CA ILE E 347 27.87 9.50 9.81
C ILE E 347 27.95 9.02 8.37
N LEU E 348 26.97 9.36 7.53
CA LEU E 348 26.85 8.74 6.21
C LEU E 348 27.57 9.54 5.13
N THR E 349 28.27 8.82 4.26
CA THR E 349 28.79 9.39 3.02
C THR E 349 27.81 9.29 1.87
N GLU E 350 26.88 8.35 1.93
CA GLU E 350 25.93 8.13 0.83
C GLU E 350 24.71 7.42 1.39
N PRO E 351 23.58 7.46 0.68
CA PRO E 351 22.40 6.73 1.15
C PRO E 351 22.65 5.23 1.25
N LYS E 352 21.97 4.61 2.21
CA LYS E 352 22.11 3.18 2.48
C LYS E 352 20.74 2.51 2.35
N ASP E 353 20.67 1.47 1.52
CA ASP E 353 19.45 0.67 1.45
C ASP E 353 19.21 -0.01 2.80
N ILE E 354 17.95 -0.05 3.22
CA ILE E 354 17.60 -0.63 4.51
C ILE E 354 17.32 -2.12 4.37
N GLY E 355 16.48 -2.50 3.40
CA GLY E 355 16.20 -3.91 3.19
C GLY E 355 15.60 -4.54 4.42
N LYS E 356 15.97 -5.81 4.66
CA LYS E 356 15.49 -6.51 5.84
C LYS E 356 16.12 -5.94 7.11
N ARG E 357 17.42 -5.61 7.04
N ARG E 357 17.41 -5.60 7.04
CA ARG E 357 18.14 -5.11 8.20
CA ARG E 357 18.13 -5.11 8.20
C ARG E 357 19.30 -4.26 7.71
C ARG E 357 19.31 -4.28 7.73
N LEU E 358 19.58 -3.19 8.44
CA LEU E 358 20.68 -2.30 8.13
C LEU E 358 21.47 -2.03 9.41
N GLU E 359 22.80 -2.09 9.29
CA GLU E 359 23.70 -1.81 10.39
C GLU E 359 24.73 -0.80 9.93
N VAL E 360 24.80 0.34 10.60
CA VAL E 360 25.76 1.39 10.29
C VAL E 360 26.69 1.53 11.49
N ARG E 361 27.98 1.28 11.27
N ARG E 361 27.98 1.31 11.27
CA ARG E 361 29.00 1.40 12.30
CA ARG E 361 29.00 1.39 12.30
C ARG E 361 29.89 2.60 11.98
C ARG E 361 29.94 2.55 11.99
N LYS E 362 30.25 3.34 13.01
CA LYS E 362 31.15 4.49 12.84
C LYS E 362 31.88 4.73 14.15
N THR E 363 33.21 4.81 14.07
CA THR E 363 34.05 5.17 15.20
C THR E 363 34.22 6.68 15.22
N VAL E 364 33.89 7.31 16.34
CA VAL E 364 33.95 8.76 16.46
C VAL E 364 34.92 9.12 17.58
N THR E 365 35.45 10.34 17.49
CA THR E 365 36.33 10.90 18.51
C THR E 365 35.59 11.82 19.47
N ALA E 366 34.30 12.10 19.22
CA ALA E 366 33.53 13.04 20.01
C ALA E 366 34.19 14.42 20.03
N CYS E 367 34.53 14.90 18.83
CA CYS E 367 35.04 16.26 18.63
C CYS E 367 36.33 16.50 19.41
N LEU E 368 37.15 15.45 19.51
CA LEU E 368 38.45 15.58 20.16
C LEU E 368 39.30 16.64 19.47
N GLY E 369 40.03 17.41 20.27
CA GLY E 369 40.86 18.48 19.75
C GLY E 369 40.09 19.75 19.42
N GLU E 370 38.80 19.81 19.72
CA GLU E 370 37.97 20.95 19.40
C GLU E 370 37.28 21.47 20.66
N PRO E 371 36.69 22.66 20.63
CA PRO E 371 36.08 23.20 21.84
C PRO E 371 34.84 22.45 22.32
N ASN E 372 34.18 21.70 21.44
CA ASN E 372 33.00 20.93 21.82
C ASN E 372 33.35 19.48 22.15
N HIS E 373 34.62 19.18 22.45
CA HIS E 373 35.02 17.85 22.84
C HIS E 373 34.23 17.39 24.06
N ILE E 374 33.66 16.18 23.97
CA ILE E 374 32.83 15.60 25.02
C ILE E 374 33.50 14.32 25.49
N THR E 375 33.79 14.26 26.79
CA THR E 375 34.25 13.02 27.42
C THR E 375 33.22 12.43 28.36
N ARG E 376 32.17 13.17 28.69
CA ARG E 376 31.12 12.71 29.60
C ARG E 376 29.78 13.07 28.97
N LEU E 377 29.06 12.07 28.51
CA LEU E 377 27.87 12.29 27.72
C LEU E 377 26.66 12.60 28.61
N GLU E 378 25.73 13.37 28.06
CA GLU E 378 24.45 13.61 28.71
C GLU E 378 23.39 13.01 27.79
N HIS E 379 22.66 13.83 27.04
CA HIS E 379 21.77 13.30 26.03
C HIS E 379 22.56 12.90 24.78
N ALA E 380 21.97 12.01 23.98
CA ALA E 380 22.47 11.71 22.65
C ALA E 380 21.29 11.60 21.70
N GLN E 381 21.51 12.02 20.46
CA GLN E 381 20.49 11.99 19.43
C GLN E 381 21.03 11.30 18.17
N ALA E 382 20.17 10.54 17.51
CA ALA E 382 20.39 10.08 16.14
C ALA E 382 19.34 10.77 15.28
N ARG E 383 19.75 11.81 14.57
CA ARG E 383 18.86 12.50 13.64
C ARG E 383 18.84 11.70 12.34
N LEU E 384 17.70 11.08 12.04
CA LEU E 384 17.58 10.18 10.92
C LEU E 384 16.64 10.75 9.86
N THR E 385 17.07 10.65 8.61
CA THR E 385 16.23 10.91 7.45
C THR E 385 16.19 9.62 6.64
N LEU E 386 15.00 9.06 6.49
CA LEU E 386 14.86 7.81 5.78
C LEU E 386 13.49 7.74 5.14
N SER E 387 13.42 7.00 4.04
CA SER E 387 12.17 6.63 3.40
C SER E 387 11.86 5.18 3.71
N TYR E 388 10.57 4.85 3.72
CA TYR E 388 10.13 3.49 3.98
C TYR E 388 8.67 3.39 3.60
N ASN E 389 8.24 2.20 3.19
CA ASN E 389 6.88 2.02 2.71
C ASN E 389 5.87 1.82 3.84
N ARG E 390 6.31 1.24 4.97
CA ARG E 390 5.41 0.89 6.07
C ARG E 390 6.16 1.19 7.39
N ARG E 391 6.02 2.43 7.85
CA ARG E 391 6.91 2.96 8.89
C ARG E 391 6.83 2.15 10.18
N GLY E 392 5.63 1.68 10.53
CA GLY E 392 5.44 0.98 11.79
C GLY E 392 6.12 -0.36 11.90
N ASP E 393 6.59 -0.93 10.78
CA ASP E 393 7.32 -2.18 10.84
C ASP E 393 8.77 -2.00 11.26
N LEU E 394 9.28 -0.77 11.22
CA LEU E 394 10.66 -0.51 11.57
C LEU E 394 10.89 -0.57 13.08
N ALA E 395 12.08 -1.06 13.45
CA ALA E 395 12.62 -0.92 14.79
C ALA E 395 14.04 -0.41 14.64
N ILE E 396 14.42 0.56 15.48
CA ILE E 396 15.69 1.25 15.37
C ILE E 396 16.39 1.20 16.72
N HIS E 397 17.67 0.83 16.72
CA HIS E 397 18.47 0.74 17.92
C HIS E 397 19.78 1.49 17.73
N LEU E 398 20.32 2.01 18.83
CA LEU E 398 21.58 2.75 18.83
C LEU E 398 22.43 2.22 19.97
N VAL E 399 23.63 1.76 19.65
CA VAL E 399 24.53 1.12 20.61
C VAL E 399 25.74 2.01 20.80
N SER E 400 25.99 2.41 22.04
CA SER E 400 27.11 3.27 22.37
C SER E 400 28.41 2.47 22.42
N PRO E 401 29.55 3.15 22.34
CA PRO E 401 30.83 2.44 22.45
C PRO E 401 30.93 1.54 23.67
N MET E 402 30.44 2.00 24.83
CA MET E 402 30.49 1.19 26.03
C MET E 402 29.41 0.11 26.07
N GLY E 403 28.65 -0.06 24.99
CA GLY E 403 27.79 -1.21 24.81
C GLY E 403 26.33 -1.02 25.15
N THR E 404 25.89 0.20 25.46
CA THR E 404 24.52 0.41 25.88
C THR E 404 23.59 0.46 24.68
N ARG E 405 22.55 -0.37 24.71
N ARG E 405 22.56 -0.39 24.70
CA ARG E 405 21.64 -0.57 23.59
CA ARG E 405 21.65 -0.55 23.57
C ARG E 405 20.37 0.25 23.83
C ARG E 405 20.39 0.25 23.84
N SER E 406 20.23 1.36 23.12
CA SER E 406 19.06 2.22 23.22
C SER E 406 18.12 1.91 22.05
N THR E 407 16.90 1.48 22.38
CA THR E 407 15.85 1.31 21.38
C THR E 407 15.29 2.69 21.06
N LEU E 408 15.70 3.24 19.91
CA LEU E 408 15.21 4.54 19.49
C LEU E 408 13.78 4.47 18.97
N LEU E 409 13.40 3.34 18.37
CA LEU E 409 12.05 3.17 17.84
C LEU E 409 11.69 1.69 17.89
N ALA E 410 10.53 1.40 18.45
CA ALA E 410 9.97 0.06 18.46
C ALA E 410 8.85 -0.03 17.44
N ALA E 411 8.53 -1.25 17.04
CA ALA E 411 7.45 -1.47 16.08
C ALA E 411 6.18 -0.77 16.55
N ARG E 412 5.47 -0.15 15.60
CA ARG E 412 4.19 0.50 15.86
C ARG E 412 3.16 -0.09 14.89
N PRO E 413 2.44 -1.12 15.30
CA PRO E 413 1.59 -1.85 14.34
C PRO E 413 0.54 -1.00 13.65
N HIS E 414 0.14 0.13 14.23
CA HIS E 414 -0.89 0.96 13.64
C HIS E 414 -0.34 2.03 12.70
N ASP E 415 0.98 2.19 12.63
CA ASP E 415 1.60 3.22 11.80
C ASP E 415 1.84 2.64 10.40
N TYR E 416 0.97 2.97 9.46
CA TYR E 416 1.09 2.53 8.07
C TYR E 416 1.68 3.61 7.17
N SER E 417 2.27 4.66 7.75
CA SER E 417 2.73 5.79 6.94
C SER E 417 3.83 5.36 5.97
N ALA E 418 3.81 5.96 4.79
CA ALA E 418 4.84 5.75 3.79
C ALA E 418 5.81 6.93 3.70
N ASP E 419 5.73 7.87 4.64
CA ASP E 419 6.47 9.12 4.56
C ASP E 419 7.76 9.12 5.37
N GLY E 420 8.10 8.01 6.03
CA GLY E 420 9.37 7.90 6.71
C GLY E 420 9.58 8.94 7.79
N PHE E 421 10.84 9.32 7.99
CA PHE E 421 11.24 10.28 8.99
C PHE E 421 12.09 11.36 8.32
N ASN E 422 11.79 12.62 8.64
CA ASN E 422 12.46 13.78 8.02
C ASN E 422 13.31 14.47 9.07
N ASP E 423 14.59 14.07 9.14
CA ASP E 423 15.53 14.64 10.10
C ASP E 423 14.95 14.60 11.52
N TRP E 424 14.36 13.46 11.87
CA TRP E 424 13.75 13.30 13.18
C TRP E 424 14.83 12.94 14.20
N ALA E 425 14.86 13.67 15.32
CA ALA E 425 15.93 13.53 16.30
C ALA E 425 15.50 12.56 17.40
N PHE E 426 15.71 11.27 17.14
CA PHE E 426 15.53 10.26 18.19
C PHE E 426 16.55 10.49 19.30
N MET E 427 16.07 10.53 20.54
CA MET E 427 16.91 10.88 21.68
C MET E 427 16.96 9.73 22.67
N THR E 428 18.13 9.53 23.29
CA THR E 428 18.27 8.57 24.37
C THR E 428 18.99 9.18 25.56
N THR E 429 18.48 8.87 26.75
CA THR E 429 19.10 9.23 28.02
C THR E 429 19.92 8.10 28.62
N HIS E 430 20.03 6.97 27.93
CA HIS E 430 20.52 5.74 28.54
C HIS E 430 22.04 5.65 28.63
N SER E 431 22.76 6.49 27.88
CA SER E 431 24.21 6.52 27.96
C SER E 431 24.73 7.71 28.76
N TRP E 432 23.87 8.31 29.59
CA TRP E 432 24.26 9.43 30.43
C TRP E 432 25.50 9.07 31.23
N ASP E 433 26.48 9.97 31.23
CA ASP E 433 27.76 9.90 31.93
C ASP E 433 28.75 8.94 31.25
N GLU E 434 28.38 8.31 30.14
CA GLU E 434 29.33 7.46 29.44
C GLU E 434 30.34 8.29 28.67
N ASP E 435 31.49 7.68 28.41
CA ASP E 435 32.44 8.25 27.46
C ASP E 435 31.95 7.93 26.04
N PRO E 436 31.64 8.93 25.22
CA PRO E 436 31.05 8.66 23.91
C PRO E 436 32.04 8.39 22.80
N SER E 437 33.34 8.42 23.08
CA SER E 437 34.34 8.13 22.05
C SER E 437 34.40 6.64 21.78
N GLY E 438 34.47 6.28 20.51
CA GLY E 438 34.54 4.90 20.10
C GLY E 438 33.51 4.60 19.04
N GLU E 439 33.19 3.32 18.90
CA GLU E 439 32.33 2.84 17.82
C GLU E 439 30.87 2.88 18.26
N TRP E 440 30.09 3.73 17.61
CA TRP E 440 28.63 3.69 17.72
C TRP E 440 28.07 2.79 16.63
N VAL E 441 26.91 2.18 16.92
CA VAL E 441 26.26 1.27 15.99
C VAL E 441 24.79 1.64 15.90
N LEU E 442 24.30 1.85 14.68
CA LEU E 442 22.88 2.07 14.41
C LEU E 442 22.31 0.84 13.71
N GLU E 443 21.23 0.31 14.26
CA GLU E 443 20.53 -0.83 13.70
C GLU E 443 19.14 -0.39 13.26
N ILE E 444 18.79 -0.68 12.01
CA ILE E 444 17.45 -0.49 11.50
C ILE E 444 16.99 -1.82 10.91
N GLU E 445 15.87 -2.33 11.39
CA GLU E 445 15.40 -3.64 10.96
C GLU E 445 13.91 -3.60 10.67
N ASN E 446 13.49 -4.41 9.70
CA ASN E 446 12.09 -4.67 9.43
C ASN E 446 11.61 -5.80 10.33
N THR E 447 10.69 -5.50 11.23
CA THR E 447 10.25 -6.46 12.24
C THR E 447 9.13 -7.38 11.75
N SER E 448 8.65 -7.17 10.53
N SER E 448 8.62 -7.17 10.54
CA SER E 448 7.53 -7.92 9.96
CA SER E 448 7.52 -7.97 10.02
C SER E 448 8.03 -8.92 8.93
C SER E 448 8.04 -8.93 8.96
N GLU E 449 7.18 -9.91 8.63
CA GLU E 449 7.48 -10.82 7.53
C GLU E 449 7.16 -10.22 6.17
N ALA E 450 6.51 -9.07 6.14
CA ALA E 450 6.29 -8.39 4.87
C ALA E 450 7.61 -8.02 4.24
N ASN E 451 7.61 -7.91 2.91
CA ASN E 451 8.80 -7.51 2.16
C ASN E 451 8.72 -6.01 1.94
N ASN E 452 9.41 -5.26 2.78
CA ASN E 452 9.40 -3.80 2.77
C ASN E 452 10.67 -3.27 2.12
N TYR E 453 10.71 -1.95 1.92
CA TYR E 453 11.83 -1.32 1.24
C TYR E 453 11.95 0.13 1.67
N GLY E 454 13.18 0.63 1.68
CA GLY E 454 13.43 2.00 2.05
C GLY E 454 14.91 2.30 2.02
N THR E 455 15.23 3.56 2.32
CA THR E 455 16.60 4.05 2.24
C THR E 455 16.87 4.99 3.41
N LEU E 456 18.06 4.86 4.00
CA LEU E 456 18.52 5.80 5.02
C LEU E 456 19.43 6.81 4.33
N THR E 457 18.94 8.04 4.17
CA THR E 457 19.68 9.04 3.42
C THR E 457 20.56 9.90 4.31
N LYS E 458 20.28 9.99 5.61
CA LYS E 458 21.05 10.86 6.48
C LYS E 458 21.00 10.34 7.90
N PHE E 459 22.16 10.29 8.55
CA PHE E 459 22.29 9.87 9.94
C PHE E 459 23.29 10.81 10.60
N THR E 460 22.80 11.72 11.42
CA THR E 460 23.62 12.67 12.16
C THR E 460 23.59 12.30 13.64
N LEU E 461 24.76 11.95 14.18
CA LEU E 461 24.89 11.65 15.60
C LEU E 461 25.24 12.93 16.33
N VAL E 462 24.41 13.31 17.30
CA VAL E 462 24.59 14.53 18.08
C VAL E 462 24.82 14.14 19.53
N LEU E 463 25.97 14.52 20.06
CA LEU E 463 26.34 14.23 21.44
C LEU E 463 26.30 15.52 22.26
N TYR E 464 25.63 15.48 23.39
CA TYR E 464 25.65 16.54 24.38
C TYR E 464 26.43 16.09 25.60
N GLY E 465 27.12 17.01 26.25
CA GLY E 465 27.84 16.65 27.45
C GLY E 465 28.91 17.67 27.79
N THR E 466 29.91 17.20 28.55
CA THR E 466 30.97 18.04 29.07
C THR E 466 32.30 17.32 28.90
N ALA E 467 33.39 18.05 29.16
CA ALA E 467 34.72 17.47 29.17
C ALA E 467 35.45 17.84 30.46
N ARG F 3 -6.83 19.46 8.46
CA ARG F 3 -6.05 20.53 9.09
C ARG F 3 -6.72 21.88 8.86
N GLN F 4 -6.87 22.66 9.93
CA GLN F 4 -7.53 23.97 9.88
C GLN F 4 -6.49 25.05 10.05
N PHE F 5 -6.15 25.72 8.96
CA PHE F 5 -5.27 26.88 9.02
C PHE F 5 -6.06 28.11 9.45
N VAL F 6 -5.43 28.96 10.25
CA VAL F 6 -6.06 30.17 10.74
C VAL F 6 -5.37 31.36 10.11
N ASN F 7 -6.06 32.51 10.13
CA ASN F 7 -5.52 33.72 9.52
C ASN F 7 -4.56 34.45 10.43
N GLU F 8 -3.68 33.71 11.11
CA GLU F 8 -2.63 34.28 11.94
C GLU F 8 -1.28 33.86 11.40
N TRP F 9 -0.34 34.80 11.41
CA TRP F 9 1.02 34.58 10.95
C TRP F 9 2.00 35.01 12.03
N ALA F 10 3.03 34.19 12.24
CA ALA F 10 4.13 34.53 13.13
C ALA F 10 5.36 34.85 12.31
N ALA F 11 6.16 35.80 12.79
CA ALA F 11 7.32 36.25 12.04
C ALA F 11 8.41 36.70 12.98
N GLU F 12 9.66 36.37 12.65
CA GLU F 12 10.82 36.87 13.37
C GLU F 12 11.30 38.15 12.67
N ILE F 13 11.23 39.27 13.39
CA ILE F 13 11.54 40.58 12.83
C ILE F 13 12.60 41.24 13.70
N PRO F 14 13.88 41.21 13.26
CA PRO F 14 14.94 41.79 14.11
C PRO F 14 14.75 43.26 14.41
N GLY F 15 14.13 44.02 13.50
CA GLY F 15 14.03 45.46 13.67
C GLY F 15 13.28 45.90 14.91
N GLY F 16 12.42 45.05 15.45
CA GLY F 16 11.73 45.35 16.68
C GLY F 16 10.27 45.69 16.48
N PRO F 17 9.61 46.16 17.53
CA PRO F 17 8.16 46.38 17.46
C PRO F 17 7.75 47.45 16.46
N GLU F 18 8.61 48.43 16.19
CA GLU F 18 8.25 49.44 15.20
C GLU F 18 8.31 48.88 13.80
N ALA F 19 9.29 48.01 13.52
CA ALA F 19 9.33 47.32 12.23
C ALA F 19 8.13 46.40 12.07
N ALA F 20 7.75 45.70 13.15
CA ALA F 20 6.57 44.86 13.09
C ALA F 20 5.31 45.67 12.83
N SER F 21 5.22 46.86 13.44
CA SER F 21 4.07 47.73 13.19
C SER F 21 4.02 48.17 11.73
N ALA F 22 5.17 48.52 11.16
CA ALA F 22 5.22 48.92 9.76
C ALA F 22 4.83 47.76 8.84
N ILE F 23 5.34 46.57 9.12
CA ILE F 23 5.00 45.40 8.32
C ILE F 23 3.49 45.17 8.33
N ALA F 24 2.86 45.32 9.49
CA ALA F 24 1.45 45.02 9.62
C ALA F 24 0.60 45.95 8.76
N GLU F 25 0.90 47.25 8.79
CA GLU F 25 0.09 48.19 8.02
C GLU F 25 0.37 48.06 6.53
N GLU F 26 1.63 47.81 6.15
CA GLU F 26 1.97 47.72 4.74
C GLU F 26 1.43 46.46 4.08
N LEU F 27 1.38 45.35 4.82
CA LEU F 27 0.96 44.07 4.25
C LEU F 27 -0.48 43.71 4.55
N GLY F 28 -1.16 44.45 5.42
CA GLY F 28 -2.56 44.22 5.67
C GLY F 28 -2.83 43.30 6.84
N TYR F 29 -2.14 43.52 7.95
CA TYR F 29 -2.34 42.77 9.18
C TYR F 29 -2.66 43.70 10.34
N ASP F 30 -3.36 43.16 11.32
CA ASP F 30 -3.36 43.72 12.67
C ASP F 30 -2.24 43.05 13.45
N LEU F 31 -1.36 43.86 14.04
CA LEU F 31 -0.30 43.33 14.89
C LEU F 31 -0.91 42.97 16.25
N LEU F 32 -0.90 41.68 16.58
CA LEU F 32 -1.42 41.25 17.86
C LEU F 32 -0.41 41.47 18.98
N GLY F 33 0.89 41.32 18.69
CA GLY F 33 1.91 41.59 19.68
C GLY F 33 3.06 40.59 19.65
N GLN F 34 3.97 40.73 20.62
CA GLN F 34 5.09 39.81 20.74
C GLN F 34 4.61 38.45 21.24
N ILE F 35 5.24 37.39 20.74
CA ILE F 35 4.84 36.02 21.07
C ILE F 35 5.57 35.62 22.35
N GLY F 36 4.85 35.69 23.47
CA GLY F 36 5.43 35.25 24.72
C GLY F 36 6.71 36.00 25.02
N SER F 37 7.78 35.26 25.32
CA SER F 37 9.06 35.86 25.69
C SER F 37 10.09 35.76 24.58
N LEU F 38 9.67 35.39 23.37
CA LEU F 38 10.56 35.41 22.22
C LEU F 38 10.65 36.83 21.71
N GLU F 39 11.71 37.53 22.06
CA GLU F 39 11.90 38.88 21.54
C GLU F 39 12.02 38.81 20.02
N ASN F 40 11.47 39.81 19.34
CA ASN F 40 11.51 39.90 17.89
C ASN F 40 10.72 38.80 17.20
N HIS F 41 9.79 38.16 17.91
CA HIS F 41 8.84 37.22 17.33
C HIS F 41 7.44 37.78 17.55
N TYR F 42 6.69 37.98 16.47
CA TYR F 42 5.43 38.70 16.52
C TYR F 42 4.33 37.92 15.84
N LEU F 43 3.11 38.07 16.35
CA LEU F 43 1.92 37.41 15.81
C LEU F 43 1.05 38.45 15.12
N PHE F 44 0.56 38.10 13.93
CA PHE F 44 -0.25 38.99 13.11
C PHE F 44 -1.55 38.29 12.75
N LYS F 45 -2.61 39.08 12.58
CA LYS F 45 -3.87 38.58 12.05
C LYS F 45 -4.19 39.32 10.77
N HIS F 46 -4.40 38.59 9.69
CA HIS F 46 -4.66 39.19 8.40
C HIS F 46 -6.07 39.81 8.37
N LYS F 47 -6.17 40.98 7.74
CA LYS F 47 -7.39 41.78 7.84
C LYS F 47 -8.52 41.21 6.99
N ASN F 48 -8.19 40.50 5.91
CA ASN F 48 -9.19 40.05 4.95
C ASN F 48 -9.29 38.53 4.82
N HIS F 49 -8.26 37.78 5.17
CA HIS F 49 -8.26 36.34 4.95
C HIS F 49 -9.22 35.64 5.92
N PRO F 50 -9.83 34.53 5.50
CA PRO F 50 -10.80 33.86 6.38
C PRO F 50 -10.14 33.35 7.67
N ALA F 51 -10.94 33.32 8.73
CA ALA F 51 -10.41 32.97 10.06
C ALA F 51 -10.06 31.49 10.15
N ARG F 52 -10.81 30.63 9.48
CA ARG F 52 -10.49 29.20 9.41
C ARG F 52 -10.67 28.73 7.97
N SER F 53 -9.71 27.96 7.48
CA SER F 53 -9.82 27.36 6.16
C SER F 53 -9.06 26.04 6.15
N ALA F 54 -9.53 25.10 5.34
CA ALA F 54 -8.78 23.87 5.11
C ALA F 54 -7.57 24.09 4.23
N ALA F 55 -7.46 25.23 3.56
CA ALA F 55 -6.38 25.51 2.63
C ALA F 55 -5.38 26.48 3.25
N SER F 56 -4.10 26.19 3.02
CA SER F 56 -3.04 27.13 3.34
C SER F 56 -3.13 28.37 2.46
N ALA F 57 -2.69 29.51 3.01
CA ALA F 57 -2.63 30.76 2.27
C ALA F 57 -1.17 31.04 1.89
N PHE F 58 -0.70 30.28 0.89
CA PHE F 58 0.72 30.27 0.59
C PHE F 58 1.22 31.63 0.09
N HIS F 59 0.41 32.34 -0.67
CA HIS F 59 0.87 33.61 -1.23
C HIS F 59 0.88 34.73 -0.21
N ILE F 60 0.10 34.61 0.86
CA ILE F 60 0.23 35.56 1.97
C ILE F 60 1.51 35.30 2.73
N THR F 61 1.80 34.02 3.02
CA THR F 61 3.03 33.68 3.72
C THR F 61 4.26 34.13 2.94
N LYS F 62 4.25 33.96 1.62
CA LYS F 62 5.43 34.29 0.83
C LYS F 62 5.71 35.79 0.86
N ARG F 63 4.67 36.62 0.78
CA ARG F 63 4.88 38.06 0.87
C ARG F 63 5.52 38.44 2.20
N LEU F 64 5.07 37.82 3.30
CA LEU F 64 5.59 38.19 4.61
C LEU F 64 7.05 37.77 4.76
N SER F 65 7.37 36.52 4.43
CA SER F 65 8.75 36.05 4.59
C SER F 65 9.70 36.70 3.58
N ASP F 66 9.22 36.98 2.37
CA ASP F 66 10.07 37.64 1.38
C ASP F 66 10.41 39.08 1.75
N ASP F 67 9.66 39.68 2.66
CA ASP F 67 9.98 41.03 3.11
C ASP F 67 11.35 41.05 3.76
N ASP F 68 12.15 42.08 3.43
CA ASP F 68 13.52 42.15 3.90
C ASP F 68 13.64 42.35 5.40
N ARG F 69 12.56 42.79 6.06
CA ARG F 69 12.57 42.97 7.51
C ARG F 69 12.20 41.69 8.26
N VAL F 70 11.84 40.63 7.54
CA VAL F 70 11.36 39.39 8.13
C VAL F 70 12.40 38.31 7.87
N ILE F 71 12.88 37.67 8.93
CA ILE F 71 13.78 36.52 8.77
C ILE F 71 12.99 35.32 8.28
N TRP F 72 11.92 34.97 8.98
CA TRP F 72 11.07 33.86 8.59
C TRP F 72 9.65 34.14 9.06
N ALA F 73 8.70 33.43 8.47
CA ALA F 73 7.29 33.57 8.82
C ALA F 73 6.55 32.28 8.49
N GLU F 74 5.51 32.00 9.28
CA GLU F 74 4.70 30.80 9.09
C GLU F 74 3.26 31.10 9.45
N GLN F 75 2.34 30.56 8.64
CA GLN F 75 0.93 30.59 8.99
C GLN F 75 0.65 29.60 10.11
N GLN F 76 -0.18 30.02 11.06
CA GLN F 76 -0.57 29.15 12.16
C GLN F 76 -1.72 28.24 11.74
N TYR F 77 -1.85 27.13 12.46
CA TYR F 77 -2.97 26.20 12.25
C TYR F 77 -3.23 25.44 13.54
N GLU F 78 -4.46 24.95 13.67
CA GLU F 78 -4.86 24.22 14.86
C GLU F 78 -4.18 22.86 14.91
N LYS F 79 -3.52 22.57 16.01
CA LYS F 79 -2.87 21.28 16.21
C LYS F 79 -3.75 20.38 17.06
N GLU F 80 -3.74 19.10 16.75
CA GLU F 80 -4.43 18.11 17.57
C GLU F 80 -3.54 17.78 18.77
N ARG F 81 -4.00 18.14 19.96
CA ARG F 81 -3.25 17.95 21.19
C ARG F 81 -4.17 17.30 22.20
N SER F 82 -3.72 16.19 22.79
N SER F 82 -3.72 16.19 22.79
CA SER F 82 -4.53 15.39 23.68
CA SER F 82 -4.53 15.40 23.69
C SER F 82 -3.99 15.49 25.11
C SER F 82 -3.99 15.49 25.11
N LYS F 83 -4.91 15.52 26.07
CA LYS F 83 -4.53 15.38 27.47
C LYS F 83 -4.20 13.92 27.75
N ARG F 84 -3.29 13.70 28.68
CA ARG F 84 -2.91 12.35 29.07
C ARG F 84 -3.41 12.07 30.48
N ASP G 1 21.34 21.55 -68.57
CA ASP G 1 21.31 20.21 -68.03
C ASP G 1 19.92 19.86 -67.51
N VAL G 2 19.68 18.57 -67.32
CA VAL G 2 18.40 18.05 -66.86
C VAL G 2 18.63 17.28 -65.57
N TYR G 3 17.80 17.52 -64.57
CA TYR G 3 17.85 16.77 -63.32
C TYR G 3 16.80 15.67 -63.33
N GLN G 4 17.20 14.47 -62.92
CA GLN G 4 16.28 13.34 -62.78
C GLN G 4 16.51 12.70 -61.43
N GLU G 5 15.43 12.46 -60.70
CA GLU G 5 15.52 11.76 -59.45
C GLU G 5 15.94 10.32 -59.70
N PRO G 6 16.46 9.63 -58.70
CA PRO G 6 16.97 8.27 -58.90
C PRO G 6 15.89 7.34 -59.47
N THR G 7 16.34 6.35 -60.25
CA THR G 7 15.46 5.35 -60.84
C THR G 7 15.47 4.02 -60.09
N ASP G 8 16.16 3.94 -58.95
CA ASP G 8 16.30 2.66 -58.26
C ASP G 8 14.92 2.08 -57.93
N PRO G 9 14.77 0.76 -57.96
CA PRO G 9 13.43 0.16 -57.88
C PRO G 9 12.70 0.48 -56.58
N LYS G 10 13.40 0.70 -55.48
CA LYS G 10 12.76 0.99 -54.20
C LYS G 10 12.77 2.47 -53.85
N PHE G 11 13.26 3.34 -54.73
CA PHE G 11 13.26 4.76 -54.39
C PHE G 11 11.85 5.31 -54.20
N PRO G 12 10.85 4.92 -54.99
CA PRO G 12 9.48 5.39 -54.70
C PRO G 12 8.97 5.04 -53.32
N GLN G 13 9.53 3.99 -52.69
CA GLN G 13 9.14 3.61 -51.33
C GLN G 13 9.91 4.37 -50.26
N GLN G 14 10.97 5.09 -50.63
CA GLN G 14 11.71 5.94 -49.69
C GLN G 14 10.94 7.26 -49.56
N TRP G 15 9.74 7.14 -48.99
CA TRP G 15 8.83 8.26 -48.82
C TRP G 15 9.48 9.44 -48.10
N TYR G 16 10.46 9.17 -47.25
CA TYR G 16 11.08 10.18 -46.42
C TYR G 16 12.13 11.01 -47.18
N LEU G 17 12.58 10.52 -48.33
CA LEU G 17 13.51 11.30 -49.15
C LEU G 17 12.75 12.30 -50.03
N SER G 18 11.73 11.83 -50.73
CA SER G 18 10.98 12.70 -51.64
C SER G 18 9.52 12.27 -51.65
N GLY G 19 8.65 13.24 -51.88
CA GLY G 19 7.23 12.99 -52.01
C GLY G 19 6.56 14.21 -52.59
N VAL G 20 5.25 14.09 -52.84
CA VAL G 20 4.54 15.18 -53.49
C VAL G 20 4.34 16.34 -52.52
N THR G 21 4.24 16.05 -51.22
CA THR G 21 4.05 17.06 -50.20
C THR G 21 5.41 17.56 -49.71
N GLN G 22 5.40 18.42 -48.70
CA GLN G 22 6.60 18.81 -47.99
C GLN G 22 6.91 17.88 -46.83
N ARG G 23 6.10 16.84 -46.61
CA ARG G 23 6.27 15.90 -45.50
C ARG G 23 7.39 14.89 -45.80
N ASP G 24 8.59 15.43 -45.98
CA ASP G 24 9.77 14.60 -46.19
C ASP G 24 10.97 15.41 -45.76
N LEU G 25 12.16 14.86 -45.98
CA LEU G 25 13.40 15.51 -45.58
C LEU G 25 13.94 16.45 -46.65
N ASN G 26 13.17 16.70 -47.72
CA ASN G 26 13.55 17.65 -48.76
C ASN G 26 14.95 17.35 -49.28
N VAL G 27 15.25 16.05 -49.44
CA VAL G 27 16.56 15.64 -49.92
C VAL G 27 16.67 15.84 -51.43
N LYS G 28 15.57 15.62 -52.16
CA LYS G 28 15.61 15.77 -53.61
C LYS G 28 15.97 17.20 -54.01
N ALA G 29 15.53 18.19 -53.23
CA ALA G 29 15.91 19.57 -53.51
C ALA G 29 17.41 19.79 -53.32
N ALA G 30 18.04 19.04 -52.41
CA ALA G 30 19.49 19.15 -52.26
C ALA G 30 20.21 18.51 -53.44
N TRP G 31 19.75 17.33 -53.88
CA TRP G 31 20.31 16.70 -55.06
C TRP G 31 20.21 17.64 -56.27
N ALA G 32 19.01 18.21 -56.48
CA ALA G 32 18.80 19.11 -57.61
C ALA G 32 19.69 20.35 -57.55
N GLN G 33 20.16 20.72 -56.36
CA GLN G 33 21.15 21.79 -56.22
C GLN G 33 22.56 21.31 -56.55
N GLY G 34 22.76 20.03 -56.83
CA GLY G 34 24.05 19.51 -57.22
C GLY G 34 24.86 18.81 -56.13
N TYR G 35 24.25 18.48 -55.00
CA TYR G 35 24.97 17.92 -53.86
C TYR G 35 24.55 16.47 -53.65
N THR G 36 25.55 15.57 -53.66
CA THR G 36 25.32 14.15 -53.58
C THR G 36 26.20 13.44 -52.56
N GLY G 37 27.11 14.16 -51.91
CA GLY G 37 28.08 13.55 -51.02
C GLY G 37 29.44 13.34 -51.63
N HIS G 38 29.63 13.68 -52.90
CA HIS G 38 30.90 13.44 -53.55
C HIS G 38 32.04 14.10 -52.77
N GLY G 39 33.08 13.32 -52.50
CA GLY G 39 34.23 13.80 -51.76
C GLY G 39 34.10 13.70 -50.24
N ILE G 40 32.94 13.32 -49.73
CA ILE G 40 32.71 13.19 -48.29
C ILE G 40 32.87 11.72 -47.89
N VAL G 41 33.34 11.50 -46.67
CA VAL G 41 33.62 10.17 -46.15
C VAL G 41 32.87 10.00 -44.84
N VAL G 42 32.05 8.96 -44.75
CA VAL G 42 31.24 8.66 -43.56
C VAL G 42 31.56 7.24 -43.12
N SER G 43 31.61 7.03 -41.79
CA SER G 43 31.87 5.71 -41.23
C SER G 43 30.77 5.35 -40.24
N ILE G 44 30.29 4.12 -40.33
CA ILE G 44 29.25 3.60 -39.45
C ILE G 44 29.92 2.82 -38.33
N LEU G 45 29.81 3.30 -37.09
CA LEU G 45 30.33 2.59 -35.93
C LEU G 45 29.24 1.64 -35.44
N ASP G 46 29.37 0.36 -35.78
CA ASP G 46 28.31 -0.60 -35.48
C ASP G 46 28.83 -2.03 -35.45
N ASP G 47 28.07 -2.98 -35.98
CA ASP G 47 28.43 -4.39 -35.98
C ASP G 47 29.11 -4.84 -37.27
N GLY G 48 29.61 -3.91 -38.07
CA GLY G 48 30.28 -4.22 -39.32
C GLY G 48 29.49 -3.71 -40.52
N ILE G 49 30.07 -3.91 -41.69
CA ILE G 49 29.47 -3.46 -42.94
C ILE G 49 29.76 -4.48 -44.03
N GLU G 50 28.71 -4.93 -44.70
CA GLU G 50 28.86 -5.83 -45.84
C GLU G 50 29.46 -5.06 -47.01
N LYS G 51 30.79 -5.01 -47.07
CA LYS G 51 31.46 -4.15 -48.04
C LYS G 51 31.21 -4.60 -49.48
N ASN G 52 30.82 -5.86 -49.68
CA ASN G 52 30.55 -6.41 -51.00
C ASN G 52 29.10 -6.28 -51.43
N HIS G 53 28.24 -5.69 -50.60
CA HIS G 53 26.84 -5.55 -50.97
C HIS G 53 26.73 -4.86 -52.33
N PRO G 54 25.80 -5.27 -53.20
CA PRO G 54 25.74 -4.65 -54.54
C PRO G 54 25.41 -3.16 -54.51
N ASP G 55 24.70 -2.69 -53.48
CA ASP G 55 24.36 -1.27 -53.38
C ASP G 55 25.34 -0.51 -52.49
N LEU G 56 26.42 -1.15 -52.04
CA LEU G 56 27.42 -0.50 -51.21
C LEU G 56 28.82 -0.54 -51.79
N ALA G 57 29.18 -1.58 -52.56
CA ALA G 57 30.56 -1.77 -52.98
C ALA G 57 31.08 -0.57 -53.76
N GLY G 58 30.26 -0.01 -54.65
CA GLY G 58 30.70 1.12 -55.45
C GLY G 58 31.17 2.31 -54.63
N ASN G 59 30.70 2.43 -53.39
CA ASN G 59 31.09 3.53 -52.51
C ASN G 59 31.96 3.10 -51.34
N TYR G 60 32.19 1.79 -51.15
CA TYR G 60 32.91 1.34 -49.97
C TYR G 60 34.31 1.93 -49.93
N ASP G 61 34.74 2.33 -48.74
CA ASP G 61 36.05 2.95 -48.52
C ASP G 61 36.79 2.17 -47.43
N PRO G 62 37.77 1.34 -47.79
CA PRO G 62 38.52 0.63 -46.74
C PRO G 62 39.21 1.59 -45.79
N GLY G 63 39.56 2.79 -46.24
CA GLY G 63 40.18 3.80 -45.40
C GLY G 63 39.26 4.42 -44.37
N ALA G 64 37.96 4.18 -44.48
CA ALA G 64 37.00 4.59 -43.46
C ALA G 64 36.56 3.42 -42.58
N SER G 65 37.28 2.30 -42.63
CA SER G 65 36.83 1.08 -42.01
C SER G 65 37.92 0.48 -41.13
N PHE G 66 37.48 -0.30 -40.15
CA PHE G 66 38.38 -1.13 -39.36
C PHE G 66 37.55 -2.11 -38.56
N ASP G 67 38.16 -3.24 -38.21
CA ASP G 67 37.55 -4.23 -37.34
C ASP G 67 38.23 -4.10 -35.98
N VAL G 68 37.57 -3.38 -35.06
CA VAL G 68 38.12 -3.23 -33.72
C VAL G 68 37.93 -4.49 -32.90
N ASN G 69 36.83 -5.23 -33.12
CA ASN G 69 36.56 -6.41 -32.32
C ASN G 69 37.63 -7.48 -32.52
N ASP G 70 38.01 -7.75 -33.77
CA ASP G 70 39.00 -8.78 -34.08
C ASP G 70 40.38 -8.22 -34.41
N GLN G 71 40.57 -6.91 -34.32
CA GLN G 71 41.85 -6.25 -34.62
C GLN G 71 42.32 -6.59 -36.03
N ASP G 72 41.47 -6.33 -37.01
CA ASP G 72 41.90 -6.43 -38.40
C ASP G 72 41.27 -5.31 -39.21
N PRO G 73 41.74 -5.05 -40.43
CA PRO G 73 41.18 -3.95 -41.22
C PRO G 73 39.86 -4.29 -41.91
N ASP G 74 39.41 -5.55 -41.84
CA ASP G 74 38.28 -6.01 -42.61
C ASP G 74 37.02 -5.99 -41.74
N PRO G 75 36.07 -5.06 -41.97
CA PRO G 75 34.90 -4.96 -41.09
C PRO G 75 33.75 -5.87 -41.49
N GLN G 76 34.02 -6.92 -42.25
CA GLN G 76 32.94 -7.77 -42.72
C GLN G 76 32.10 -8.25 -41.54
N PRO G 77 30.77 -8.26 -41.65
CA PRO G 77 29.95 -8.74 -40.54
C PRO G 77 30.12 -10.24 -40.36
N ARG G 78 29.90 -10.68 -39.11
CA ARG G 78 29.83 -12.10 -38.78
C ARG G 78 28.44 -12.62 -39.13
N TYR G 79 28.38 -13.60 -40.03
CA TYR G 79 27.10 -14.13 -40.48
C TYR G 79 26.56 -15.15 -39.50
N THR G 80 25.27 -15.03 -39.20
CA THR G 80 24.58 -15.90 -38.25
C THR G 80 23.20 -16.20 -38.80
N GLN G 81 22.60 -17.27 -38.27
CA GLN G 81 21.29 -17.70 -38.75
C GLN G 81 20.27 -16.58 -38.65
N MET G 82 20.28 -15.84 -37.55
CA MET G 82 19.30 -14.80 -37.31
C MET G 82 19.76 -13.42 -37.78
N ASN G 83 20.86 -13.35 -38.52
CA ASN G 83 21.34 -12.10 -39.09
C ASN G 83 21.46 -11.01 -38.02
N ASP G 84 22.03 -11.40 -36.88
CA ASP G 84 22.21 -10.47 -35.78
C ASP G 84 23.02 -9.26 -36.18
N ASN G 85 24.01 -9.45 -37.05
CA ASN G 85 25.01 -8.44 -37.37
C ASN G 85 24.70 -7.69 -38.66
N ARG G 86 23.41 -7.47 -38.92
CA ARG G 86 22.93 -6.73 -40.09
C ARG G 86 22.84 -5.24 -39.86
N HIS G 87 23.02 -4.76 -38.62
CA HIS G 87 22.63 -3.40 -38.27
C HIS G 87 23.49 -2.37 -38.99
N GLY G 88 24.81 -2.56 -38.99
CA GLY G 88 25.69 -1.59 -39.62
C GLY G 88 25.46 -1.48 -41.11
N THR G 89 25.12 -2.61 -41.77
CA THR G 89 24.86 -2.56 -43.20
C THR G 89 23.58 -1.78 -43.50
N ARG G 90 22.57 -1.90 -42.65
CA ARG G 90 21.33 -1.15 -42.85
C ARG G 90 21.58 0.35 -42.71
N CYS G 91 22.31 0.75 -41.67
CA CYS G 91 22.63 2.16 -41.49
C CYS G 91 23.50 2.67 -42.63
N ALA G 92 24.47 1.85 -43.07
CA ALA G 92 25.35 2.26 -44.15
C ALA G 92 24.55 2.59 -45.41
N GLY G 93 23.51 1.80 -45.69
CA GLY G 93 22.72 2.03 -46.89
C GLY G 93 21.96 3.33 -46.87
N GLU G 94 21.49 3.75 -45.68
CA GLU G 94 20.76 5.01 -45.58
C GLU G 94 21.63 6.20 -45.94
N VAL G 95 22.92 6.11 -45.63
CA VAL G 95 23.83 7.21 -45.92
C VAL G 95 24.24 7.20 -47.38
N ALA G 96 24.64 6.04 -47.91
CA ALA G 96 25.42 6.04 -49.15
C ALA G 96 25.14 4.84 -50.05
N ALA G 97 23.91 4.33 -50.07
CA ALA G 97 23.56 3.32 -51.06
C ALA G 97 23.69 3.91 -52.46
N VAL G 98 24.19 3.11 -53.40
CA VAL G 98 24.42 3.58 -54.76
C VAL G 98 23.10 3.87 -55.45
N ALA G 99 23.07 4.96 -56.23
CA ALA G 99 21.89 5.38 -56.97
C ALA G 99 21.97 4.96 -58.44
N ASN G 100 20.81 4.76 -59.04
CA ASN G 100 20.68 4.53 -60.49
C ASN G 100 21.42 3.27 -60.93
N ASN G 101 21.35 2.22 -60.12
CA ASN G 101 22.00 0.95 -60.43
C ASN G 101 21.03 -0.23 -60.40
N GLY G 102 19.73 0.02 -60.35
CA GLY G 102 18.75 -1.05 -60.37
C GLY G 102 18.71 -1.91 -59.13
N VAL G 103 19.32 -1.47 -58.03
CA VAL G 103 19.38 -2.24 -56.79
C VAL G 103 18.74 -1.43 -55.67
N CYS G 104 17.72 -2.01 -55.04
N CYS G 104 17.79 -2.05 -54.97
CA CYS G 104 17.13 -1.50 -53.79
CA CYS G 104 17.16 -1.49 -53.77
C CYS G 104 16.86 -0.01 -53.94
C CYS G 104 16.88 0.00 -53.95
N GLY G 105 17.24 0.83 -52.97
CA GLY G 105 16.97 2.26 -53.04
C GLY G 105 18.22 3.10 -53.23
N VAL G 106 18.24 4.30 -52.64
CA VAL G 106 19.40 5.17 -52.68
C VAL G 106 19.70 5.65 -51.26
N GLY G 107 20.97 6.01 -51.06
CA GLY G 107 21.33 6.73 -49.86
C GLY G 107 21.11 8.21 -50.02
N VAL G 108 21.01 8.90 -48.88
CA VAL G 108 20.88 10.36 -48.91
C VAL G 108 22.06 10.97 -49.63
N ALA G 109 23.27 10.53 -49.29
CA ALA G 109 24.50 10.99 -49.92
C ALA G 109 25.06 9.87 -50.78
N TYR G 110 24.38 9.61 -51.90
CA TYR G 110 24.65 8.41 -52.69
C TYR G 110 25.96 8.47 -53.46
N ASN G 111 26.71 9.57 -53.40
CA ASN G 111 28.05 9.62 -53.99
C ASN G 111 29.14 9.74 -52.95
N ALA G 112 28.79 9.76 -51.67
CA ALA G 112 29.80 9.75 -50.62
C ALA G 112 30.47 8.39 -50.55
N ARG G 113 31.67 8.37 -49.98
CA ARG G 113 32.34 7.13 -49.64
C ARG G 113 31.89 6.70 -48.25
N ILE G 114 31.75 5.39 -48.06
CA ILE G 114 31.15 4.83 -46.86
C ILE G 114 32.03 3.71 -46.34
N GLY G 115 32.33 3.74 -45.04
CA GLY G 115 33.02 2.66 -44.38
C GLY G 115 32.28 2.26 -43.12
N GLY G 116 32.84 1.25 -42.45
CA GLY G 116 32.27 0.79 -41.20
C GLY G 116 33.32 0.36 -40.21
N VAL G 117 33.08 0.65 -38.93
CA VAL G 117 33.92 0.17 -37.85
C VAL G 117 33.17 -0.97 -37.16
N ARG G 118 33.71 -2.17 -37.24
CA ARG G 118 33.14 -3.31 -36.54
C ARG G 118 33.61 -3.26 -35.10
N MET G 119 32.75 -2.78 -34.21
CA MET G 119 33.13 -2.61 -32.81
C MET G 119 32.05 -3.02 -31.81
N LEU G 120 30.83 -3.36 -32.24
CA LEU G 120 29.81 -3.82 -31.31
C LEU G 120 29.76 -5.35 -31.17
N ASP G 121 30.37 -6.09 -32.09
CA ASP G 121 30.24 -7.55 -32.09
C ASP G 121 31.41 -8.15 -31.31
N GLY G 122 31.36 -7.93 -30.00
CA GLY G 122 32.42 -8.37 -29.13
C GLY G 122 32.28 -7.70 -27.78
N GLU G 123 33.38 -7.69 -27.03
CA GLU G 123 33.41 -7.05 -25.73
C GLU G 123 33.81 -5.59 -25.91
N VAL G 124 32.93 -4.68 -25.50
CA VAL G 124 33.10 -3.24 -25.71
C VAL G 124 33.65 -2.64 -24.42
N THR G 125 34.90 -2.18 -24.47
CA THR G 125 35.51 -1.42 -23.39
C THR G 125 35.55 0.06 -23.76
N ASP G 126 35.95 0.89 -22.79
CA ASP G 126 36.21 2.30 -23.06
C ASP G 126 37.21 2.45 -24.21
N ALA G 127 38.24 1.59 -24.24
CA ALA G 127 39.26 1.72 -25.27
C ALA G 127 38.71 1.34 -26.64
N VAL G 128 37.81 0.36 -26.69
CA VAL G 128 37.16 -0.01 -27.95
C VAL G 128 36.43 1.19 -28.53
N GLU G 129 35.62 1.86 -27.69
CA GLU G 129 34.89 3.03 -28.15
C GLU G 129 35.83 4.14 -28.60
N ALA G 130 36.88 4.39 -27.83
CA ALA G 130 37.84 5.44 -28.18
C ALA G 130 38.49 5.16 -29.53
N ARG G 131 38.92 3.91 -29.75
CA ARG G 131 39.60 3.58 -31.00
C ARG G 131 38.67 3.77 -32.19
N SER G 132 37.39 3.46 -32.02
CA SER G 132 36.43 3.63 -33.11
C SER G 132 36.15 5.10 -33.37
N LEU G 133 35.92 5.86 -32.30
CA LEU G 133 35.62 7.28 -32.43
C LEU G 133 36.79 8.06 -33.03
N GLY G 134 38.02 7.64 -32.74
CA GLY G 134 39.18 8.35 -33.24
C GLY G 134 39.84 7.70 -34.44
N LEU G 135 39.13 6.85 -35.15
CA LEU G 135 39.70 6.18 -36.31
C LEU G 135 39.89 7.16 -37.45
N ASN G 136 41.12 7.24 -37.97
CA ASN G 136 41.47 7.95 -39.20
C ASN G 136 40.78 9.32 -39.25
N PRO G 137 41.04 10.18 -38.27
CA PRO G 137 40.23 11.41 -38.13
C PRO G 137 40.55 12.50 -39.14
N ASN G 138 41.59 12.35 -39.96
CA ASN G 138 41.83 13.28 -41.06
C ASN G 138 41.37 12.70 -42.40
N HIS G 139 40.81 11.50 -42.40
CA HIS G 139 40.16 10.94 -43.58
C HIS G 139 38.65 10.86 -43.43
N ILE G 140 38.16 10.33 -42.31
CA ILE G 140 36.74 10.24 -42.06
C ILE G 140 36.23 11.63 -41.62
N HIS G 141 35.12 12.06 -42.22
CA HIS G 141 34.52 13.35 -41.90
C HIS G 141 33.37 13.23 -40.90
N ILE G 142 32.48 12.27 -41.11
CA ILE G 142 31.28 12.10 -40.29
C ILE G 142 31.29 10.69 -39.71
N TYR G 143 31.06 10.61 -38.40
CA TYR G 143 30.89 9.33 -37.71
C TYR G 143 29.43 9.20 -37.29
N SER G 144 28.82 8.06 -37.63
CA SER G 144 27.43 7.78 -37.30
C SER G 144 27.37 6.61 -36.34
N ALA G 145 26.70 6.80 -35.20
CA ALA G 145 26.57 5.76 -34.18
C ALA G 145 25.13 5.71 -33.71
N SER G 146 24.53 4.51 -33.75
N SER G 146 24.54 4.51 -33.82
CA SER G 146 23.16 4.33 -33.25
CA SER G 146 23.17 4.23 -33.37
C SER G 146 23.11 3.74 -31.85
C SER G 146 23.21 3.22 -32.23
N TRP G 147 24.23 3.30 -31.31
N TRP G 147 24.02 3.51 -31.21
CA TRP G 147 24.25 2.55 -30.06
CA TRP G 147 24.16 2.62 -30.07
C TRP G 147 24.45 3.47 -28.86
C TRP G 147 24.51 3.46 -28.84
N GLY G 148 24.28 2.89 -27.67
CA GLY G 148 24.49 3.59 -26.43
C GLY G 148 24.14 2.75 -25.22
N PRO G 149 24.08 3.38 -24.05
CA PRO G 149 23.69 2.63 -22.85
C PRO G 149 22.31 2.02 -23.00
N GLU G 150 22.07 0.99 -22.18
CA GLU G 150 20.79 0.30 -22.19
C GLU G 150 19.63 1.28 -22.06
N ASP G 151 18.61 1.07 -22.88
CA ASP G 151 17.41 1.91 -22.88
C ASP G 151 16.33 1.36 -21.98
N ASP G 152 16.68 0.90 -20.77
CA ASP G 152 15.70 0.33 -19.86
C ASP G 152 15.05 1.37 -18.97
N GLY G 153 15.38 2.66 -19.14
CA GLY G 153 14.86 3.69 -18.28
C GLY G 153 15.34 3.60 -16.86
N LYS G 154 16.40 2.82 -16.60
CA LYS G 154 17.03 2.70 -15.30
C LYS G 154 18.46 3.18 -15.29
N THR G 155 19.08 3.38 -16.44
CA THR G 155 20.52 3.49 -16.56
C THR G 155 20.94 4.95 -16.67
N VAL G 156 22.05 5.28 -16.02
CA VAL G 156 22.75 6.54 -16.25
C VAL G 156 24.18 6.16 -16.60
N ASP G 157 24.59 6.44 -17.83
CA ASP G 157 25.91 6.04 -18.28
C ASP G 157 26.26 6.86 -19.52
N GLY G 158 27.56 7.05 -19.72
CA GLY G 158 28.04 7.85 -20.81
C GLY G 158 29.46 7.45 -21.16
N PRO G 159 30.10 8.20 -22.05
CA PRO G 159 31.49 7.90 -22.38
C PRO G 159 32.39 7.96 -21.16
N ALA G 160 33.27 6.97 -21.04
CA ALA G 160 34.29 6.98 -20.02
C ALA G 160 35.45 7.86 -20.52
N ARG G 161 36.56 7.86 -19.80
CA ARG G 161 37.59 8.86 -20.03
C ARG G 161 38.13 8.80 -21.46
N LEU G 162 38.48 7.61 -21.93
CA LEU G 162 39.07 7.50 -23.27
C LEU G 162 38.09 7.96 -24.35
N ALA G 163 36.86 7.49 -24.30
CA ALA G 163 35.87 7.91 -25.29
C ALA G 163 35.66 9.42 -25.24
N GLU G 164 35.53 9.98 -24.03
CA GLU G 164 35.41 11.43 -23.91
C GLU G 164 36.59 12.12 -24.56
N GLU G 165 37.81 11.62 -24.33
CA GLU G 165 38.99 12.22 -24.95
C GLU G 165 38.94 12.06 -26.47
N ALA G 166 38.43 10.92 -26.96
CA ALA G 166 38.31 10.73 -28.40
C ALA G 166 37.34 11.74 -29.00
N PHE G 167 36.19 11.95 -28.36
CA PHE G 167 35.28 13.00 -28.81
C PHE G 167 36.00 14.34 -28.89
N PHE G 168 36.65 14.73 -27.80
CA PHE G 168 37.23 16.07 -27.74
C PHE G 168 38.38 16.22 -28.74
N ARG G 169 39.25 15.22 -28.81
CA ARG G 169 40.32 15.25 -29.81
C ARG G 169 39.74 15.29 -31.22
N GLY G 170 38.58 14.66 -31.42
CA GLY G 170 37.97 14.66 -32.74
C GLY G 170 37.48 16.03 -33.15
N VAL G 171 36.73 16.70 -32.27
CA VAL G 171 36.17 18.00 -32.64
C VAL G 171 37.25 19.07 -32.67
N SER G 172 38.31 18.91 -31.87
CA SER G 172 39.35 19.94 -31.83
C SER G 172 40.37 19.75 -32.95
N GLN G 173 40.80 18.51 -33.22
CA GLN G 173 41.86 18.27 -34.20
C GLN G 173 41.41 17.51 -35.43
N GLY G 174 40.25 16.85 -35.41
CA GLY G 174 39.80 16.13 -36.58
C GLY G 174 39.55 17.05 -37.76
N ARG G 175 39.51 16.45 -38.95
CA ARG G 175 39.32 17.20 -40.19
C ARG G 175 40.24 18.41 -40.25
N GLY G 176 41.53 18.15 -40.03
CA GLY G 176 42.52 19.23 -40.08
C GLY G 176 42.16 20.42 -39.21
N GLY G 177 41.54 20.16 -38.05
CA GLY G 177 41.18 21.21 -37.11
C GLY G 177 39.75 21.68 -37.18
N LEU G 178 39.01 21.32 -38.24
CA LEU G 178 37.62 21.74 -38.35
C LEU G 178 36.71 20.95 -37.42
N GLY G 179 37.08 19.72 -37.09
CA GLY G 179 36.33 18.91 -36.14
C GLY G 179 35.53 17.79 -36.77
N SER G 180 35.69 16.57 -36.24
CA SER G 180 34.85 15.46 -36.67
C SER G 180 33.39 15.77 -36.37
N ILE G 181 32.50 15.26 -37.22
CA ILE G 181 31.07 15.36 -37.00
C ILE G 181 30.57 14.01 -36.46
N PHE G 182 30.17 13.97 -35.19
CA PHE G 182 29.61 12.77 -34.59
C PHE G 182 28.09 12.90 -34.56
N VAL G 183 27.40 11.96 -35.21
CA VAL G 183 25.94 11.93 -35.29
C VAL G 183 25.45 10.74 -34.49
N TRP G 184 24.49 10.97 -33.60
CA TRP G 184 24.08 9.98 -32.62
C TRP G 184 22.56 9.84 -32.56
N ALA G 185 22.10 8.61 -32.36
CA ALA G 185 20.68 8.34 -32.17
C ALA G 185 20.30 8.59 -30.72
N SER G 186 19.12 9.17 -30.49
CA SER G 186 18.77 9.62 -29.15
C SER G 186 18.26 8.51 -28.25
N GLY G 187 17.83 7.38 -28.81
CA GLY G 187 17.45 6.24 -28.00
C GLY G 187 16.08 5.66 -28.31
N ASN G 188 15.86 4.40 -27.93
CA ASN G 188 14.62 3.68 -28.18
C ASN G 188 13.87 3.34 -26.89
N GLY G 189 14.10 4.08 -25.81
CA GLY G 189 13.56 3.71 -24.52
C GLY G 189 12.19 4.28 -24.20
N GLY G 190 11.44 4.69 -25.22
CA GLY G 190 10.17 5.36 -24.99
C GLY G 190 9.20 4.53 -24.16
N ARG G 191 9.14 3.21 -24.43
CA ARG G 191 8.22 2.37 -23.68
C ARG G 191 8.58 2.33 -22.20
N GLU G 192 9.86 2.48 -21.88
CA GLU G 192 10.34 2.45 -20.50
C GLU G 192 10.38 3.85 -19.90
N HIS G 193 9.81 4.84 -20.58
CA HIS G 193 9.82 6.23 -20.11
C HIS G 193 11.24 6.71 -19.83
N ASP G 194 12.17 6.28 -20.66
CA ASP G 194 13.55 6.69 -20.55
C ASP G 194 13.70 8.16 -20.97
N SER G 195 14.78 8.78 -20.48
CA SER G 195 15.11 10.16 -20.78
C SER G 195 16.53 10.19 -21.32
N CYS G 196 16.72 10.77 -22.51
CA CYS G 196 18.02 10.64 -23.18
C CYS G 196 19.08 11.55 -22.60
N ASN G 197 18.76 12.41 -21.62
CA ASN G 197 19.82 13.11 -20.90
C ASN G 197 20.55 12.21 -19.92
N CYS G 198 20.01 11.03 -19.63
CA CYS G 198 20.70 9.99 -18.86
C CYS G 198 21.62 9.15 -19.72
N ASP G 199 21.84 9.55 -20.97
CA ASP G 199 22.72 8.87 -21.92
C ASP G 199 23.80 9.88 -22.30
N GLY G 200 25.02 9.64 -21.84
CA GLY G 200 26.10 10.62 -22.00
C GLY G 200 26.60 10.77 -23.41
N TYR G 201 26.29 9.83 -24.29
CA TYR G 201 26.68 9.96 -25.69
C TYR G 201 25.79 10.95 -26.43
N THR G 202 24.48 10.76 -26.33
N THR G 202 24.48 10.79 -26.31
CA THR G 202 23.54 11.70 -26.92
CA THR G 202 23.56 11.72 -26.96
C THR G 202 23.61 13.05 -26.21
C THR G 202 23.43 13.03 -26.19
N ASN G 203 23.73 13.03 -24.89
CA ASN G 203 23.77 14.26 -24.10
C ASN G 203 25.03 15.09 -24.35
N SER G 204 26.03 14.53 -25.04
CA SER G 204 27.27 15.25 -25.29
C SER G 204 27.04 16.44 -26.21
N ILE G 205 27.81 17.50 -26.00
CA ILE G 205 27.77 18.64 -26.93
C ILE G 205 28.51 18.31 -28.22
N TYR G 206 29.41 17.33 -28.19
CA TYR G 206 30.21 16.96 -29.34
C TYR G 206 29.47 16.06 -30.31
N THR G 207 28.28 15.59 -29.95
CA THR G 207 27.46 14.77 -30.83
C THR G 207 26.22 15.55 -31.26
N LEU G 208 25.83 15.34 -32.52
CA LEU G 208 24.61 15.88 -33.08
C LEU G 208 23.54 14.81 -32.88
N SER G 209 22.69 15.00 -31.89
N SER G 209 22.70 14.99 -31.88
CA SER G 209 21.75 13.95 -31.46
CA SER G 209 21.76 13.95 -31.49
C SER G 209 20.43 14.08 -32.21
C SER G 209 20.45 14.09 -32.26
N ILE G 210 19.95 12.97 -32.75
CA ILE G 210 18.81 12.92 -33.66
C ILE G 210 17.74 12.03 -33.06
N SER G 211 16.50 12.50 -33.08
CA SER G 211 15.33 11.72 -32.71
C SER G 211 14.52 11.37 -33.96
N SER G 212 13.40 10.67 -33.74
CA SER G 212 12.59 10.13 -34.81
C SER G 212 11.20 10.74 -34.80
N ALA G 213 10.57 10.73 -35.97
CA ALA G 213 9.16 11.04 -36.14
C ALA G 213 8.55 9.98 -37.04
N THR G 214 7.27 9.68 -36.80
CA THR G 214 6.59 8.71 -37.62
C THR G 214 6.18 9.33 -38.96
N GLN G 215 5.79 8.49 -39.90
CA GLN G 215 5.40 8.98 -41.22
C GLN G 215 4.33 10.05 -41.12
N PHE G 216 3.31 9.81 -40.29
CA PHE G 216 2.22 10.76 -40.11
C PHE G 216 2.60 11.94 -39.24
N GLY G 217 3.87 12.06 -38.84
CA GLY G 217 4.34 13.24 -38.14
C GLY G 217 4.15 13.21 -36.65
N ASN G 218 4.27 12.05 -36.01
CA ASN G 218 4.00 11.88 -34.59
C ASN G 218 5.23 11.38 -33.86
N VAL G 219 5.18 11.49 -32.54
CA VAL G 219 6.23 11.01 -31.65
C VAL G 219 6.12 9.49 -31.58
N PRO G 220 7.09 8.72 -32.08
CA PRO G 220 6.95 7.27 -32.06
C PRO G 220 6.90 6.70 -30.65
N TRP G 221 6.31 5.52 -30.55
CA TRP G 221 6.17 4.85 -29.26
C TRP G 221 7.51 4.68 -28.55
N TYR G 222 8.60 4.56 -29.30
CA TYR G 222 9.92 4.27 -28.74
C TYR G 222 10.72 5.53 -28.43
N SER G 223 10.21 6.71 -28.76
CA SER G 223 10.97 7.95 -28.62
C SER G 223 11.29 8.26 -27.16
N GLU G 224 12.52 8.73 -26.94
CA GLU G 224 12.93 9.32 -25.67
C GLU G 224 12.93 10.83 -25.79
N ALA G 225 12.44 11.50 -24.75
CA ALA G 225 12.42 12.96 -24.69
C ALA G 225 13.57 13.45 -23.82
N CYS G 226 14.22 14.52 -24.27
CA CYS G 226 15.25 15.17 -23.45
C CYS G 226 15.64 16.47 -24.14
N SER G 227 16.25 17.35 -23.35
CA SER G 227 16.65 18.67 -23.83
C SER G 227 17.93 18.64 -24.65
N SER G 228 18.64 17.52 -24.67
CA SER G 228 19.90 17.43 -25.39
C SER G 228 19.71 17.15 -26.89
N THR G 229 18.57 16.61 -27.29
CA THR G 229 18.32 16.34 -28.70
C THR G 229 18.39 17.63 -29.49
N LEU G 230 18.92 17.54 -30.72
CA LEU G 230 19.06 18.72 -31.57
C LEU G 230 18.04 18.77 -32.70
N ALA G 231 17.73 17.65 -33.34
CA ALA G 231 16.83 17.66 -34.48
C ALA G 231 16.28 16.25 -34.70
N THR G 232 15.48 16.11 -35.76
CA THR G 232 14.71 14.91 -36.02
C THR G 232 14.80 14.52 -37.49
N THR G 233 14.76 13.23 -37.75
CA THR G 233 14.47 12.70 -39.08
C THR G 233 13.39 11.64 -38.96
N TYR G 234 12.87 11.22 -40.09
CA TYR G 234 11.80 10.23 -40.09
C TYR G 234 12.34 8.85 -39.73
N SER G 235 11.46 8.05 -39.11
CA SER G 235 11.69 6.62 -38.95
C SER G 235 10.35 5.89 -38.86
N SER G 236 10.34 4.75 -38.17
CA SER G 236 9.16 3.91 -38.12
C SER G 236 8.16 4.39 -37.07
N GLY G 237 6.95 3.85 -37.16
CA GLY G 237 5.87 4.20 -36.25
C GLY G 237 4.92 3.04 -36.03
N ASN G 238 3.63 3.25 -36.27
CA ASN G 238 2.66 2.17 -36.10
C ASN G 238 2.62 1.32 -37.37
N GLN G 239 1.71 0.36 -37.43
CA GLN G 239 1.69 -0.60 -38.52
C GLN G 239 0.95 -0.10 -39.75
N ASN G 240 0.40 1.13 -39.70
CA ASN G 240 -0.11 1.79 -40.90
C ASN G 240 0.89 2.76 -41.50
N GLU G 241 2.02 2.98 -40.83
CA GLU G 241 3.04 3.92 -41.27
C GLU G 241 4.22 3.15 -41.85
N LYS G 242 4.74 3.65 -42.97
CA LYS G 242 5.85 2.99 -43.63
C LYS G 242 7.13 3.18 -42.85
N GLN G 243 8.12 2.36 -43.16
CA GLN G 243 9.39 2.34 -42.44
C GLN G 243 10.52 2.69 -43.41
N ILE G 244 11.75 2.44 -42.99
CA ILE G 244 12.93 2.90 -43.72
C ILE G 244 13.42 1.78 -44.63
N VAL G 245 13.74 2.14 -45.86
CA VAL G 245 14.16 1.20 -46.90
C VAL G 245 15.66 1.35 -47.09
N THR G 246 16.39 0.24 -47.01
CA THR G 246 17.84 0.32 -47.09
C THR G 246 18.43 -1.05 -47.45
N THR G 247 19.76 -1.08 -47.52
CA THR G 247 20.49 -2.31 -47.76
C THR G 247 20.43 -3.23 -46.54
N ASP G 248 20.28 -4.52 -46.78
CA ASP G 248 20.22 -5.50 -45.71
C ASP G 248 21.30 -6.55 -45.90
N LEU G 249 21.65 -7.21 -44.79
CA LEU G 249 22.68 -8.24 -44.80
C LEU G 249 22.37 -9.29 -45.87
N ARG G 250 23.42 -9.91 -46.39
CA ARG G 250 23.29 -10.96 -47.41
C ARG G 250 22.81 -10.39 -48.74
N GLN G 251 23.29 -9.19 -49.08
CA GLN G 251 23.06 -8.58 -50.39
C GLN G 251 21.58 -8.39 -50.69
N LYS G 252 20.77 -8.18 -49.66
CA LYS G 252 19.33 -8.07 -49.78
C LYS G 252 18.88 -6.62 -49.57
N CYS G 253 17.57 -6.41 -49.66
N CYS G 253 17.59 -6.38 -49.79
CA CYS G 253 16.96 -5.09 -49.50
CA CYS G 253 16.96 -5.11 -49.47
C CYS G 253 15.81 -5.21 -48.50
C CYS G 253 15.97 -5.34 -48.33
N THR G 254 15.76 -4.30 -47.53
CA THR G 254 14.73 -4.31 -46.50
C THR G 254 13.92 -3.02 -46.56
N GLU G 255 12.62 -3.14 -46.28
CA GLU G 255 11.74 -2.00 -46.11
C GLU G 255 11.24 -1.89 -44.67
N SER G 256 11.95 -2.48 -43.72
N SER G 256 11.96 -2.47 -43.71
CA SER G 256 11.49 -2.57 -42.34
CA SER G 256 11.48 -2.57 -42.33
C SER G 256 12.59 -2.22 -41.36
C SER G 256 12.57 -2.20 -41.34
N HIS G 257 13.36 -1.18 -41.66
CA HIS G 257 14.36 -0.67 -40.73
C HIS G 257 13.67 0.35 -39.80
N THR G 258 13.89 0.21 -38.49
CA THR G 258 13.08 0.91 -37.50
C THR G 258 13.97 1.59 -36.46
N GLY G 259 13.33 2.42 -35.63
CA GLY G 259 13.97 2.99 -34.46
C GLY G 259 14.81 4.22 -34.77
N THR G 260 15.38 4.81 -33.71
CA THR G 260 16.24 5.96 -33.89
C THR G 260 17.55 5.58 -34.57
N SER G 261 17.88 4.29 -34.66
CA SER G 261 19.02 3.88 -35.47
C SER G 261 18.79 4.11 -36.95
N ALA G 262 17.53 4.21 -37.37
CA ALA G 262 17.25 4.56 -38.75
C ALA G 262 17.28 6.07 -38.98
N SER G 263 17.12 6.85 -37.90
CA SER G 263 17.08 8.30 -38.04
C SER G 263 18.48 8.90 -38.10
N ALA G 264 19.40 8.43 -37.26
CA ALA G 264 20.73 9.03 -37.24
C ALA G 264 21.47 8.89 -38.57
N PRO G 265 21.45 7.74 -39.25
CA PRO G 265 22.12 7.67 -40.55
C PRO G 265 21.58 8.65 -41.57
N LEU G 266 20.26 8.84 -41.61
CA LEU G 266 19.70 9.83 -42.53
C LEU G 266 20.27 11.21 -42.25
N ALA G 267 20.40 11.56 -40.96
CA ALA G 267 21.00 12.84 -40.60
C ALA G 267 22.47 12.90 -41.03
N ALA G 268 23.20 11.80 -40.86
CA ALA G 268 24.59 11.78 -41.32
C ALA G 268 24.66 12.04 -42.82
N GLY G 269 23.72 11.48 -43.59
CA GLY G 269 23.73 11.70 -45.02
C GLY G 269 23.42 13.14 -45.39
N ILE G 270 22.41 13.73 -44.74
CA ILE G 270 22.11 15.14 -44.95
C ILE G 270 23.32 16.00 -44.61
N ILE G 271 23.99 15.68 -43.49
CA ILE G 271 25.18 16.41 -43.09
C ILE G 271 26.30 16.20 -44.11
N ALA G 272 26.34 15.03 -44.75
CA ALA G 272 27.32 14.81 -45.81
C ALA G 272 27.03 15.69 -47.02
N LEU G 273 25.75 15.80 -47.41
CA LEU G 273 25.38 16.74 -48.47
C LEU G 273 25.84 18.15 -48.12
N THR G 274 25.65 18.54 -46.86
CA THR G 274 25.99 19.89 -46.42
C THR G 274 27.49 20.12 -46.46
N LEU G 275 28.27 19.12 -46.04
CA LEU G 275 29.73 19.28 -46.08
C LEU G 275 30.25 19.43 -47.50
N GLU G 276 29.60 18.79 -48.48
CA GLU G 276 30.00 19.01 -49.86
C GLU G 276 29.69 20.45 -50.28
N ALA G 277 28.59 21.01 -49.79
CA ALA G 277 28.24 22.38 -50.13
C ALA G 277 29.22 23.37 -49.53
N ASN G 278 29.84 23.04 -48.40
CA ASN G 278 30.85 23.90 -47.80
C ASN G 278 31.77 23.02 -46.97
N LYS G 279 32.92 22.66 -47.54
CA LYS G 279 33.85 21.74 -46.90
C LYS G 279 34.57 22.36 -45.71
N ASN G 280 34.47 23.68 -45.51
CA ASN G 280 35.15 24.37 -44.42
C ASN G 280 34.25 24.58 -43.20
N LEU G 281 33.07 23.96 -43.16
CA LEU G 281 32.22 24.05 -41.99
C LEU G 281 32.87 23.36 -40.80
N THR G 282 32.87 24.02 -39.64
CA THR G 282 33.33 23.40 -38.41
C THR G 282 32.24 22.51 -37.83
N TRP G 283 32.62 21.70 -36.84
CA TRP G 283 31.63 20.86 -36.18
C TRP G 283 30.56 21.70 -35.51
N ARG G 284 30.91 22.91 -35.04
CA ARG G 284 29.91 23.80 -34.47
C ARG G 284 29.10 24.51 -35.54
N ASP G 285 29.72 24.88 -36.67
CA ASP G 285 28.96 25.41 -37.79
C ASP G 285 27.82 24.48 -38.16
N MET G 286 28.09 23.17 -38.19
CA MET G 286 27.08 22.22 -38.62
C MET G 286 25.87 22.23 -37.68
N GLN G 287 26.11 22.31 -36.37
CA GLN G 287 25.00 22.36 -35.43
C GLN G 287 24.24 23.68 -35.56
N HIS G 288 24.94 24.78 -35.78
CA HIS G 288 24.26 26.04 -36.09
C HIS G 288 23.34 25.88 -37.29
N LEU G 289 23.84 25.27 -38.37
CA LEU G 289 23.01 25.10 -39.57
C LEU G 289 21.75 24.31 -39.24
N VAL G 290 21.87 23.26 -38.43
CA VAL G 290 20.72 22.42 -38.09
C VAL G 290 19.68 23.23 -37.33
N VAL G 291 20.13 24.05 -36.38
CA VAL G 291 19.20 24.86 -35.59
C VAL G 291 18.43 25.81 -36.49
N GLN G 292 19.12 26.45 -37.44
CA GLN G 292 18.50 27.52 -38.21
C GLN G 292 17.57 27.01 -39.31
N THR G 293 17.73 25.77 -39.78
CA THR G 293 16.96 25.29 -40.92
C THR G 293 15.97 24.17 -40.59
N SER G 294 16.00 23.63 -39.38
CA SER G 294 15.09 22.53 -39.06
C SER G 294 13.67 23.05 -38.89
N LYS G 295 12.70 22.19 -39.22
CA LYS G 295 11.31 22.60 -39.39
C LYS G 295 10.41 21.89 -38.39
N PRO G 296 9.76 22.62 -37.47
CA PRO G 296 8.74 21.99 -36.62
C PRO G 296 7.40 21.72 -37.31
N ALA G 297 7.18 22.31 -38.49
CA ALA G 297 5.83 22.48 -39.01
C ALA G 297 5.06 21.16 -39.12
N HIS G 298 5.71 20.11 -39.60
CA HIS G 298 4.98 18.87 -39.86
C HIS G 298 4.89 17.95 -38.65
N LEU G 299 5.55 18.28 -37.55
CA LEU G 299 5.70 17.36 -36.42
C LEU G 299 4.71 17.73 -35.32
N ASN G 300 3.94 16.73 -34.88
N ASN G 300 3.92 16.74 -34.91
CA ASN G 300 2.97 16.92 -33.82
CA ASN G 300 2.99 16.89 -33.80
C ASN G 300 3.62 16.56 -32.48
C ASN G 300 3.72 16.59 -32.51
N ALA G 301 3.70 17.53 -31.58
CA ALA G 301 4.34 17.36 -30.29
C ALA G 301 3.41 17.82 -29.19
N ASN G 302 3.60 17.24 -28.00
CA ASN G 302 2.87 17.65 -26.83
C ASN G 302 3.44 18.91 -26.19
N ASP G 303 4.66 19.32 -26.56
CA ASP G 303 5.39 20.32 -25.78
C ASP G 303 6.12 21.35 -26.63
N TRP G 304 5.61 21.68 -27.82
CA TRP G 304 6.22 22.78 -28.57
C TRP G 304 6.18 24.05 -27.74
N ALA G 305 7.33 24.68 -27.56
CA ALA G 305 7.42 25.94 -26.84
C ALA G 305 8.46 26.83 -27.52
N THR G 306 8.13 28.11 -27.63
CA THR G 306 9.00 29.07 -28.29
C THR G 306 10.08 29.55 -27.32
N ASN G 307 11.34 29.53 -27.76
CA ASN G 307 12.44 29.88 -26.88
C ASN G 307 12.71 31.38 -26.96
N GLY G 308 13.86 31.81 -26.43
CA GLY G 308 14.12 33.24 -26.26
C GLY G 308 14.37 33.98 -27.55
N VAL G 309 14.77 33.28 -28.62
CA VAL G 309 15.02 33.91 -29.91
C VAL G 309 13.92 33.57 -30.91
N GLY G 310 12.78 33.06 -30.45
CA GLY G 310 11.62 32.88 -31.30
C GLY G 310 11.57 31.59 -32.08
N ARG G 311 12.37 30.59 -31.72
CA ARG G 311 12.33 29.30 -32.38
C ARG G 311 11.50 28.31 -31.56
N LYS G 312 10.68 27.53 -32.24
CA LYS G 312 9.95 26.45 -31.59
C LYS G 312 10.89 25.29 -31.32
N VAL G 313 10.80 24.73 -30.11
N VAL G 313 10.79 24.74 -30.11
CA VAL G 313 11.65 23.61 -29.72
CA VAL G 313 11.63 23.62 -29.69
C VAL G 313 10.83 22.63 -28.89
C VAL G 313 10.76 22.63 -28.94
N SER G 314 11.09 21.34 -29.09
CA SER G 314 10.40 20.27 -28.39
C SER G 314 11.41 19.29 -27.85
N HIS G 315 11.12 18.71 -26.68
CA HIS G 315 12.00 17.70 -26.11
C HIS G 315 11.94 16.40 -26.89
N SER G 316 10.87 16.16 -27.65
CA SER G 316 10.80 14.99 -28.50
C SER G 316 11.53 15.16 -29.82
N TYR G 317 11.72 16.41 -30.28
CA TYR G 317 12.16 16.68 -31.63
C TYR G 317 13.35 17.62 -31.73
N GLY G 318 13.77 18.27 -30.64
CA GLY G 318 14.71 19.36 -30.78
C GLY G 318 14.07 20.49 -31.57
N TYR G 319 14.78 20.96 -32.58
CA TYR G 319 14.31 22.04 -33.43
C TYR G 319 13.50 21.56 -34.62
N GLY G 320 13.20 20.28 -34.71
CA GLY G 320 12.30 19.74 -35.71
C GLY G 320 12.98 18.90 -36.77
N LEU G 321 12.27 18.72 -37.88
CA LEU G 321 12.75 17.89 -38.98
C LEU G 321 13.91 18.54 -39.71
N LEU G 322 14.92 17.75 -40.03
CA LEU G 322 15.97 18.22 -40.91
C LEU G 322 15.40 18.57 -42.28
N ASP G 323 15.99 19.59 -42.91
CA ASP G 323 15.60 20.07 -44.22
C ASP G 323 16.88 20.13 -45.05
N ALA G 324 17.14 19.09 -45.84
CA ALA G 324 18.40 19.04 -46.56
C ALA G 324 18.51 20.16 -47.58
N GLY G 325 17.42 20.43 -48.30
CA GLY G 325 17.43 21.51 -49.27
C GLY G 325 17.78 22.85 -48.66
N ALA G 326 17.27 23.11 -47.45
CA ALA G 326 17.61 24.35 -46.76
C ALA G 326 19.01 24.28 -46.16
N MET G 327 19.44 23.09 -45.74
CA MET G 327 20.77 22.94 -45.16
C MET G 327 21.85 23.28 -46.17
N VAL G 328 21.78 22.70 -47.38
CA VAL G 328 22.84 22.94 -48.35
C VAL G 328 22.78 24.37 -48.88
N ALA G 329 21.58 24.96 -48.96
CA ALA G 329 21.48 26.35 -49.39
C ALA G 329 22.19 27.28 -48.42
N LEU G 330 21.87 27.18 -47.13
CA LEU G 330 22.47 28.08 -46.15
C LEU G 330 23.96 27.81 -45.96
N ALA G 331 24.42 26.58 -46.24
CA ALA G 331 25.81 26.25 -46.00
C ALA G 331 26.75 27.04 -46.91
N GLN G 332 26.35 27.28 -48.16
CA GLN G 332 27.31 27.71 -49.18
C GLN G 332 28.00 29.01 -48.80
N ASN G 333 27.25 30.01 -48.37
CA ASN G 333 27.82 31.29 -47.98
C ASN G 333 27.87 31.47 -46.47
N TRP G 334 27.89 30.37 -45.72
CA TRP G 334 27.92 30.44 -44.26
C TRP G 334 29.23 31.04 -43.78
N THR G 335 29.14 32.00 -42.86
CA THR G 335 30.31 32.57 -42.21
C THR G 335 30.63 31.74 -40.98
N THR G 336 31.83 31.16 -40.96
N THR G 336 31.81 31.13 -40.97
CA THR G 336 32.25 30.31 -39.85
CA THR G 336 32.18 30.25 -39.86
C THR G 336 32.14 31.04 -38.53
C THR G 336 32.14 31.02 -38.54
N VAL G 337 31.56 30.38 -37.52
CA VAL G 337 31.35 31.03 -36.24
C VAL G 337 32.67 31.26 -35.52
N ALA G 338 32.66 32.24 -34.63
CA ALA G 338 33.84 32.54 -33.83
C ALA G 338 34.24 31.33 -32.99
N PRO G 339 35.45 31.32 -32.45
CA PRO G 339 35.90 30.18 -31.65
C PRO G 339 35.04 29.99 -30.41
N GLN G 340 34.92 28.73 -29.99
CA GLN G 340 34.06 28.39 -28.88
C GLN G 340 34.61 28.95 -27.57
N ARG G 341 33.72 29.50 -26.75
CA ARG G 341 34.04 29.94 -25.41
C ARG G 341 33.27 29.08 -24.41
N LYS G 342 33.83 28.96 -23.21
CA LYS G 342 33.24 28.16 -22.14
C LYS G 342 33.31 28.96 -20.86
N CYS G 343 32.15 29.22 -20.25
CA CYS G 343 32.04 30.01 -19.03
C CYS G 343 31.46 29.12 -17.93
N ILE G 344 32.22 28.95 -16.85
CA ILE G 344 31.90 28.03 -15.78
C ILE G 344 31.50 28.82 -14.54
N ILE G 345 30.34 28.51 -13.98
CA ILE G 345 29.77 29.24 -12.87
C ILE G 345 29.35 28.24 -11.79
N ASP G 346 30.03 28.29 -10.64
CA ASP G 346 29.62 27.50 -9.48
C ASP G 346 28.43 28.20 -8.82
N ILE G 347 27.27 27.55 -8.81
CA ILE G 347 26.05 28.20 -8.37
C ILE G 347 25.88 28.10 -6.84
N LEU G 348 26.23 26.97 -6.24
CA LEU G 348 25.89 26.73 -4.84
C LEU G 348 26.95 27.28 -3.90
N THR G 349 26.48 27.96 -2.84
CA THR G 349 27.33 28.33 -1.71
C THR G 349 27.30 27.27 -0.61
N GLU G 350 26.23 26.48 -0.52
CA GLU G 350 26.13 25.44 0.49
C GLU G 350 25.14 24.40 0.02
N PRO G 351 25.22 23.17 0.55
CA PRO G 351 24.25 22.14 0.18
C PRO G 351 22.82 22.55 0.48
N LYS G 352 21.89 22.00 -0.30
CA LYS G 352 20.47 22.28 -0.14
C LYS G 352 19.71 20.97 -0.16
N ASP G 353 18.90 20.75 0.87
CA ASP G 353 18.00 19.60 0.89
C ASP G 353 16.96 19.74 -0.21
N ILE G 354 16.64 18.62 -0.86
CA ILE G 354 15.70 18.63 -1.97
C ILE G 354 14.26 18.52 -1.48
N GLY G 355 13.97 17.50 -0.68
CA GLY G 355 12.63 17.36 -0.15
C GLY G 355 11.61 17.24 -1.26
N LYS G 356 10.45 17.89 -1.05
CA LYS G 356 9.38 17.83 -2.03
C LYS G 356 9.74 18.62 -3.28
N ARG G 357 10.43 19.74 -3.11
CA ARG G 357 10.77 20.63 -4.22
C ARG G 357 11.88 21.56 -3.76
N LEU G 358 12.84 21.80 -4.65
CA LEU G 358 13.91 22.75 -4.43
C LEU G 358 14.03 23.66 -5.64
N GLU G 359 14.09 24.96 -5.41
CA GLU G 359 14.31 25.95 -6.46
C GLU G 359 15.57 26.74 -6.12
N VAL G 360 16.50 26.81 -7.08
CA VAL G 360 17.76 27.52 -6.91
C VAL G 360 17.84 28.57 -8.00
N ARG G 361 17.88 29.84 -7.59
N ARG G 361 17.91 29.85 -7.60
CA ARG G 361 18.01 30.97 -8.51
CA ARG G 361 17.99 30.97 -8.51
C ARG G 361 19.40 31.56 -8.38
C ARG G 361 19.34 31.67 -8.38
N LYS G 362 19.95 32.01 -9.51
CA LYS G 362 21.25 32.68 -9.51
C LYS G 362 21.35 33.59 -10.72
N THR G 363 21.70 34.86 -10.47
CA THR G 363 21.98 35.81 -11.52
C THR G 363 23.46 35.72 -11.88
N VAL G 364 23.75 35.58 -13.18
CA VAL G 364 25.11 35.43 -13.66
C VAL G 364 25.39 36.51 -14.71
N THR G 365 26.66 36.85 -14.86
CA THR G 365 27.11 37.79 -15.88
C THR G 365 27.65 37.10 -17.12
N ALA G 366 27.74 35.77 -17.11
CA ALA G 366 28.26 35.01 -18.24
C ALA G 366 29.71 35.37 -18.53
N CYS G 367 30.51 35.49 -17.46
CA CYS G 367 31.93 35.79 -17.57
C CYS G 367 32.16 37.15 -18.24
N LEU G 368 31.32 38.11 -17.90
CA LEU G 368 31.54 39.48 -18.36
C LEU G 368 32.91 39.98 -17.92
N GLY G 369 33.59 40.68 -18.81
CA GLY G 369 34.90 41.22 -18.51
C GLY G 369 36.04 40.24 -18.55
N GLU G 370 35.81 39.02 -19.02
CA GLU G 370 36.83 37.99 -19.11
C GLU G 370 36.89 37.46 -20.53
N PRO G 371 37.97 36.75 -20.88
CA PRO G 371 38.10 36.25 -22.27
C PRO G 371 37.01 35.27 -22.69
N ASN G 372 36.38 34.58 -21.74
CA ASN G 372 35.32 33.63 -22.06
C ASN G 372 33.92 34.24 -21.89
N HIS G 373 33.82 35.56 -21.99
CA HIS G 373 32.52 36.22 -21.98
C HIS G 373 31.65 35.69 -23.11
N ILE G 374 30.43 35.28 -22.77
CA ILE G 374 29.49 34.72 -23.74
C ILE G 374 28.26 35.61 -23.78
N THR G 375 27.99 36.19 -24.94
CA THR G 375 26.74 36.91 -25.18
C THR G 375 25.78 36.15 -26.08
N ARG G 376 26.23 35.06 -26.71
CA ARG G 376 25.41 34.29 -27.63
C ARG G 376 25.60 32.81 -27.31
N LEU G 377 24.58 32.19 -26.72
CA LEU G 377 24.70 30.85 -26.18
C LEU G 377 24.57 29.80 -27.28
N GLU G 378 25.30 28.69 -27.07
CA GLU G 378 25.11 27.49 -27.88
C GLU G 378 24.57 26.43 -26.92
N HIS G 379 25.38 25.46 -26.49
CA HIS G 379 24.93 24.51 -25.49
C HIS G 379 25.00 25.11 -24.09
N ALA G 380 24.20 24.56 -23.18
CA ALA G 380 24.31 24.84 -21.76
C ALA G 380 24.21 23.53 -20.99
N GLN G 381 24.97 23.44 -19.90
CA GLN G 381 24.94 22.27 -19.03
C GLN G 381 24.67 22.71 -17.60
N ALA G 382 23.88 21.91 -16.89
CA ALA G 382 23.81 21.95 -15.44
C ALA G 382 24.48 20.68 -14.94
N ARG G 383 25.69 20.81 -14.40
CA ARG G 383 26.41 19.69 -13.80
C ARG G 383 25.96 19.57 -12.35
N LEU G 384 25.24 18.49 -12.05
CA LEU G 384 24.61 18.32 -10.75
C LEU G 384 25.22 17.16 -9.98
N THR G 385 25.45 17.38 -8.69
CA THR G 385 25.74 16.32 -7.74
C THR G 385 24.65 16.34 -6.69
N LEU G 386 23.97 15.20 -6.53
CA LEU G 386 22.89 15.11 -5.55
C LEU G 386 22.74 13.67 -5.08
N SER G 387 22.26 13.53 -3.86
CA SER G 387 21.81 12.26 -3.31
C SER G 387 20.28 12.23 -3.32
N TYR G 388 19.73 11.03 -3.37
CA TYR G 388 18.29 10.83 -3.36
C TYR G 388 18.02 9.34 -3.20
N ASN G 389 16.90 9.02 -2.56
CA ASN G 389 16.57 7.63 -2.31
C ASN G 389 15.92 6.94 -3.49
N ARG G 390 15.31 7.69 -4.41
CA ARG G 390 14.51 7.12 -5.50
C ARG G 390 14.68 8.03 -6.71
N ARG G 391 15.71 7.76 -7.51
CA ARG G 391 16.15 8.71 -8.53
C ARG G 391 15.06 8.99 -9.56
N GLY G 392 14.30 7.96 -9.94
CA GLY G 392 13.30 8.11 -10.98
C GLY G 392 12.10 8.97 -10.62
N ASP G 393 11.92 9.31 -9.34
CA ASP G 393 10.85 10.21 -8.96
C ASP G 393 11.20 11.68 -9.17
N LEU G 394 12.47 11.99 -9.43
CA LEU G 394 12.88 13.37 -9.65
C LEU G 394 12.53 13.85 -11.05
N ALA G 395 12.08 15.10 -11.12
CA ALA G 395 12.05 15.87 -12.36
C ALA G 395 12.87 17.12 -12.15
N ILE G 396 13.67 17.49 -13.13
CA ILE G 396 14.62 18.58 -13.01
C ILE G 396 14.47 19.50 -14.22
N HIS G 397 14.32 20.79 -13.96
CA HIS G 397 14.13 21.78 -15.01
C HIS G 397 15.12 22.92 -14.83
N LEU G 398 15.54 23.50 -15.96
CA LEU G 398 16.46 24.62 -15.99
C LEU G 398 15.84 25.72 -16.84
N VAL G 399 15.61 26.88 -16.24
CA VAL G 399 14.95 28.00 -16.91
C VAL G 399 15.98 29.08 -17.16
N SER G 400 16.06 29.54 -18.42
CA SER G 400 17.03 30.54 -18.82
C SER G 400 16.53 31.94 -18.49
N PRO G 401 17.43 32.93 -18.46
CA PRO G 401 16.99 34.31 -18.25
C PRO G 401 15.91 34.77 -19.21
N MET G 402 15.96 34.34 -20.46
CA MET G 402 14.93 34.71 -21.43
C MET G 402 13.69 33.84 -21.33
N GLY G 403 13.59 32.98 -20.32
CA GLY G 403 12.37 32.26 -20.02
C GLY G 403 12.23 30.90 -20.66
N THR G 404 13.29 30.32 -21.21
CA THR G 404 13.21 29.03 -21.88
C THR G 404 13.33 27.93 -20.85
N ARG G 405 12.29 27.09 -20.75
N ARG G 405 12.29 27.10 -20.74
CA ARG G 405 12.22 26.04 -19.74
CA ARG G 405 12.23 26.04 -19.74
C ARG G 405 12.71 24.73 -20.35
C ARG G 405 12.72 24.73 -20.36
N SER G 406 13.89 24.29 -19.93
CA SER G 406 14.48 23.03 -20.39
C SER G 406 14.26 21.96 -19.31
N THR G 407 13.57 20.89 -19.68
CA THR G 407 13.45 19.71 -18.81
C THR G 407 14.75 18.92 -18.91
N LEU G 408 15.60 19.04 -17.89
CA LEU G 408 16.84 18.28 -17.88
C LEU G 408 16.61 16.81 -17.55
N LEU G 409 15.54 16.50 -16.82
CA LEU G 409 15.24 15.12 -16.45
C LEU G 409 13.76 15.02 -16.13
N ALA G 410 13.05 14.16 -16.86
CA ALA G 410 11.68 13.81 -16.54
C ALA G 410 11.65 12.58 -15.64
N ALA G 411 10.50 12.34 -15.02
CA ALA G 411 10.37 11.17 -14.16
C ALA G 411 10.64 9.90 -14.96
N ARG G 412 11.35 8.97 -14.32
CA ARG G 412 11.66 7.66 -14.90
C ARG G 412 11.12 6.59 -13.96
N PRO G 413 9.89 6.11 -14.19
CA PRO G 413 9.24 5.26 -13.17
C PRO G 413 10.00 3.98 -12.85
N HIS G 414 10.88 3.51 -13.73
CA HIS G 414 11.62 2.28 -13.49
C HIS G 414 12.96 2.50 -12.80
N ASP G 415 13.36 3.75 -12.59
CA ASP G 415 14.66 4.06 -12.00
C ASP G 415 14.51 4.15 -10.48
N TYR G 416 14.85 3.06 -9.78
CA TYR G 416 14.76 3.00 -8.33
C TYR G 416 16.10 3.25 -7.66
N SER G 417 17.11 3.71 -8.40
CA SER G 417 18.44 3.88 -7.85
C SER G 417 18.44 4.81 -6.64
N ALA G 418 19.32 4.51 -5.70
CA ALA G 418 19.62 5.39 -4.58
C ALA G 418 21.02 5.99 -4.69
N ASP G 419 21.61 5.95 -5.88
CA ASP G 419 22.97 6.45 -6.09
C ASP G 419 23.01 7.89 -6.60
N GLY G 420 21.86 8.48 -6.89
CA GLY G 420 21.83 9.88 -7.25
C GLY G 420 22.60 10.19 -8.52
N PHE G 421 23.15 11.40 -8.58
CA PHE G 421 23.99 11.85 -9.68
C PHE G 421 25.29 12.40 -9.11
N ASN G 422 26.40 12.10 -9.78
N ASN G 422 26.40 12.10 -9.78
CA ASN G 422 27.73 12.56 -9.38
CA ASN G 422 27.72 12.58 -9.36
C ASN G 422 28.30 13.39 -10.52
C ASN G 422 28.31 13.38 -10.51
N ASP G 423 28.17 14.71 -10.42
CA ASP G 423 28.70 15.63 -11.42
C ASP G 423 28.25 15.22 -12.82
N TRP G 424 26.97 14.92 -12.95
CA TRP G 424 26.37 14.57 -14.23
C TRP G 424 25.95 15.85 -14.97
N ALA G 425 26.35 15.96 -16.23
CA ALA G 425 26.19 17.20 -16.99
C ALA G 425 24.95 17.11 -17.87
N PHE G 426 23.80 17.45 -17.31
CA PHE G 426 22.58 17.56 -18.10
C PHE G 426 22.71 18.71 -19.09
N MET G 427 22.51 18.42 -20.36
CA MET G 427 22.72 19.39 -21.43
C MET G 427 21.39 19.77 -22.07
N THR G 428 21.27 21.05 -22.45
CA THR G 428 20.13 21.52 -23.22
C THR G 428 20.60 22.30 -24.43
N THR G 429 19.91 22.08 -25.55
CA THR G 429 20.09 22.85 -26.77
C THR G 429 19.03 23.92 -26.94
N HIS G 430 18.09 24.04 -26.01
CA HIS G 430 16.86 24.80 -26.23
C HIS G 430 17.05 26.30 -26.09
N SER G 431 18.17 26.76 -25.55
CA SER G 431 18.45 28.19 -25.42
C SER G 431 19.52 28.64 -26.42
N TRP G 432 19.77 27.85 -27.46
CA TRP G 432 20.70 28.21 -28.52
C TRP G 432 20.40 29.63 -29.02
N ASP G 433 21.44 30.45 -29.10
CA ASP G 433 21.45 31.84 -29.60
C ASP G 433 20.85 32.83 -28.60
N GLU G 434 20.45 32.40 -27.41
CA GLU G 434 19.99 33.34 -26.40
C GLU G 434 21.17 34.06 -25.76
N ASP G 435 20.91 35.25 -25.24
CA ASP G 435 21.83 35.90 -24.32
C ASP G 435 21.74 35.19 -22.97
N PRO G 436 22.83 34.62 -22.45
CA PRO G 436 22.74 33.85 -21.20
C PRO G 436 22.93 34.65 -19.92
N SER G 437 23.15 35.95 -20.00
CA SER G 437 23.27 36.75 -18.78
C SER G 437 21.89 36.99 -18.17
N GLY G 438 21.86 37.06 -16.84
CA GLY G 438 20.60 37.18 -16.14
C GLY G 438 20.39 36.04 -15.16
N GLU G 439 19.14 35.83 -14.74
CA GLU G 439 18.84 34.89 -13.68
C GLU G 439 18.46 33.53 -14.25
N TRP G 440 19.29 32.52 -13.94
CA TRP G 440 18.96 31.13 -14.25
C TRP G 440 18.28 30.49 -13.04
N VAL G 441 17.33 29.60 -13.30
CA VAL G 441 16.58 28.93 -12.24
C VAL G 441 16.64 27.44 -12.46
N LEU G 442 17.01 26.71 -11.41
CA LEU G 442 16.95 25.26 -11.38
C LEU G 442 15.81 24.82 -10.48
N GLU G 443 14.95 23.94 -10.98
CA GLU G 443 13.85 23.37 -10.21
C GLU G 443 14.02 21.86 -10.15
N ILE G 444 14.05 21.32 -8.93
CA ILE G 444 14.07 19.88 -8.69
C ILE G 444 12.83 19.56 -7.88
N GLU G 445 11.99 18.67 -8.38
CA GLU G 445 10.75 18.33 -7.70
C GLU G 445 10.56 16.83 -7.63
N ASN G 446 10.00 16.39 -6.51
CA ASN G 446 9.58 15.01 -6.32
C ASN G 446 8.21 14.82 -6.96
N THR G 447 8.17 14.02 -8.04
CA THR G 447 6.94 13.81 -8.78
C THR G 447 5.99 12.80 -8.13
N SER G 448 6.42 12.11 -7.08
N SER G 448 6.43 12.11 -7.09
CA SER G 448 5.63 11.08 -6.44
CA SER G 448 5.61 11.08 -6.45
C SER G 448 4.95 11.63 -5.20
C SER G 448 4.92 11.65 -5.22
N GLU G 449 3.98 10.86 -4.69
CA GLU G 449 3.16 11.30 -3.56
C GLU G 449 3.77 10.96 -2.21
N ALA G 450 4.61 9.95 -2.11
CA ALA G 450 5.24 9.62 -0.83
C ALA G 450 6.55 10.38 -0.69
N ASN G 451 6.92 10.65 0.57
CA ASN G 451 8.08 11.47 0.85
C ASN G 451 9.36 10.78 0.39
N ASN G 452 10.14 11.49 -0.41
CA ASN G 452 11.51 11.12 -0.76
C ASN G 452 12.45 12.17 -0.17
N TYR G 453 13.73 11.81 -0.03
CA TYR G 453 14.68 12.69 0.64
C TYR G 453 16.02 12.64 -0.07
N GLY G 454 16.72 13.77 -0.03
CA GLY G 454 18.04 13.87 -0.62
C GLY G 454 18.56 15.29 -0.53
N THR G 455 19.76 15.47 -1.06
CA THR G 455 20.46 16.74 -0.97
C THR G 455 21.15 17.06 -2.29
N LEU G 456 21.05 18.32 -2.70
CA LEU G 456 21.83 18.85 -3.81
C LEU G 456 23.09 19.48 -3.24
N THR G 457 24.26 18.93 -3.61
CA THR G 457 25.52 19.42 -3.08
C THR G 457 26.37 20.16 -4.11
N LYS G 458 26.09 20.02 -5.40
CA LYS G 458 26.80 20.79 -6.40
C LYS G 458 25.87 21.11 -7.56
N PHE G 459 25.97 22.34 -8.05
CA PHE G 459 25.25 22.80 -9.23
C PHE G 459 26.20 23.75 -9.96
N THR G 460 26.84 23.25 -11.02
CA THR G 460 27.72 24.06 -11.86
C THR G 460 27.01 24.35 -13.17
N LEU G 461 26.89 25.63 -13.50
CA LEU G 461 26.31 26.06 -14.76
C LEU G 461 27.45 26.26 -15.76
N VAL G 462 27.36 25.59 -16.90
CA VAL G 462 28.38 25.67 -17.94
C VAL G 462 27.73 26.25 -19.19
N LEU G 463 28.26 27.39 -19.64
CA LEU G 463 27.77 28.07 -20.82
C LEU G 463 28.80 27.95 -21.92
N TYR G 464 28.35 27.52 -23.10
CA TYR G 464 29.17 27.54 -24.30
C TYR G 464 28.58 28.54 -25.27
N GLY G 465 29.45 29.21 -26.03
CA GLY G 465 28.98 30.15 -27.04
C GLY G 465 30.09 31.08 -27.46
N THR G 466 29.66 32.24 -27.98
CA THR G 466 30.56 33.25 -28.52
C THR G 466 30.12 34.61 -28.02
N ALA G 467 30.90 35.63 -28.36
CA ALA G 467 30.55 37.02 -28.04
C ALA G 467 30.49 37.86 -29.31
N ARG H 3 29.24 -7.00 -13.49
CA ARG H 3 30.25 -6.30 -14.28
C ARG H 3 31.56 -7.08 -14.29
N GLN H 4 32.14 -7.25 -15.48
CA GLN H 4 33.35 -8.03 -15.66
C GLN H 4 34.52 -7.08 -15.96
N PHE H 5 35.45 -7.01 -15.02
CA PHE H 5 36.71 -6.30 -15.23
C PHE H 5 37.67 -7.19 -16.01
N VAL H 6 38.43 -6.57 -16.90
CA VAL H 6 39.44 -7.27 -17.68
C VAL H 6 40.80 -6.80 -17.21
N ASN H 7 41.83 -7.63 -17.48
CA ASN H 7 43.20 -7.23 -17.14
C ASN H 7 43.76 -6.40 -18.29
N GLU H 8 43.17 -5.21 -18.44
CA GLU H 8 43.65 -4.20 -19.36
C GLU H 8 43.61 -2.88 -18.62
N TRP H 9 44.71 -2.13 -18.66
CA TRP H 9 44.76 -0.81 -18.06
C TRP H 9 45.12 0.21 -19.12
N ALA H 10 44.38 1.31 -19.12
CA ALA H 10 44.70 2.47 -19.95
C ALA H 10 45.32 3.54 -19.07
N ALA H 11 46.37 4.18 -19.58
CA ALA H 11 47.04 5.26 -18.86
C ALA H 11 47.42 6.36 -19.84
N GLU H 12 47.36 7.60 -19.37
CA GLU H 12 47.88 8.75 -20.09
C GLU H 12 49.31 9.01 -19.62
N ILE H 13 50.26 8.87 -20.54
CA ILE H 13 51.69 8.96 -20.23
C ILE H 13 52.30 10.01 -21.14
N PRO H 14 52.49 11.24 -20.66
CA PRO H 14 53.02 12.30 -21.53
C PRO H 14 54.43 12.06 -22.04
N GLY H 15 55.18 11.17 -21.40
CA GLY H 15 56.57 10.92 -21.79
C GLY H 15 56.74 10.16 -23.09
N GLY H 16 55.66 9.61 -23.64
CA GLY H 16 55.72 8.96 -24.93
C GLY H 16 55.93 7.46 -24.84
N PRO H 17 56.10 6.83 -26.00
CA PRO H 17 56.19 5.35 -26.04
C PRO H 17 57.32 4.78 -25.18
N GLU H 18 58.49 5.42 -25.18
CA GLU H 18 59.59 4.90 -24.38
C GLU H 18 59.24 4.93 -22.90
N ALA H 19 58.59 6.00 -22.43
CA ALA H 19 58.10 6.02 -21.05
C ALA H 19 57.06 4.93 -20.84
N ALA H 20 56.18 4.71 -21.82
CA ALA H 20 55.19 3.66 -21.69
C ALA H 20 55.86 2.30 -21.54
N SER H 21 56.90 2.03 -22.33
CA SER H 21 57.60 0.76 -22.25
C SER H 21 58.28 0.57 -20.91
N ALA H 22 58.93 1.62 -20.40
CA ALA H 22 59.59 1.53 -19.09
C ALA H 22 58.59 1.18 -18.00
N ILE H 23 57.46 1.89 -17.98
CA ILE H 23 56.41 1.60 -16.99
C ILE H 23 56.00 0.15 -17.07
N ALA H 24 55.81 -0.37 -18.29
CA ALA H 24 55.31 -1.73 -18.46
C ALA H 24 56.25 -2.75 -17.80
N GLU H 25 57.54 -2.65 -18.10
CA GLU H 25 58.48 -3.62 -17.53
C GLU H 25 58.68 -3.39 -16.03
N GLU H 26 58.62 -2.14 -15.59
CA GLU H 26 58.86 -1.85 -14.17
C GLU H 26 57.71 -2.31 -13.29
N LEU H 27 56.47 -2.21 -13.77
CA LEU H 27 55.30 -2.52 -12.98
C LEU H 27 54.71 -3.90 -13.27
N GLY H 28 55.18 -4.58 -14.31
CA GLY H 28 54.74 -5.92 -14.61
C GLY H 28 53.58 -5.98 -15.58
N TYR H 29 53.68 -5.23 -16.68
CA TYR H 29 52.70 -5.24 -17.75
C TYR H 29 53.34 -5.60 -19.08
N ASP H 30 52.52 -6.08 -20.00
CA ASP H 30 52.84 -6.03 -21.42
C ASP H 30 52.18 -4.79 -22.03
N LEU H 31 52.95 -4.03 -22.79
CA LEU H 31 52.44 -2.85 -23.46
C LEU H 31 51.77 -3.25 -24.77
N LEU H 32 50.45 -3.02 -24.87
CA LEU H 32 49.72 -3.34 -26.09
C LEU H 32 49.88 -2.24 -27.14
N GLY H 33 50.04 -0.99 -26.72
CA GLY H 33 50.33 0.10 -27.63
C GLY H 33 49.44 1.30 -27.39
N GLN H 34 49.64 2.31 -28.22
CA GLN H 34 48.81 3.51 -28.16
C GLN H 34 47.37 3.17 -28.51
N ILE H 35 46.44 3.89 -27.89
CA ILE H 35 45.01 3.62 -28.03
C ILE H 35 44.51 4.45 -29.21
N GLY H 36 44.43 3.82 -30.37
CA GLY H 36 43.92 4.51 -31.55
C GLY H 36 44.74 5.74 -31.84
N SER H 37 44.06 6.86 -32.08
CA SER H 37 44.70 8.13 -32.37
C SER H 37 44.84 9.01 -31.13
N LEU H 38 44.61 8.47 -29.93
CA LEU H 38 44.83 9.21 -28.69
C LEU H 38 46.31 9.11 -28.35
N GLU H 39 47.10 10.10 -28.77
CA GLU H 39 48.53 10.05 -28.49
C GLU H 39 48.77 10.20 -26.99
N ASN H 40 49.81 9.53 -26.52
CA ASN H 40 50.17 9.46 -25.10
C ASN H 40 49.11 8.73 -24.26
N HIS H 41 48.17 8.05 -24.88
CA HIS H 41 47.26 7.14 -24.19
C HIS H 41 47.60 5.72 -24.61
N TYR H 42 47.95 4.88 -23.64
CA TYR H 42 48.45 3.55 -23.90
C TYR H 42 47.64 2.51 -23.15
N LEU H 43 47.55 1.32 -23.74
CA LEU H 43 46.82 0.19 -23.17
C LEU H 43 47.83 -0.87 -22.73
N PHE H 44 47.62 -1.40 -21.53
CA PHE H 44 48.50 -2.39 -20.94
C PHE H 44 47.71 -3.64 -20.57
N LYS H 45 48.40 -4.77 -20.51
CA LYS H 45 47.83 -6.02 -20.00
C LYS H 45 48.74 -6.51 -18.88
N HIS H 46 48.16 -6.66 -17.68
CA HIS H 46 48.96 -7.10 -16.55
C HIS H 46 49.38 -8.55 -16.74
N LYS H 47 50.64 -8.84 -16.40
CA LYS H 47 51.20 -10.15 -16.69
C LYS H 47 50.65 -11.26 -15.81
N ASN H 48 50.14 -10.93 -14.62
CA ASN H 48 49.76 -11.94 -13.65
C ASN H 48 48.32 -11.84 -13.16
N HIS H 49 47.53 -10.94 -13.71
CA HIS H 49 46.15 -10.82 -13.27
C HIS H 49 45.23 -11.67 -14.15
N PRO H 50 44.11 -12.16 -13.61
CA PRO H 50 43.20 -12.95 -14.45
C PRO H 50 42.62 -12.12 -15.59
N ALA H 51 42.33 -12.81 -16.70
CA ALA H 51 41.81 -12.13 -17.89
C ALA H 51 40.49 -11.43 -17.60
N ARG H 52 39.65 -12.04 -16.77
CA ARG H 52 38.35 -11.47 -16.45
C ARG H 52 37.99 -11.80 -15.01
N SER H 53 37.34 -10.86 -14.34
CA SER H 53 37.00 -11.00 -12.93
C SER H 53 35.88 -10.03 -12.59
N ALA H 54 35.08 -10.40 -11.59
CA ALA H 54 34.01 -9.54 -11.11
C ALA H 54 34.51 -8.45 -10.17
N ALA H 55 35.75 -8.56 -9.69
CA ALA H 55 36.35 -7.55 -8.84
C ALA H 55 37.42 -6.79 -9.60
N SER H 56 37.49 -5.49 -9.36
CA SER H 56 38.57 -4.68 -9.88
C SER H 56 39.82 -4.90 -9.04
N ALA H 57 40.98 -4.62 -9.66
CA ALA H 57 42.26 -4.74 -8.97
C ALA H 57 42.66 -3.34 -8.50
N PHE H 58 42.07 -2.94 -7.36
CA PHE H 58 42.30 -1.60 -6.84
C PHE H 58 43.79 -1.29 -6.70
N HIS H 59 44.55 -2.23 -6.12
CA HIS H 59 45.95 -1.94 -5.80
C HIS H 59 46.82 -1.90 -7.04
N ILE H 60 46.49 -2.67 -8.08
CA ILE H 60 47.21 -2.56 -9.34
C ILE H 60 46.99 -1.18 -9.94
N THR H 61 45.74 -0.75 -10.01
CA THR H 61 45.43 0.57 -10.56
C THR H 61 46.14 1.67 -9.79
N LYS H 62 46.14 1.58 -8.45
CA LYS H 62 46.75 2.62 -7.63
C LYS H 62 48.23 2.75 -7.92
N ARG H 63 48.95 1.63 -8.03
CA ARG H 63 50.38 1.71 -8.30
C ARG H 63 50.65 2.37 -9.65
N LEU H 64 49.85 2.03 -10.66
CA LEU H 64 50.04 2.64 -11.98
C LEU H 64 49.70 4.13 -11.95
N SER H 65 48.60 4.49 -11.27
CA SER H 65 48.20 5.88 -11.20
C SER H 65 49.17 6.71 -10.37
N ASP H 66 49.76 6.13 -9.32
CA ASP H 66 50.67 6.87 -8.45
C ASP H 66 52.04 7.11 -9.08
N ASP H 67 52.39 6.34 -10.12
CA ASP H 67 53.69 6.52 -10.75
C ASP H 67 53.81 7.93 -11.31
N ASP H 68 54.95 8.57 -11.06
N ASP H 68 54.95 8.58 -11.03
CA ASP H 68 55.13 9.98 -11.43
CA ASP H 68 55.15 9.97 -11.44
C ASP H 68 55.03 10.20 -12.93
C ASP H 68 54.88 10.17 -12.93
N ARG H 69 55.16 9.15 -13.75
CA ARG H 69 55.06 9.29 -15.19
C ARG H 69 53.64 9.17 -15.73
N VAL H 70 52.66 8.85 -14.88
CA VAL H 70 51.30 8.55 -15.31
C VAL H 70 50.39 9.66 -14.80
N ILE H 71 49.69 10.33 -15.73
CA ILE H 71 48.72 11.34 -15.33
C ILE H 71 47.49 10.69 -14.70
N TRP H 72 46.97 9.65 -15.33
CA TRP H 72 45.85 8.89 -14.78
C TRP H 72 45.86 7.51 -15.40
N ALA H 73 45.17 6.58 -14.74
CA ALA H 73 45.06 5.21 -15.23
C ALA H 73 43.75 4.62 -14.76
N GLU H 74 43.18 3.73 -15.57
CA GLU H 74 41.92 3.09 -15.25
C GLU H 74 41.93 1.66 -15.80
N GLN H 75 41.41 0.73 -15.00
CA GLN H 75 41.22 -0.64 -15.46
C GLN H 75 40.00 -0.70 -16.38
N GLN H 76 40.15 -1.42 -17.49
CA GLN H 76 39.05 -1.58 -18.43
C GLN H 76 38.06 -2.62 -17.93
N TYR H 77 36.82 -2.49 -18.38
CA TYR H 77 35.79 -3.47 -18.10
C TYR H 77 34.78 -3.49 -19.23
N GLU H 78 34.13 -4.64 -19.40
CA GLU H 78 33.14 -4.80 -20.45
C GLU H 78 31.92 -3.95 -20.16
N LYS H 79 31.47 -3.18 -21.16
CA LYS H 79 30.31 -2.32 -21.03
C LYS H 79 29.12 -2.94 -21.74
N GLU H 80 27.93 -2.63 -21.25
CA GLU H 80 26.68 -3.03 -21.88
C GLU H 80 26.23 -1.94 -22.82
N ARG H 81 26.17 -2.25 -24.11
CA ARG H 81 25.79 -1.27 -25.14
C ARG H 81 24.79 -1.92 -26.08
N SER H 82 23.72 -1.19 -26.38
CA SER H 82 22.61 -1.69 -27.19
C SER H 82 22.53 -0.95 -28.50
N LYS H 83 22.21 -1.68 -29.57
CA LYS H 83 21.85 -1.05 -30.83
C LYS H 83 20.46 -0.43 -30.71
N ARG H 84 20.22 0.59 -31.51
CA ARG H 84 18.92 1.26 -31.51
C ARG H 84 18.10 0.83 -32.73
CA CA I . -15.00 7.12 -10.05
CA CA J . -4.48 -13.83 -0.75
CA CA K . 0.85 -13.63 -29.33
NA NA L . -11.46 -16.45 -29.40
NA NA M . -7.13 -45.96 -16.59
CA CA N . -2.91 -26.35 17.34
CA CA O . -20.50 -14.89 3.23
CA CA P . -20.66 -2.18 29.56
NA NA Q . -26.22 -13.11 32.21
CA CA R . -5.43 19.82 51.82
CA CA S . -10.28 33.72 31.51
CA CA T . 2.59 9.07 22.45
NA NA U . 12.50 15.04 27.34
C1 NAG V . 27.85 14.63 47.99
C2 NAG V . 29.30 14.17 47.95
C3 NAG V . 29.40 12.75 47.41
C4 NAG V . 28.49 11.82 48.20
C5 NAG V . 27.06 12.38 48.21
C6 NAG V . 26.12 11.58 49.07
C7 NAG V . 31.13 15.79 47.64
C8 NAG V . 31.82 16.70 46.68
N2 NAG V . 30.11 15.08 47.15
O3 NAG V . 30.76 12.30 47.52
O4 NAG V . 28.48 10.53 47.61
O5 NAG V . 27.07 13.71 48.76
O6 NAG V . 26.63 11.38 50.38
O7 NAG V . 31.48 15.70 48.82
H2 NAG V . 29.65 14.17 48.87
H3 NAG V . 29.14 12.75 46.48
H4 NAG V . 28.81 11.75 49.12
H5 NAG V . 26.73 12.41 47.30
H61 NAG V . 25.98 10.70 48.65
H62 NAG V . 25.26 12.04 49.12
H81 NAG V . 32.59 17.12 47.12
H82 NAG V . 31.20 17.40 46.38
H83 NAG V . 32.13 16.19 45.90
HN2 NAG V . 29.90 15.18 46.26
HO3 NAG V . 30.80 11.45 47.27
HO4 NAG V . 28.36 9.92 48.24
HO6 NAG V . 26.06 10.90 50.85
NA NA W . 13.08 38.12 4.34
CA CA X . 20.63 1.46 -55.41
CA CA Y . 37.39 -8.77 -39.62
CA CA Z . 18.12 5.91 -23.52
NA NA AA . 24.63 15.50 -28.48
NA NA BA . 50.75 9.76 -11.42
#